data_7LZI
#
_entry.id   7LZI
#
_cell.length_a   1.00
_cell.length_b   1.00
_cell.length_c   1.00
_cell.angle_alpha   90.00
_cell.angle_beta   90.00
_cell.angle_gamma   90.00
#
_symmetry.space_group_name_H-M   'P 1'
#
loop_
_entity.id
_entity.type
_entity.pdbx_description
1 polymer 'Glutamate receptor 3.4'
2 branched 2-acetamido-2-deoxy-beta-D-glucopyranose-(1-4)-2-acetamido-2-deoxy-beta-D-glucopyranose
3 non-polymer 'GLUTAMIC ACID'
#
_entity_poly.entity_id   1
_entity_poly.type   'polypeptide(L)'
_entity_poly.pdbx_seq_one_letter_code
;MGFLVMIREVSMAKAIRVVLLCVSVLWVVPKECACRSNFSRNSSSSSSSSLRPLRQRPSSVNVGALFTYDSFIGRAAKPA
VKAAMDDVNADQSVLKGIKLNIIFQDSNCSGFIGTMGALQLMENKVVAAIGPQSSGIAHMISYVANELHVPLLSFGATDP
TLSSLQFPYFLRTTQNDYFQMHAIADFLSYSGWRQVIAIFVDDECGRNGISVLGDVLAKKRSRISYKAAITPGADSSSIR
DLLVSVNLMESRVFVVHVNPDSGLNVFSVAKSLGMMASGYVWIATDWLPTAMDSMEHVDSDTMDLLQGVVAFRHYTIESS
VKRQFMARWKNLRPNDGFNSYAMYAYDSVWLVARALDVFFRENNNITFSNDPNLHKTNGSTIQLSALSVFNEGEKFMKII
LGMNHTGVTGPIQFDSDRNRVNPAYEVLNLEGTAPRTVGYWSNHSGLSVVHPETLYSRPPNTSTANQRLKGIIYPGEVTK
PPRGWVFPNNGKPLRIGVPNRVSYTDYVSKDKNPPGVRGYCIDVFEAAIELLPYPVPRTYILYGDGKRNPSYDNLVNEVV
ADNFDVAVGDITIVTNRTRYVDFTQPFIESGLVVVAPVKEAKSSPWSFLKPFTIEMWAVTGGFFLFVGAMVWILEHRFNQ
EFRGPPRRQLITIFWFSFSTMFFSHRENTVSSLGRFVLIIWLFVVLIINSSYTASLTSILTIRQLTSRIEGIDSLVTSNE
PIGVQDGTFARNYLINELNILPSRIVPLKDEEQYLSALQRGPNAGGVAAIVDELPYIEVLLTNSNCKFRTVGQEFTRTGW
GFAFQRDSPLAVDMSTAILQLSEEGELEKIHRKWLNYKHECSMQISNSEDSQLSLKSFWGLFLICGITCFMALTVFFWRV
FWQYQRLLPESADEERAGEVSEPSRSGRGSRAPSFKELIKVVDKREAEIKEILKQKSSKKLKSTQSAAGTSQSQHGEIT
;
_entity_poly.pdbx_strand_id   A,B,C,D
#
loop_
_chem_comp.id
_chem_comp.type
_chem_comp.name
_chem_comp.formula
NAG D-saccharide, beta linking 2-acetamido-2-deoxy-beta-D-glucopyranose 'C8 H15 N O6'
#
# COMPACT_ATOMS: atom_id res chain seq x y z
N ARG A 483 -2.43 -38.97 46.14
CA ARG A 483 -1.84 -38.83 44.82
C ARG A 483 -0.36 -39.21 44.86
N GLY A 484 0.02 -40.13 43.97
CA GLY A 484 1.29 -40.83 44.03
C GLY A 484 2.55 -40.01 43.99
N TRP A 485 2.51 -38.85 43.35
CA TRP A 485 3.69 -38.01 43.27
C TRP A 485 3.97 -37.36 44.61
N VAL A 486 5.25 -37.36 44.99
CA VAL A 486 5.74 -36.58 46.12
C VAL A 486 6.95 -35.80 45.62
N PHE A 487 6.84 -34.46 45.65
CA PHE A 487 7.99 -33.62 45.35
C PHE A 487 9.05 -33.80 46.44
N PRO A 488 10.29 -34.12 46.06
CA PRO A 488 11.27 -34.58 47.05
C PRO A 488 11.77 -33.49 47.96
N ASN A 489 12.40 -33.93 49.06
CA ASN A 489 12.80 -33.07 50.15
C ASN A 489 14.31 -32.81 50.16
N ASN A 490 14.91 -32.66 48.98
CA ASN A 490 16.35 -32.70 48.88
C ASN A 490 16.98 -31.33 48.65
N GLY A 491 18.30 -31.30 48.51
CA GLY A 491 19.06 -30.08 48.48
C GLY A 491 18.97 -29.27 47.20
N LYS A 492 18.44 -29.85 46.13
CA LYS A 492 18.25 -29.07 44.92
C LYS A 492 16.96 -28.27 45.04
N PRO A 493 17.00 -26.96 44.86
CA PRO A 493 15.77 -26.16 44.96
C PRO A 493 14.98 -26.19 43.67
N LEU A 494 13.89 -25.43 43.68
CA LEU A 494 13.08 -25.28 42.48
C LEU A 494 13.57 -24.07 41.71
N ARG A 495 14.20 -24.30 40.57
CA ARG A 495 14.79 -23.22 39.79
C ARG A 495 13.70 -22.51 39.00
N ILE A 496 13.07 -21.54 39.66
CA ILE A 496 12.13 -20.64 38.96
C ILE A 496 12.93 -19.69 38.09
N GLY A 497 12.69 -19.74 36.79
CA GLY A 497 13.25 -18.75 35.90
C GLY A 497 12.38 -17.51 35.91
N VAL A 498 12.98 -16.37 36.20
CA VAL A 498 12.28 -15.10 36.27
C VAL A 498 12.82 -14.21 35.16
N PRO A 499 11.98 -13.70 34.26
CA PRO A 499 12.46 -12.72 33.28
C PRO A 499 12.75 -11.39 33.96
N ASN A 500 13.76 -10.71 33.44
CA ASN A 500 14.22 -9.45 34.03
C ASN A 500 13.58 -8.34 33.20
N ARG A 501 12.40 -7.92 33.62
CA ARG A 501 11.59 -6.97 32.87
C ARG A 501 12.05 -5.55 33.14
N VAL A 502 12.32 -4.80 32.08
CA VAL A 502 12.58 -3.38 32.18
C VAL A 502 11.30 -2.56 32.18
N SER A 503 10.46 -2.74 31.16
CA SER A 503 9.15 -2.13 31.14
C SER A 503 8.15 -3.11 31.73
N TYR A 504 7.04 -2.57 32.24
CA TYR A 504 5.95 -3.31 32.89
C TYR A 504 6.48 -4.14 34.06
N THR A 505 6.97 -3.41 35.06
CA THR A 505 7.47 -4.01 36.29
C THR A 505 6.37 -4.38 37.27
N ASP A 506 5.10 -4.28 36.86
CA ASP A 506 3.98 -4.61 37.72
C ASP A 506 3.61 -6.08 37.62
N TYR A 507 3.98 -6.74 36.53
CA TYR A 507 3.70 -8.16 36.40
C TYR A 507 4.80 -9.00 37.04
N VAL A 508 6.05 -8.69 36.71
CA VAL A 508 7.22 -9.39 37.26
C VAL A 508 8.43 -8.47 37.12
N SER A 509 9.27 -8.45 38.15
CA SER A 509 10.34 -7.46 38.23
C SER A 509 11.38 -7.92 39.25
N LYS A 510 12.58 -7.38 39.09
CA LYS A 510 13.63 -7.50 40.10
C LYS A 510 13.23 -6.72 41.34
N ASP A 511 13.69 -7.19 42.51
CA ASP A 511 13.35 -6.52 43.76
C ASP A 511 14.51 -6.67 44.73
N LYS A 512 14.54 -5.77 45.72
CA LYS A 512 15.56 -5.76 46.75
C LYS A 512 15.17 -6.52 48.01
N ASN A 513 14.13 -7.35 47.94
CA ASN A 513 13.58 -7.97 49.13
C ASN A 513 14.16 -9.38 49.33
N PRO A 514 13.96 -9.99 50.49
CA PRO A 514 14.43 -11.38 50.69
C PRO A 514 13.74 -12.44 49.82
N PRO A 515 12.51 -12.25 49.31
CA PRO A 515 12.12 -13.12 48.19
C PRO A 515 12.85 -12.76 46.90
N GLY A 516 13.09 -11.49 46.65
CA GLY A 516 13.96 -11.05 45.57
C GLY A 516 13.24 -10.56 44.33
N VAL A 517 11.97 -10.93 44.15
CA VAL A 517 11.24 -10.59 42.94
C VAL A 517 9.94 -9.90 43.33
N ARG A 518 9.40 -9.13 42.40
CA ARG A 518 8.22 -8.33 42.68
C ARG A 518 7.36 -8.28 41.43
N GLY A 519 6.06 -8.27 41.63
CA GLY A 519 5.14 -8.07 40.54
C GLY A 519 3.82 -8.75 40.85
N TYR A 520 3.12 -9.12 39.78
CA TYR A 520 1.82 -9.75 39.86
C TYR A 520 1.89 -11.28 39.83
N CYS A 521 2.44 -11.83 38.74
CA CYS A 521 2.46 -13.28 38.53
C CYS A 521 3.35 -14.00 39.54
N ILE A 522 4.27 -13.26 40.18
CA ILE A 522 5.00 -13.79 41.32
C ILE A 522 4.04 -14.21 42.42
N ASP A 523 3.20 -13.29 42.89
CA ASP A 523 2.27 -13.57 43.96
C ASP A 523 1.17 -14.52 43.52
N VAL A 524 0.85 -14.55 42.23
CA VAL A 524 0.01 -15.60 41.68
C VAL A 524 0.66 -16.96 41.88
N PHE A 525 1.95 -17.05 41.54
CA PHE A 525 2.69 -18.27 41.80
C PHE A 525 2.87 -18.51 43.29
N GLU A 526 2.97 -17.44 44.08
CA GLU A 526 3.06 -17.59 45.53
C GLU A 526 1.77 -18.18 46.09
N ALA A 527 0.62 -17.68 45.65
CA ALA A 527 -0.66 -18.15 46.14
C ALA A 527 -0.99 -19.56 45.68
N ALA A 528 -0.33 -20.06 44.62
CA ALA A 528 -0.54 -21.43 44.19
C ALA A 528 0.15 -22.43 45.11
N ILE A 529 1.08 -21.95 45.94
CA ILE A 529 1.84 -22.87 46.79
C ILE A 529 0.97 -23.37 47.94
N GLU A 530 0.21 -22.48 48.58
CA GLU A 530 -0.58 -22.85 49.75
C GLU A 530 -1.78 -23.72 49.39
N LEU A 531 -2.18 -23.76 48.12
CA LEU A 531 -3.21 -24.69 47.70
C LEU A 531 -2.66 -26.11 47.60
N LEU A 532 -1.38 -26.25 47.38
CA LEU A 532 -0.76 -27.57 47.38
C LEU A 532 -0.31 -27.92 48.79
N PRO A 533 -0.44 -29.20 49.17
CA PRO A 533 0.05 -29.64 50.49
C PRO A 533 1.55 -29.79 50.60
N TYR A 534 2.31 -29.44 49.56
CA TYR A 534 3.76 -29.56 49.56
C TYR A 534 4.36 -28.32 50.18
N PRO A 535 5.13 -28.41 51.26
CA PRO A 535 6.03 -27.31 51.60
C PRO A 535 7.17 -27.27 50.59
N VAL A 536 7.21 -26.23 49.77
CA VAL A 536 8.09 -26.19 48.60
C VAL A 536 9.22 -25.21 48.89
N PRO A 537 10.46 -25.67 49.01
CA PRO A 537 11.60 -24.76 48.89
C PRO A 537 11.87 -24.46 47.43
N ARG A 538 12.47 -23.30 47.19
CA ARG A 538 12.61 -22.81 45.84
C ARG A 538 13.65 -21.71 45.79
N THR A 539 13.94 -21.24 44.59
CA THR A 539 14.81 -20.09 44.36
C THR A 539 14.23 -19.24 43.25
N TYR A 540 14.84 -18.07 43.05
CA TYR A 540 14.41 -17.14 42.01
C TYR A 540 15.64 -16.67 41.26
N ILE A 541 15.68 -16.95 39.95
CA ILE A 541 16.81 -16.58 39.12
C ILE A 541 16.33 -15.58 38.09
N LEU A 542 16.91 -14.38 38.11
CA LEU A 542 16.64 -13.43 37.05
C LEU A 542 17.33 -13.87 35.78
N TYR A 543 16.67 -13.63 34.65
CA TYR A 543 17.15 -14.18 33.39
C TYR A 543 17.82 -13.15 32.49
N GLY A 544 17.14 -12.07 32.15
CA GLY A 544 17.67 -11.07 31.26
C GLY A 544 18.58 -10.09 31.97
N ASP A 545 19.05 -9.12 31.20
CA ASP A 545 19.84 -8.04 31.77
C ASP A 545 18.94 -6.97 32.35
N GLY A 546 19.56 -5.91 32.85
CA GLY A 546 18.85 -4.74 33.30
C GLY A 546 18.70 -3.67 32.25
N LYS A 547 18.89 -4.00 30.98
CA LYS A 547 18.85 -3.01 29.91
C LYS A 547 17.62 -3.14 29.01
N ARG A 548 17.21 -4.34 28.64
CA ARG A 548 16.08 -4.56 27.75
C ARG A 548 15.34 -5.80 28.19
N ASN A 549 14.20 -6.04 27.56
CA ASN A 549 13.39 -7.19 27.93
C ASN A 549 14.01 -8.47 27.38
N PRO A 550 14.01 -9.55 28.16
CA PRO A 550 14.64 -10.79 27.69
C PRO A 550 13.78 -11.52 26.68
N SER A 551 14.46 -12.15 25.72
CA SER A 551 13.79 -12.96 24.71
C SER A 551 13.22 -14.20 25.35
N TYR A 552 11.89 -14.31 25.38
CA TYR A 552 11.27 -15.44 26.06
C TYR A 552 11.47 -16.75 25.33
N ASP A 553 11.69 -16.72 24.02
CA ASP A 553 12.00 -17.95 23.29
C ASP A 553 13.36 -18.49 23.69
N ASN A 554 14.30 -17.61 24.02
CA ASN A 554 15.50 -18.02 24.71
C ASN A 554 15.22 -18.47 26.13
N LEU A 555 14.24 -17.87 26.81
CA LEU A 555 13.90 -18.27 28.16
C LEU A 555 13.21 -19.63 28.18
N VAL A 556 12.32 -19.87 27.21
CA VAL A 556 11.70 -21.18 27.05
C VAL A 556 12.73 -22.25 26.72
N ASN A 557 13.72 -21.91 25.88
CA ASN A 557 14.81 -22.83 25.57
C ASN A 557 15.62 -23.18 26.81
N GLU A 558 15.77 -22.23 27.74
CA GLU A 558 16.46 -22.51 28.99
C GLU A 558 15.65 -23.39 29.94
N VAL A 559 14.35 -23.54 29.69
CA VAL A 559 13.55 -24.54 30.36
C VAL A 559 13.65 -25.88 29.64
N VAL A 560 13.80 -25.84 28.32
CA VAL A 560 14.06 -27.05 27.54
C VAL A 560 15.42 -27.63 27.92
N ALA A 561 16.42 -26.77 28.06
CA ALA A 561 17.78 -27.18 28.36
C ALA A 561 18.00 -27.58 29.81
N ASP A 562 16.94 -27.55 30.64
CA ASP A 562 16.93 -28.04 32.02
C ASP A 562 17.89 -27.24 32.93
N ASN A 563 18.26 -26.04 32.52
CA ASN A 563 18.92 -25.12 33.43
C ASN A 563 17.94 -24.63 34.49
N PHE A 564 16.66 -24.55 34.12
CA PHE A 564 15.61 -24.14 35.04
C PHE A 564 14.61 -25.28 35.19
N ASP A 565 13.85 -25.23 36.27
CA ASP A 565 12.78 -26.19 36.47
C ASP A 565 11.45 -25.67 35.96
N VAL A 566 11.26 -24.35 36.00
CA VAL A 566 9.96 -23.73 35.76
C VAL A 566 10.18 -22.26 35.41
N ALA A 567 9.47 -21.78 34.39
CA ALA A 567 9.48 -20.36 34.06
C ALA A 567 8.17 -19.75 34.53
N VAL A 568 8.26 -18.74 35.38
CA VAL A 568 7.10 -18.04 35.90
C VAL A 568 7.16 -16.60 35.42
N GLY A 569 6.12 -16.16 34.73
CA GLY A 569 6.07 -14.80 34.25
C GLY A 569 4.96 -14.53 33.26
N ASP A 570 5.27 -13.76 32.21
CA ASP A 570 4.28 -13.35 31.22
C ASP A 570 4.37 -14.24 29.98
N ILE A 571 4.62 -15.53 30.19
CA ILE A 571 4.86 -16.42 29.08
C ILE A 571 3.54 -16.73 28.38
N THR A 572 3.45 -16.37 27.10
CA THR A 572 2.25 -16.51 26.31
C THR A 572 2.25 -17.88 25.67
N ILE A 573 1.11 -18.56 25.68
CA ILE A 573 1.02 -19.90 25.12
C ILE A 573 0.98 -19.78 23.59
N VAL A 574 2.10 -20.12 22.94
CA VAL A 574 2.24 -20.06 21.50
C VAL A 574 2.47 -21.49 21.03
N THR A 575 2.17 -21.75 19.76
CA THR A 575 2.02 -23.12 19.27
C THR A 575 3.34 -23.89 19.24
N ASN A 576 4.49 -23.21 19.11
CA ASN A 576 5.71 -23.97 19.35
C ASN A 576 5.88 -24.23 20.82
N ARG A 577 5.56 -23.24 21.66
CA ARG A 577 5.83 -23.32 23.08
C ARG A 577 5.01 -24.41 23.74
N THR A 578 3.81 -24.67 23.21
CA THR A 578 3.03 -25.80 23.66
C THR A 578 3.72 -27.12 23.31
N ARG A 579 4.43 -27.16 22.18
CA ARG A 579 5.04 -28.40 21.72
C ARG A 579 6.27 -28.77 22.53
N TYR A 580 7.10 -27.79 22.87
CA TYR A 580 8.40 -28.12 23.45
C TYR A 580 8.40 -28.18 24.97
N VAL A 581 7.53 -27.44 25.65
CA VAL A 581 7.38 -27.55 27.10
C VAL A 581 5.91 -27.78 27.42
N ASP A 582 5.61 -27.87 28.71
CA ASP A 582 4.25 -28.05 29.17
C ASP A 582 3.81 -26.81 29.95
N PHE A 583 2.57 -26.39 29.70
CA PHE A 583 1.99 -25.24 30.38
C PHE A 583 0.94 -25.68 31.38
N THR A 584 0.47 -24.70 32.14
CA THR A 584 -0.69 -24.89 32.99
C THR A 584 -1.94 -24.52 32.22
N GLN A 585 -3.07 -24.47 32.90
CA GLN A 585 -4.19 -23.75 32.36
C GLN A 585 -3.92 -22.26 32.45
N PRO A 586 -4.47 -21.46 31.54
CA PRO A 586 -4.26 -20.02 31.62
C PRO A 586 -4.93 -19.37 32.82
N PHE A 587 -4.11 -18.90 33.76
CA PHE A 587 -4.59 -18.12 34.89
C PHE A 587 -5.17 -16.78 34.47
N ILE A 588 -4.72 -16.24 33.34
CA ILE A 588 -5.26 -15.01 32.80
C ILE A 588 -5.36 -15.19 31.29
N GLU A 589 -6.20 -14.39 30.66
CA GLU A 589 -6.32 -14.38 29.21
C GLU A 589 -5.67 -13.13 28.66
N SER A 590 -5.30 -13.18 27.38
CA SER A 590 -4.67 -12.05 26.73
C SER A 590 -4.87 -12.17 25.23
N GLY A 591 -4.74 -11.04 24.54
CA GLY A 591 -4.86 -11.03 23.10
C GLY A 591 -4.03 -9.91 22.52
N LEU A 592 -3.48 -10.18 21.33
CA LEU A 592 -2.74 -9.15 20.61
C LEU A 592 -3.67 -8.07 20.11
N VAL A 593 -3.37 -6.83 20.45
CA VAL A 593 -4.20 -5.71 20.03
C VAL A 593 -3.37 -4.78 19.16
N VAL A 594 -4.00 -3.75 18.62
CA VAL A 594 -3.34 -2.69 17.87
C VAL A 594 -3.65 -1.40 18.60
N VAL A 595 -2.64 -0.81 19.24
CA VAL A 595 -2.80 0.48 19.88
C VAL A 595 -2.28 1.55 18.92
N ALA A 596 -2.97 2.69 18.86
CA ALA A 596 -2.81 3.61 17.76
C ALA A 596 -3.31 4.98 18.22
N PRO A 597 -2.83 6.07 17.62
CA PRO A 597 -3.36 7.38 17.96
C PRO A 597 -4.80 7.56 17.50
N VAL A 598 -5.57 8.28 18.31
CA VAL A 598 -6.99 8.51 18.06
C VAL A 598 -7.15 9.60 17.02
N LYS A 599 -8.37 9.75 16.51
CA LYS A 599 -8.68 10.78 15.53
C LYS A 599 -8.95 12.09 16.25
N GLU A 600 -8.21 13.14 15.89
CA GLU A 600 -8.47 14.48 16.39
C GLU A 600 -9.02 15.30 15.23
N ALA A 601 -10.34 15.49 15.22
CA ALA A 601 -11.03 16.22 14.16
C ALA A 601 -11.44 17.57 14.71
N LYS A 602 -11.17 18.62 13.93
CA LYS A 602 -11.34 19.98 14.41
C LYS A 602 -12.74 20.49 14.12
N SER A 603 -13.17 21.44 14.95
CA SER A 603 -14.50 22.04 14.81
C SER A 603 -14.41 23.49 15.28
N SER A 604 -14.58 24.43 14.37
CA SER A 604 -14.39 25.84 14.65
C SER A 604 -15.02 26.65 13.54
N PRO A 605 -15.27 27.95 13.76
CA PRO A 605 -15.53 28.85 12.62
C PRO A 605 -14.33 29.00 11.70
N TRP A 606 -13.12 28.76 12.21
CA TRP A 606 -11.94 28.65 11.34
C TRP A 606 -12.08 27.49 10.38
N SER A 607 -12.65 26.38 10.85
CA SER A 607 -12.88 25.22 9.99
C SER A 607 -13.90 25.52 8.91
N PHE A 608 -14.83 26.43 9.18
CA PHE A 608 -15.74 26.90 8.15
C PHE A 608 -15.01 27.69 7.07
N LEU A 609 -14.27 28.72 7.48
CA LEU A 609 -13.55 29.57 6.53
C LEU A 609 -12.21 28.98 6.10
N LYS A 610 -11.97 27.72 6.41
CA LYS A 610 -10.72 27.05 6.03
C LYS A 610 -10.34 27.04 4.54
N PRO A 611 -11.20 26.67 3.57
CA PRO A 611 -10.67 26.23 2.26
C PRO A 611 -10.03 27.32 1.41
N PHE A 612 -10.19 28.59 1.73
CA PHE A 612 -9.40 29.62 1.08
C PHE A 612 -8.39 30.19 2.08
N THR A 613 -7.36 30.83 1.53
CA THR A 613 -6.36 31.49 2.35
C THR A 613 -6.99 32.74 2.98
N ILE A 614 -6.40 33.18 4.10
CA ILE A 614 -6.85 34.40 4.77
C ILE A 614 -6.68 35.61 3.86
N GLU A 615 -5.66 35.60 2.99
CA GLU A 615 -5.56 36.62 1.96
C GLU A 615 -6.61 36.46 0.88
N MET A 616 -7.19 35.27 0.73
CA MET A 616 -8.17 35.07 -0.33
C MET A 616 -9.57 35.51 0.09
N TRP A 617 -9.93 35.31 1.36
CA TRP A 617 -11.26 35.69 1.84
C TRP A 617 -11.45 37.21 1.85
N ALA A 618 -10.37 37.98 1.90
CA ALA A 618 -10.49 39.43 1.83
C ALA A 618 -10.52 39.95 0.40
N VAL A 619 -9.76 39.32 -0.50
CA VAL A 619 -9.72 39.77 -1.89
C VAL A 619 -11.02 39.42 -2.61
N THR A 620 -11.58 38.23 -2.31
CA THR A 620 -12.82 37.82 -2.96
C THR A 620 -13.99 38.69 -2.53
N GLY A 621 -14.11 38.96 -1.22
CA GLY A 621 -15.05 39.97 -0.78
C GLY A 621 -14.65 41.38 -1.20
N GLY A 622 -13.36 41.60 -1.43
CA GLY A 622 -12.91 42.91 -1.89
C GLY A 622 -13.31 43.19 -3.33
N PHE A 623 -13.31 42.16 -4.18
CA PHE A 623 -13.73 42.30 -5.56
C PHE A 623 -15.19 41.95 -5.77
N PHE A 624 -16.00 42.02 -4.71
CA PHE A 624 -17.44 42.23 -4.85
C PHE A 624 -17.79 43.70 -4.81
N LEU A 625 -17.30 44.45 -3.82
CA LEU A 625 -17.54 45.88 -3.73
C LEU A 625 -16.77 46.63 -4.81
N PHE A 626 -15.66 46.08 -5.28
CA PHE A 626 -14.93 46.68 -6.40
C PHE A 626 -15.75 46.63 -7.68
N VAL A 627 -16.53 45.56 -7.86
CA VAL A 627 -17.50 45.52 -8.95
C VAL A 627 -18.70 46.38 -8.61
N GLY A 628 -19.14 46.35 -7.35
CA GLY A 628 -20.31 47.12 -6.94
C GLY A 628 -20.09 48.61 -6.95
N ALA A 629 -18.85 49.06 -6.73
CA ALA A 629 -18.54 50.48 -6.89
C ALA A 629 -18.65 50.92 -8.33
N MET A 630 -18.51 50.01 -9.29
CA MET A 630 -18.71 50.39 -10.69
C MET A 630 -20.20 50.43 -11.02
N VAL A 631 -21.03 49.76 -10.22
CA VAL A 631 -22.46 49.82 -10.43
C VAL A 631 -23.01 51.18 -9.99
N TRP A 632 -22.34 51.83 -9.03
CA TRP A 632 -22.67 53.20 -8.66
C TRP A 632 -22.47 54.16 -9.84
N ILE A 633 -21.39 53.94 -10.59
CA ILE A 633 -21.10 54.79 -11.74
C ILE A 633 -22.09 54.51 -12.86
N LEU A 634 -22.62 53.28 -12.91
CA LEU A 634 -23.73 52.99 -13.82
C LEU A 634 -25.01 53.70 -13.38
N GLU A 635 -25.15 53.96 -12.08
CA GLU A 635 -26.32 54.65 -11.57
C GLU A 635 -26.10 56.16 -11.54
N GLN A 649 -24.52 55.56 4.84
CA GLN A 649 -24.93 54.16 4.82
C GLN A 649 -26.33 54.01 4.24
N LEU A 650 -27.21 54.97 4.55
CA LEU A 650 -28.56 54.96 4.00
C LEU A 650 -28.57 55.24 2.50
N ILE A 651 -27.57 55.95 1.99
CA ILE A 651 -27.43 56.10 0.55
C ILE A 651 -26.83 54.83 -0.05
N THR A 652 -25.95 54.16 0.70
CA THR A 652 -25.24 52.99 0.18
C THR A 652 -26.15 51.77 0.03
N ILE A 653 -27.30 51.76 0.72
CA ILE A 653 -28.17 50.59 0.68
C ILE A 653 -28.96 50.49 -0.61
N PHE A 654 -28.97 51.55 -1.44
CA PHE A 654 -29.77 51.55 -2.65
C PHE A 654 -29.21 50.60 -3.71
N TRP A 655 -27.89 50.39 -3.73
CA TRP A 655 -27.29 49.54 -4.76
C TRP A 655 -27.57 48.07 -4.50
N PHE A 656 -27.84 47.71 -3.24
CA PHE A 656 -28.24 46.34 -2.92
C PHE A 656 -29.59 45.98 -3.53
N SER A 657 -30.45 46.97 -3.74
CA SER A 657 -31.71 46.72 -4.43
C SER A 657 -31.49 46.48 -5.92
N PHE A 658 -30.50 47.14 -6.51
CA PHE A 658 -30.25 47.02 -7.95
C PHE A 658 -29.34 45.85 -8.29
N SER A 659 -28.67 45.26 -7.31
CA SER A 659 -27.79 44.12 -7.53
C SER A 659 -28.51 42.80 -7.27
N THR A 660 -29.83 42.77 -7.40
CA THR A 660 -30.59 41.58 -7.10
C THR A 660 -30.51 40.57 -8.25
N MET A 661 -31.01 40.95 -9.42
CA MET A 661 -31.06 40.05 -10.57
C MET A 661 -30.74 40.80 -11.86
N SER A 672 -27.54 47.39 -21.01
CA SER A 672 -26.56 48.47 -21.15
C SER A 672 -25.15 47.95 -20.86
N LEU A 673 -24.27 48.87 -20.50
CA LEU A 673 -22.88 48.54 -20.23
C LEU A 673 -22.68 47.95 -18.84
N GLY A 674 -23.45 48.40 -17.85
CA GLY A 674 -23.36 47.81 -16.53
C GLY A 674 -23.93 46.41 -16.45
N ARG A 675 -24.84 46.06 -17.37
CA ARG A 675 -25.27 44.69 -17.49
C ARG A 675 -24.14 43.81 -18.01
N PHE A 676 -23.27 44.35 -18.86
CA PHE A 676 -22.10 43.61 -19.28
C PHE A 676 -21.11 43.44 -18.13
N VAL A 677 -21.07 44.40 -17.21
CA VAL A 677 -20.30 44.23 -15.99
C VAL A 677 -20.89 43.13 -15.13
N LEU A 678 -22.21 43.03 -15.09
CA LEU A 678 -22.88 41.98 -14.34
C LEU A 678 -22.62 40.59 -14.90
N ILE A 679 -22.49 40.46 -16.23
CA ILE A 679 -22.28 39.15 -16.85
C ILE A 679 -20.93 38.58 -16.46
N ILE A 680 -19.90 39.41 -16.47
CA ILE A 680 -18.57 38.94 -16.09
C ILE A 680 -18.51 38.69 -14.59
N TRP A 681 -19.18 39.55 -13.81
CA TRP A 681 -19.30 39.32 -12.38
C TRP A 681 -20.11 38.06 -12.07
N LEU A 682 -21.01 37.65 -12.95
CA LEU A 682 -21.68 36.37 -12.80
C LEU A 682 -20.69 35.22 -12.93
N PHE A 683 -19.81 35.29 -13.95
CA PHE A 683 -18.78 34.29 -14.13
C PHE A 683 -17.75 34.27 -13.01
N VAL A 684 -17.63 35.36 -12.25
CA VAL A 684 -16.82 35.35 -11.04
C VAL A 684 -17.40 34.37 -10.03
N VAL A 685 -18.68 34.55 -9.69
CA VAL A 685 -19.32 33.80 -8.61
C VAL A 685 -19.44 32.32 -8.96
N LEU A 686 -19.68 32.00 -10.23
CA LEU A 686 -19.80 30.63 -10.69
C LEU A 686 -18.53 29.82 -10.47
N ILE A 687 -17.36 30.40 -10.66
CA ILE A 687 -16.12 29.71 -10.41
C ILE A 687 -15.82 29.62 -8.92
N ILE A 688 -16.00 30.73 -8.19
CA ILE A 688 -15.83 30.74 -6.74
C ILE A 688 -16.84 29.83 -6.05
N ASN A 689 -18.00 29.59 -6.68
CA ASN A 689 -18.86 28.50 -6.27
C ASN A 689 -18.11 27.17 -6.37
N SER A 690 -17.56 26.87 -7.55
CA SER A 690 -16.85 25.62 -7.74
C SER A 690 -15.48 25.61 -7.07
N SER A 691 -14.87 26.78 -6.89
CA SER A 691 -13.58 26.84 -6.20
C SER A 691 -13.72 26.57 -4.71
N TYR A 692 -14.74 27.11 -4.07
CA TYR A 692 -15.01 26.73 -2.70
C TYR A 692 -15.46 25.28 -2.61
N THR A 693 -16.17 24.80 -3.64
CA THR A 693 -16.67 23.43 -3.64
C THR A 693 -15.53 22.44 -3.69
N ALA A 694 -14.54 22.68 -4.56
CA ALA A 694 -13.39 21.80 -4.66
C ALA A 694 -12.50 21.86 -3.42
N SER A 695 -12.17 23.06 -2.98
CA SER A 695 -11.25 23.22 -1.86
C SER A 695 -11.83 22.78 -0.54
N LEU A 696 -13.16 22.71 -0.42
CA LEU A 696 -13.74 22.09 0.77
C LEU A 696 -13.86 20.58 0.59
N THR A 697 -14.06 20.12 -0.64
CA THR A 697 -14.07 18.68 -0.91
C THR A 697 -12.69 18.08 -0.67
N SER A 698 -11.66 18.72 -1.20
CA SER A 698 -10.29 18.25 -1.09
C SER A 698 -9.78 18.20 0.34
N ILE A 699 -10.32 19.02 1.23
CA ILE A 699 -10.01 18.89 2.65
C ILE A 699 -10.82 17.78 3.29
N LEU A 700 -12.10 17.67 2.93
CA LEU A 700 -12.94 16.60 3.47
C LEU A 700 -12.64 15.24 2.84
N THR A 701 -11.79 15.19 1.81
CA THR A 701 -11.42 13.90 1.23
C THR A 701 -10.12 13.38 1.84
N ILE A 702 -9.10 14.25 1.91
CA ILE A 702 -7.80 13.87 2.44
C ILE A 702 -7.88 13.58 3.94
N ARG A 703 -8.79 14.26 4.65
CA ARG A 703 -9.08 13.92 6.04
C ARG A 703 -9.60 12.50 6.17
N GLN A 704 -10.38 12.03 5.19
CA GLN A 704 -10.85 10.66 5.22
C GLN A 704 -9.80 9.69 4.73
N LEU A 705 -9.05 10.08 3.69
CA LEU A 705 -8.09 9.18 3.05
C LEU A 705 -6.68 9.33 3.59
N THR A 706 -6.53 9.72 4.86
CA THR A 706 -5.22 9.77 5.46
C THR A 706 -4.75 8.36 5.84
N SER A 707 -3.57 8.30 6.46
CA SER A 707 -3.01 7.04 6.93
C SER A 707 -3.82 6.57 8.13
N ARG A 708 -4.75 5.66 7.89
CA ARG A 708 -5.67 5.16 8.91
C ARG A 708 -5.57 3.65 9.01
N ILE A 709 -5.94 3.14 10.18
CA ILE A 709 -5.96 1.70 10.45
C ILE A 709 -7.19 1.37 11.29
N GLU A 710 -7.95 0.37 10.86
CA GLU A 710 -9.15 -0.06 11.57
C GLU A 710 -9.08 -1.55 11.85
N GLY A 711 -7.89 -2.08 12.03
CA GLY A 711 -7.72 -3.51 12.28
C GLY A 711 -6.33 -3.92 11.87
N ILE A 712 -6.06 -5.21 12.07
CA ILE A 712 -4.75 -5.75 11.70
C ILE A 712 -4.60 -5.80 10.18
N ASP A 713 -5.70 -6.01 9.45
CA ASP A 713 -5.64 -6.10 8.00
C ASP A 713 -5.30 -4.76 7.35
N SER A 714 -5.78 -3.66 7.94
CA SER A 714 -5.34 -2.34 7.51
C SER A 714 -3.88 -2.12 7.83
N LEU A 715 -3.40 -2.68 8.94
CA LEU A 715 -2.03 -2.48 9.37
C LEU A 715 -1.05 -3.37 8.62
N VAL A 716 -1.51 -4.47 8.04
CA VAL A 716 -0.63 -5.29 7.21
C VAL A 716 -0.40 -4.64 5.86
N THR A 717 -1.48 -4.30 5.17
CA THR A 717 -1.41 -3.84 3.79
C THR A 717 -0.95 -2.40 3.63
N SER A 718 -0.73 -1.67 4.72
CA SER A 718 -0.36 -0.27 4.64
C SER A 718 1.14 -0.05 4.47
N ASN A 719 1.93 -1.12 4.42
CA ASN A 719 3.39 -1.22 4.35
C ASN A 719 4.15 -0.17 5.15
N GLU A 720 3.69 0.09 6.37
CA GLU A 720 4.21 1.07 7.31
C GLU A 720 5.08 0.39 8.36
N PRO A 721 5.98 1.13 9.02
CA PRO A 721 6.67 0.56 10.17
C PRO A 721 5.74 0.32 11.34
N ILE A 722 5.87 -0.86 11.96
CA ILE A 722 5.07 -1.27 13.10
C ILE A 722 6.01 -1.49 14.28
N GLY A 723 5.65 -0.94 15.44
CA GLY A 723 6.47 -1.12 16.62
C GLY A 723 6.04 -2.34 17.41
N VAL A 724 7.03 -3.03 17.98
CA VAL A 724 6.81 -4.12 18.92
C VAL A 724 7.74 -3.90 20.10
N GLN A 725 7.57 -4.73 21.13
CA GLN A 725 8.54 -4.72 22.20
C GLN A 725 9.66 -5.70 21.90
N ASP A 726 10.66 -5.71 22.77
CA ASP A 726 11.88 -6.49 22.55
C ASP A 726 11.73 -7.87 23.17
N GLY A 727 12.12 -8.88 22.41
CA GLY A 727 12.11 -10.25 22.86
C GLY A 727 10.73 -10.84 23.06
N THR A 728 9.89 -10.73 22.04
CA THR A 728 8.53 -11.25 22.12
C THR A 728 8.29 -12.19 20.95
N PHE A 729 7.20 -12.95 21.04
CA PHE A 729 6.78 -13.80 19.94
C PHE A 729 6.23 -12.99 18.77
N ALA A 730 5.72 -11.79 19.04
CA ALA A 730 4.96 -11.03 18.04
C ALA A 730 5.84 -10.57 16.88
N ARG A 731 7.14 -10.44 17.12
CA ARG A 731 8.05 -10.19 16.01
C ARG A 731 8.10 -11.39 15.07
N ASN A 732 8.28 -12.59 15.63
CA ASN A 732 8.34 -13.81 14.83
C ASN A 732 6.95 -14.34 14.53
N TYR A 733 5.91 -13.73 15.08
CA TYR A 733 4.54 -14.06 14.70
C TYR A 733 4.05 -13.28 13.50
N LEU A 734 4.37 -12.00 13.42
CA LEU A 734 3.91 -11.18 12.30
C LEU A 734 4.71 -11.49 11.04
N ILE A 735 5.95 -11.96 11.19
CA ILE A 735 6.69 -12.43 10.04
C ILE A 735 6.09 -13.73 9.52
N ASN A 736 5.99 -14.73 10.39
CA ASN A 736 5.70 -16.09 9.93
C ASN A 736 4.22 -16.29 9.62
N GLU A 737 3.36 -15.40 10.06
CA GLU A 737 1.93 -15.57 9.80
C GLU A 737 1.33 -14.45 8.96
N LEU A 738 1.60 -13.20 9.31
CA LEU A 738 0.90 -12.08 8.71
C LEU A 738 1.53 -11.61 7.41
N ASN A 739 2.67 -12.20 7.03
CA ASN A 739 3.43 -11.86 5.81
C ASN A 739 3.82 -10.38 5.81
N ILE A 740 4.63 -10.04 6.81
CA ILE A 740 5.13 -8.68 7.00
C ILE A 740 6.64 -8.70 6.85
N LEU A 741 7.17 -7.72 6.12
CA LEU A 741 8.60 -7.59 5.95
C LEU A 741 9.27 -7.27 7.29
N PRO A 742 10.45 -7.82 7.55
CA PRO A 742 11.14 -7.56 8.83
C PRO A 742 11.61 -6.13 8.99
N SER A 743 11.75 -5.37 7.90
CA SER A 743 12.18 -3.98 8.02
C SER A 743 11.07 -3.07 8.50
N ARG A 744 9.81 -3.51 8.44
CA ARG A 744 8.73 -2.74 9.05
C ARG A 744 8.76 -2.87 10.57
N ILE A 745 9.04 -4.08 11.05
CA ILE A 745 8.87 -4.41 12.46
C ILE A 745 10.06 -3.84 13.24
N VAL A 746 9.77 -2.94 14.16
CA VAL A 746 10.78 -2.23 14.94
C VAL A 746 10.62 -2.60 16.40
N PRO A 747 11.58 -3.27 17.02
CA PRO A 747 11.51 -3.49 18.46
C PRO A 747 11.86 -2.23 19.22
N LEU A 748 11.35 -2.16 20.45
CA LEU A 748 11.45 -0.95 21.27
C LEU A 748 11.64 -1.40 22.71
N LYS A 749 12.45 -0.67 23.49
CA LYS A 749 12.89 -1.21 24.77
C LYS A 749 11.91 -0.94 25.92
N ASP A 750 11.50 0.30 26.14
CA ASP A 750 10.80 0.65 27.37
C ASP A 750 9.64 1.61 27.10
N GLU A 751 8.76 1.72 28.11
CA GLU A 751 7.50 2.44 28.01
C GLU A 751 7.66 3.94 27.80
N GLU A 752 8.80 4.52 28.21
CA GLU A 752 9.05 5.91 27.86
C GLU A 752 9.41 6.06 26.39
N GLN A 753 9.97 5.01 25.77
CA GLN A 753 10.20 5.05 24.33
C GLN A 753 8.94 4.70 23.54
N TYR A 754 8.05 3.89 24.12
CA TYR A 754 6.84 3.45 23.43
C TYR A 754 5.90 4.59 23.11
N LEU A 755 5.91 5.65 23.92
CA LEU A 755 5.11 6.83 23.66
C LEU A 755 5.71 7.73 22.59
N SER A 756 6.99 8.06 22.71
CA SER A 756 7.62 9.00 21.78
C SER A 756 7.83 8.41 20.40
N ALA A 757 7.68 7.10 20.22
CA ALA A 757 7.61 6.52 18.89
C ALA A 757 6.24 6.70 18.26
N LEU A 758 5.22 6.96 19.08
CA LEU A 758 3.89 7.29 18.59
C LEU A 758 3.57 8.78 18.72
N GLN A 759 4.30 9.51 19.56
CA GLN A 759 4.20 10.96 19.55
C GLN A 759 4.74 11.53 18.25
N ARG A 760 5.79 10.91 17.70
CA ARG A 760 6.30 11.29 16.40
C ARG A 760 5.46 10.72 15.25
N GLY A 761 4.62 9.74 15.54
CA GLY A 761 3.83 9.09 14.51
C GLY A 761 4.70 8.21 13.64
N PRO A 762 4.23 7.92 12.41
CA PRO A 762 5.03 7.10 11.50
C PRO A 762 6.29 7.79 11.00
N ASN A 763 6.35 9.11 11.06
CA ASN A 763 7.53 9.84 10.62
C ASN A 763 8.37 10.26 11.81
N ALA A 764 9.41 11.06 11.52
CA ALA A 764 10.52 11.37 12.43
C ALA A 764 11.18 10.11 12.96
N GLY A 765 11.29 9.09 12.11
CA GLY A 765 11.85 7.81 12.49
C GLY A 765 10.90 6.87 13.20
N GLY A 766 9.70 7.33 13.57
CA GLY A 766 8.79 6.53 14.37
C GLY A 766 8.11 5.44 13.58
N VAL A 767 7.17 4.78 14.25
CA VAL A 767 6.37 3.70 13.65
C VAL A 767 4.92 4.14 13.59
N ALA A 768 4.14 3.42 12.80
CA ALA A 768 2.72 3.74 12.66
C ALA A 768 1.93 3.36 13.90
N ALA A 769 2.10 2.14 14.39
CA ALA A 769 1.35 1.65 15.54
C ALA A 769 2.14 0.56 16.24
N ILE A 770 1.79 0.32 17.49
CA ILE A 770 2.40 -0.74 18.30
C ILE A 770 1.42 -1.88 18.42
N VAL A 771 1.88 -3.09 18.14
CA VAL A 771 1.12 -4.30 18.37
C VAL A 771 1.65 -4.92 19.66
N ASP A 772 0.84 -4.90 20.71
CA ASP A 772 1.16 -5.57 21.95
C ASP A 772 -0.03 -6.39 22.42
N GLU A 773 0.16 -7.04 23.55
CA GLU A 773 -0.90 -7.83 24.17
C GLU A 773 -1.87 -6.93 24.90
N LEU A 774 -3.08 -7.44 25.10
CA LEU A 774 -4.12 -6.68 25.81
C LEU A 774 -3.75 -6.21 27.23
N PRO A 775 -3.23 -7.03 28.16
CA PRO A 775 -2.99 -6.49 29.51
C PRO A 775 -1.83 -5.54 29.62
N TYR A 776 -0.93 -5.49 28.65
CA TYR A 776 0.08 -4.44 28.65
C TYR A 776 -0.53 -3.09 28.30
N ILE A 777 -1.51 -3.09 27.41
CA ILE A 777 -2.02 -1.82 26.89
C ILE A 777 -2.98 -1.17 27.88
N GLU A 778 -3.71 -1.97 28.66
CA GLU A 778 -4.55 -1.39 29.70
C GLU A 778 -3.75 -0.77 30.83
N VAL A 779 -2.51 -1.23 31.05
CA VAL A 779 -1.60 -0.51 31.93
C VAL A 779 -1.14 0.77 31.25
N LEU A 780 -0.89 0.69 29.93
CA LEU A 780 -0.38 1.81 29.17
C LEU A 780 -1.40 2.94 29.04
N LEU A 781 -2.69 2.60 28.97
CA LEU A 781 -3.72 3.64 28.94
C LEU A 781 -3.81 4.40 30.25
N THR A 782 -3.70 3.70 31.38
CA THR A 782 -3.62 4.38 32.68
C THR A 782 -2.32 5.16 32.79
N ASN A 783 -1.24 4.64 32.19
CA ASN A 783 0.03 5.33 32.17
C ASN A 783 0.02 6.55 31.25
N SER A 784 -0.87 6.60 30.27
CA SER A 784 -0.88 7.69 29.30
C SER A 784 -2.10 8.58 29.57
N ASN A 785 -2.25 9.61 28.74
CA ASN A 785 -3.46 10.41 28.73
C ASN A 785 -4.46 9.78 27.76
N CYS A 786 -5.52 10.51 27.45
CA CYS A 786 -6.61 9.97 26.65
C CYS A 786 -6.36 10.13 25.16
N LYS A 787 -5.26 9.56 24.66
CA LYS A 787 -4.79 9.81 23.32
C LYS A 787 -4.74 8.56 22.45
N PHE A 788 -5.00 7.39 23.01
CA PHE A 788 -4.80 6.13 22.32
C PHE A 788 -5.91 5.16 22.67
N ARG A 789 -6.09 4.16 21.81
CA ARG A 789 -7.16 3.19 21.99
C ARG A 789 -6.84 1.98 21.13
N THR A 790 -7.20 0.80 21.63
CA THR A 790 -7.14 -0.41 20.82
C THR A 790 -8.18 -0.29 19.71
N VAL A 791 -7.71 -0.10 18.48
CA VAL A 791 -8.61 0.27 17.39
C VAL A 791 -9.44 -0.89 16.86
N GLY A 792 -9.02 -2.14 17.12
CA GLY A 792 -9.77 -3.29 16.69
C GLY A 792 -10.01 -4.24 17.85
N GLN A 793 -10.43 -5.44 17.49
CA GLN A 793 -10.54 -6.50 18.48
C GLN A 793 -9.23 -7.30 18.53
N GLU A 794 -9.13 -8.21 19.49
CA GLU A 794 -7.96 -9.06 19.60
C GLU A 794 -7.96 -10.06 18.46
N PHE A 795 -6.86 -10.10 17.72
CA PHE A 795 -6.76 -10.94 16.53
C PHE A 795 -5.97 -12.21 16.79
N THR A 796 -5.29 -12.30 17.93
CA THR A 796 -4.64 -13.54 18.36
C THR A 796 -4.82 -13.62 19.86
N ARG A 797 -5.79 -14.42 20.30
CA ARG A 797 -6.27 -14.41 21.68
C ARG A 797 -6.00 -15.77 22.29
N THR A 798 -4.89 -15.89 23.04
CA THR A 798 -4.53 -17.17 23.64
C THR A 798 -4.43 -17.11 25.16
N GLY A 799 -3.70 -16.15 25.74
CA GLY A 799 -3.54 -16.08 27.18
C GLY A 799 -2.13 -16.45 27.61
N TRP A 800 -1.94 -16.45 28.94
CA TRP A 800 -0.66 -16.71 29.55
C TRP A 800 -0.65 -18.10 30.20
N GLY A 801 0.41 -18.38 30.94
CA GLY A 801 0.56 -19.63 31.64
C GLY A 801 1.97 -19.82 32.18
N PHE A 802 2.16 -20.81 33.05
CA PHE A 802 3.48 -21.09 33.59
C PHE A 802 4.11 -22.22 32.80
N ALA A 803 5.36 -22.00 32.37
CA ALA A 803 6.09 -22.97 31.56
C ALA A 803 6.74 -23.99 32.50
N PHE A 804 6.42 -25.25 32.32
CA PHE A 804 6.97 -26.29 33.15
C PHE A 804 7.96 -27.16 32.38
N GLN A 805 8.61 -28.05 33.10
CA GLN A 805 9.37 -29.11 32.47
C GLN A 805 8.41 -30.04 31.75
N ARG A 806 8.84 -30.57 30.62
CA ARG A 806 7.96 -31.40 29.79
C ARG A 806 7.71 -32.73 30.49
N ASP A 807 6.44 -33.11 30.57
CA ASP A 807 5.93 -34.20 31.41
C ASP A 807 6.38 -34.01 32.86
N SER A 808 5.91 -32.92 33.45
CA SER A 808 6.18 -32.80 34.86
C SER A 808 4.95 -33.17 35.67
N PRO A 809 5.12 -33.92 36.77
CA PRO A 809 3.99 -34.24 37.64
C PRO A 809 3.42 -33.06 38.39
N LEU A 810 4.16 -31.96 38.50
CA LEU A 810 3.68 -30.76 39.15
C LEU A 810 2.72 -29.96 38.27
N ALA A 811 2.54 -30.39 37.03
CA ALA A 811 1.63 -29.69 36.12
C ALA A 811 0.18 -29.83 36.56
N VAL A 812 -0.31 -31.07 36.60
CA VAL A 812 -1.72 -31.33 36.89
C VAL A 812 -2.05 -30.96 38.33
N ASP A 813 -1.05 -30.99 39.21
CA ASP A 813 -1.18 -30.42 40.54
C ASP A 813 -1.48 -28.92 40.46
N MET A 814 -0.63 -28.17 39.74
CA MET A 814 -0.81 -26.73 39.67
C MET A 814 -1.86 -26.33 38.65
N SER A 815 -2.15 -27.20 37.67
CA SER A 815 -3.25 -26.93 36.75
C SER A 815 -4.58 -26.97 37.49
N THR A 816 -4.70 -27.88 38.46
CA THR A 816 -5.90 -27.93 39.30
C THR A 816 -5.92 -26.73 40.25
N ALA A 817 -4.75 -26.33 40.74
CA ALA A 817 -4.68 -25.26 41.75
C ALA A 817 -5.06 -23.92 41.16
N ILE A 818 -4.74 -23.69 39.88
CA ILE A 818 -5.17 -22.47 39.21
C ILE A 818 -6.68 -22.46 39.03
N LEU A 819 -7.23 -23.57 38.53
CA LEU A 819 -8.67 -23.66 38.31
C LEU A 819 -9.43 -23.63 39.62
N GLN A 820 -8.84 -24.14 40.69
CA GLN A 820 -9.43 -24.00 42.02
C GLN A 820 -9.43 -22.55 42.46
N LEU A 821 -8.29 -21.87 42.30
CA LEU A 821 -8.17 -20.50 42.76
C LEU A 821 -8.96 -19.55 41.86
N SER A 822 -9.12 -19.92 40.59
CA SER A 822 -9.95 -19.14 39.69
C SER A 822 -11.42 -19.16 40.13
N GLU A 823 -11.86 -20.29 40.69
CA GLU A 823 -13.24 -20.37 41.17
C GLU A 823 -13.42 -19.65 42.49
N GLU A 824 -12.34 -19.46 43.24
CA GLU A 824 -12.45 -18.84 44.55
C GLU A 824 -12.45 -17.32 44.50
N GLY A 825 -12.17 -16.70 43.36
CA GLY A 825 -12.19 -15.26 43.23
C GLY A 825 -11.00 -14.53 43.83
N GLU A 826 -10.11 -15.22 44.55
CA GLU A 826 -8.90 -14.62 45.07
C GLU A 826 -7.93 -14.25 43.95
N LEU A 827 -7.99 -14.97 42.82
CA LEU A 827 -7.25 -14.58 41.61
C LEU A 827 -7.59 -13.17 41.18
N GLU A 828 -8.86 -12.79 41.25
CA GLU A 828 -9.26 -11.42 40.98
C GLU A 828 -8.89 -10.49 42.12
N LYS A 829 -8.79 -11.01 43.35
CA LYS A 829 -8.41 -10.16 44.47
C LYS A 829 -6.94 -9.78 44.40
N ILE A 830 -6.08 -10.72 44.00
CA ILE A 830 -4.69 -10.38 43.71
C ILE A 830 -4.64 -9.48 42.48
N HIS A 831 -5.55 -9.69 41.53
CA HIS A 831 -5.68 -8.79 40.39
C HIS A 831 -6.17 -7.40 40.80
N ARG A 832 -6.73 -7.27 42.00
CA ARG A 832 -7.01 -5.94 42.53
C ARG A 832 -5.83 -5.32 43.26
N LYS A 833 -4.88 -6.13 43.74
CA LYS A 833 -3.79 -5.57 44.53
C LYS A 833 -2.78 -4.83 43.66
N TRP A 834 -2.44 -5.41 42.51
CA TRP A 834 -1.48 -4.79 41.59
C TRP A 834 -2.15 -4.22 40.36
N LEU A 835 -3.01 -5.00 39.71
CA LEU A 835 -3.64 -4.59 38.45
C LEU A 835 -4.99 -3.91 38.70
N ASN A 836 -4.99 -2.92 39.59
CA ASN A 836 -6.17 -2.11 39.80
C ASN A 836 -6.25 -0.93 38.83
N TYR A 837 -5.23 -0.74 38.01
CA TYR A 837 -5.15 0.41 37.11
C TYR A 837 -6.05 0.15 35.91
N LYS A 838 -7.23 0.78 35.92
CA LYS A 838 -8.17 0.69 34.81
C LYS A 838 -8.92 2.01 34.71
N HIS A 839 -8.92 2.59 33.51
CA HIS A 839 -9.72 3.76 33.18
C HIS A 839 -10.16 3.63 31.73
N GLU A 840 -11.40 3.99 31.44
CA GLU A 840 -11.87 3.93 30.06
C GLU A 840 -11.45 5.18 29.28
N CYS A 841 -11.98 6.35 29.68
CA CYS A 841 -11.91 7.61 28.95
C CYS A 841 -12.34 7.42 27.49
N SER A 842 -13.65 7.20 27.32
CA SER A 842 -14.23 6.85 26.03
C SER A 842 -14.13 8.03 25.07
N MET A 843 -12.94 8.20 24.51
CA MET A 843 -12.69 9.24 23.51
C MET A 843 -13.45 8.92 22.23
N GLN A 844 -13.10 7.81 21.59
CA GLN A 844 -13.85 7.27 20.47
C GLN A 844 -14.22 5.83 20.80
N ILE A 845 -15.43 5.43 20.43
CA ILE A 845 -15.94 4.09 20.72
C ILE A 845 -16.46 3.48 19.41
N SER A 846 -15.55 2.87 18.65
CA SER A 846 -15.80 2.28 17.32
C SER A 846 -16.59 3.24 16.42
N ASN A 847 -16.11 4.48 16.34
CA ASN A 847 -16.86 5.53 15.67
C ASN A 847 -16.89 5.34 14.16
N SER A 848 -18.10 5.40 13.60
CA SER A 848 -18.26 5.29 12.16
C SER A 848 -17.78 6.56 11.49
N GLU A 849 -16.87 6.42 10.52
CA GLU A 849 -16.36 7.57 9.77
C GLU A 849 -17.29 7.80 8.58
N ASP A 850 -18.02 8.90 8.67
CA ASP A 850 -19.13 9.21 7.76
C ASP A 850 -19.18 10.73 7.62
N SER A 851 -20.35 11.24 7.19
CA SER A 851 -20.62 12.64 6.88
C SER A 851 -20.11 13.63 7.93
N GLN A 852 -20.73 13.55 9.11
CA GLN A 852 -20.26 14.08 10.40
C GLN A 852 -19.69 15.51 10.29
N LEU A 853 -20.56 16.44 9.90
CA LEU A 853 -20.10 17.79 9.63
C LEU A 853 -20.10 18.56 10.95
N SER A 854 -19.02 19.32 11.16
CA SER A 854 -18.68 19.92 12.45
C SER A 854 -19.77 20.84 12.95
N LEU A 855 -20.21 20.57 14.18
CA LEU A 855 -21.33 21.29 14.76
C LEU A 855 -20.92 22.71 15.13
N LYS A 856 -19.64 22.92 15.41
CA LYS A 856 -19.09 24.23 15.71
C LYS A 856 -18.71 25.00 14.44
N SER A 857 -18.60 24.32 13.31
CA SER A 857 -18.42 25.02 12.04
C SER A 857 -19.66 25.82 11.67
N PHE A 858 -20.84 25.32 12.03
CA PHE A 858 -22.07 26.07 11.88
C PHE A 858 -22.44 26.87 13.11
N TRP A 859 -21.65 26.76 14.19
CA TRP A 859 -21.74 27.74 15.27
C TRP A 859 -21.14 29.07 14.85
N GLY A 860 -20.31 29.09 13.80
CA GLY A 860 -19.77 30.33 13.28
C GLY A 860 -20.59 30.95 12.17
N LEU A 861 -21.40 30.15 11.48
CA LEU A 861 -22.29 30.72 10.47
C LEU A 861 -23.50 31.40 11.09
N PHE A 862 -24.34 30.61 11.76
CA PHE A 862 -25.67 31.06 12.16
C PHE A 862 -25.63 32.06 13.31
N LEU A 863 -24.52 32.14 14.04
CA LEU A 863 -24.39 33.14 15.08
C LEU A 863 -23.98 34.49 14.52
N ILE A 864 -23.17 34.50 13.46
CA ILE A 864 -22.95 35.74 12.71
C ILE A 864 -24.24 36.15 12.00
N CYS A 865 -25.01 35.16 11.54
CA CYS A 865 -26.36 35.43 11.06
C CYS A 865 -27.26 35.94 12.19
N GLY A 866 -27.01 35.48 13.42
CA GLY A 866 -27.74 36.00 14.56
C GLY A 866 -27.36 37.43 14.90
N ILE A 867 -26.08 37.78 14.72
CA ILE A 867 -25.64 39.16 14.86
C ILE A 867 -26.30 40.05 13.82
N THR A 868 -26.39 39.56 12.59
CA THR A 868 -26.95 40.35 11.50
C THR A 868 -28.44 40.57 11.68
N CYS A 869 -29.17 39.54 12.11
CA CYS A 869 -30.60 39.67 12.37
C CYS A 869 -30.87 40.55 13.57
N PHE A 870 -30.00 40.53 14.58
CA PHE A 870 -30.18 41.43 15.72
C PHE A 870 -29.80 42.85 15.37
N MET A 871 -28.77 43.04 14.55
CA MET A 871 -28.43 44.40 14.10
C MET A 871 -29.48 44.93 13.14
N ALA A 872 -30.21 44.04 12.48
CA ALA A 872 -31.41 44.44 11.77
C ALA A 872 -32.53 44.86 12.72
N LEU A 873 -32.59 44.24 13.90
CA LEU A 873 -33.69 44.53 14.82
C LEU A 873 -33.42 45.77 15.66
N THR A 874 -32.14 46.07 15.91
CA THR A 874 -31.81 47.28 16.66
C THR A 874 -32.06 48.54 15.83
N VAL A 875 -31.77 48.49 14.53
CA VAL A 875 -32.10 49.60 13.65
C VAL A 875 -33.61 49.66 13.42
N PHE A 876 -34.28 48.50 13.54
CA PHE A 876 -35.74 48.48 13.52
C PHE A 876 -36.32 49.20 14.73
N PHE A 877 -35.75 48.97 15.90
CA PHE A 877 -36.20 49.71 17.08
C PHE A 877 -35.70 51.15 17.06
N TRP A 878 -34.59 51.42 16.36
CA TRP A 878 -34.06 52.76 16.25
C TRP A 878 -35.01 53.69 15.49
N ARG A 879 -35.76 53.16 14.53
CA ARG A 879 -36.82 53.94 13.91
C ARG A 879 -37.99 54.15 14.87
N VAL A 880 -38.26 53.17 15.72
CA VAL A 880 -39.38 53.25 16.66
C VAL A 880 -39.00 54.11 17.86
N ARG B 483 20.90 -42.71 14.02
CA ARG B 483 19.61 -42.59 14.69
C ARG B 483 19.31 -43.85 15.49
N GLY B 484 18.95 -43.66 16.77
CA GLY B 484 18.74 -44.79 17.65
C GLY B 484 17.48 -45.58 17.35
N TRP B 485 16.39 -44.88 17.08
CA TRP B 485 15.11 -45.57 16.89
C TRP B 485 15.04 -46.20 15.51
N VAL B 486 14.54 -47.43 15.48
CA VAL B 486 14.10 -48.10 14.26
C VAL B 486 12.68 -48.61 14.53
N PHE B 487 11.77 -48.31 13.62
CA PHE B 487 10.40 -48.80 13.78
C PHE B 487 10.37 -50.31 13.64
N PRO B 488 9.90 -51.04 14.64
CA PRO B 488 9.95 -52.51 14.58
C PRO B 488 8.90 -53.05 13.65
N ASN B 489 9.13 -54.30 13.21
CA ASN B 489 8.33 -54.93 12.17
C ASN B 489 7.58 -56.15 12.71
N ASN B 490 6.97 -56.00 13.88
CA ASN B 490 6.31 -57.11 14.56
C ASN B 490 4.94 -57.35 13.94
N GLY B 491 4.12 -58.14 14.61
CA GLY B 491 2.81 -58.51 14.11
C GLY B 491 1.79 -57.40 14.12
N LYS B 492 2.06 -56.30 14.82
CA LYS B 492 1.12 -55.17 14.83
C LYS B 492 1.48 -54.18 13.73
N PRO B 493 0.52 -53.68 12.97
CA PRO B 493 0.79 -52.63 11.99
C PRO B 493 0.72 -51.25 12.65
N LEU B 494 0.78 -50.23 11.80
CA LEU B 494 0.66 -48.84 12.23
C LEU B 494 -0.80 -48.42 12.12
N ARG B 495 -1.41 -48.07 13.26
CA ARG B 495 -2.84 -47.76 13.29
C ARG B 495 -3.04 -46.29 12.94
N ILE B 496 -3.20 -46.03 11.64
CA ILE B 496 -3.50 -44.68 11.17
C ILE B 496 -4.97 -44.41 11.37
N GLY B 497 -5.28 -43.37 12.13
CA GLY B 497 -6.65 -42.91 12.24
C GLY B 497 -7.02 -42.08 11.03
N VAL B 498 -8.08 -42.48 10.34
CA VAL B 498 -8.57 -41.78 9.16
C VAL B 498 -9.98 -41.29 9.45
N PRO B 499 -10.28 -40.01 9.24
CA PRO B 499 -11.65 -39.53 9.48
C PRO B 499 -12.60 -40.05 8.41
N ASN B 500 -13.77 -40.47 8.84
CA ASN B 500 -14.81 -40.91 7.91
C ASN B 500 -15.41 -39.68 7.27
N ARG B 501 -14.81 -39.23 6.17
CA ARG B 501 -15.07 -37.91 5.62
C ARG B 501 -16.25 -37.95 4.67
N VAL B 502 -17.18 -37.02 4.87
CA VAL B 502 -18.43 -36.96 4.11
C VAL B 502 -18.36 -35.90 3.01
N SER B 503 -18.14 -34.65 3.37
CA SER B 503 -18.02 -33.57 2.40
C SER B 503 -16.56 -33.28 2.17
N TYR B 504 -16.25 -32.62 1.05
CA TYR B 504 -14.89 -32.33 0.58
C TYR B 504 -14.07 -33.62 0.50
N THR B 505 -14.45 -34.47 -0.44
CA THR B 505 -13.83 -35.77 -0.58
C THR B 505 -12.59 -35.72 -1.46
N ASP B 506 -12.01 -34.54 -1.61
CA ASP B 506 -10.77 -34.36 -2.35
C ASP B 506 -9.55 -34.43 -1.43
N TYR B 507 -9.71 -34.08 -0.15
CA TYR B 507 -8.61 -34.17 0.80
C TYR B 507 -8.44 -35.58 1.35
N VAL B 508 -9.55 -36.21 1.71
CA VAL B 508 -9.57 -37.59 2.20
C VAL B 508 -10.99 -38.11 1.99
N SER B 509 -11.10 -39.40 1.67
CA SER B 509 -12.40 -39.99 1.40
C SER B 509 -12.32 -41.50 1.63
N LYS B 510 -13.46 -42.08 1.93
CA LYS B 510 -13.60 -43.53 1.94
C LYS B 510 -13.54 -44.05 0.52
N ASP B 511 -12.86 -45.18 0.33
CA ASP B 511 -12.52 -45.64 -1.00
C ASP B 511 -12.72 -47.15 -1.05
N LYS B 512 -13.06 -47.65 -2.22
CA LYS B 512 -13.19 -49.09 -2.44
C LYS B 512 -11.92 -49.71 -3.03
N ASN B 513 -10.84 -48.93 -3.11
CA ASN B 513 -9.57 -49.45 -3.56
C ASN B 513 -8.95 -50.36 -2.48
N PRO B 514 -7.98 -51.18 -2.86
CA PRO B 514 -7.26 -51.98 -1.84
C PRO B 514 -6.49 -51.16 -0.80
N PRO B 515 -6.06 -49.91 -1.05
CA PRO B 515 -5.71 -49.09 0.12
C PRO B 515 -6.91 -48.71 0.95
N GLY B 516 -8.08 -48.55 0.36
CA GLY B 516 -9.28 -48.14 1.06
C GLY B 516 -9.36 -46.66 1.33
N VAL B 517 -8.37 -45.89 0.88
CA VAL B 517 -8.28 -44.46 1.15
C VAL B 517 -8.08 -43.72 -0.16
N ARG B 518 -8.55 -42.49 -0.19
CA ARG B 518 -8.44 -41.66 -1.38
C ARG B 518 -8.52 -40.20 -0.98
N GLY B 519 -7.53 -39.44 -1.40
CA GLY B 519 -7.54 -38.02 -1.18
C GLY B 519 -6.12 -37.47 -1.10
N TYR B 520 -6.05 -36.17 -0.77
CA TYR B 520 -4.83 -35.40 -0.74
C TYR B 520 -3.91 -35.78 0.40
N CYS B 521 -4.39 -35.66 1.65
CA CYS B 521 -3.57 -35.91 2.83
C CYS B 521 -3.13 -37.37 2.94
N ILE B 522 -3.88 -38.28 2.32
CA ILE B 522 -3.39 -39.64 2.13
C ILE B 522 -2.12 -39.65 1.30
N ASP B 523 -2.17 -39.03 0.13
CA ASP B 523 -1.03 -39.03 -0.79
C ASP B 523 0.11 -38.16 -0.28
N VAL B 524 -0.19 -37.16 0.54
CA VAL B 524 0.85 -36.46 1.27
C VAL B 524 1.53 -37.39 2.27
N PHE B 525 0.75 -38.23 2.95
CA PHE B 525 1.31 -39.17 3.91
C PHE B 525 2.13 -40.26 3.22
N GLU B 526 1.70 -40.67 2.03
CA GLU B 526 2.34 -41.82 1.37
C GLU B 526 3.74 -41.49 0.89
N ALA B 527 3.97 -40.26 0.44
CA ALA B 527 5.28 -39.91 -0.07
C ALA B 527 6.31 -39.74 1.03
N ALA B 528 5.90 -39.23 2.18
CA ALA B 528 6.81 -39.09 3.30
C ALA B 528 7.12 -40.43 3.96
N ILE B 529 6.27 -41.44 3.75
CA ILE B 529 6.67 -42.82 4.06
C ILE B 529 7.85 -43.23 3.19
N GLU B 530 7.82 -42.86 1.91
CA GLU B 530 8.88 -43.26 0.98
C GLU B 530 10.16 -42.48 1.16
N LEU B 531 10.15 -41.44 1.99
CA LEU B 531 11.37 -40.74 2.35
C LEU B 531 12.03 -41.34 3.59
N LEU B 532 11.38 -42.26 4.24
CA LEU B 532 11.96 -42.88 5.42
C LEU B 532 12.95 -43.96 4.99
N PRO B 533 13.93 -44.25 5.85
CA PRO B 533 14.75 -45.45 5.67
C PRO B 533 14.07 -46.75 6.06
N TYR B 534 12.79 -46.72 6.36
CA TYR B 534 12.10 -47.82 6.97
C TYR B 534 11.09 -48.42 6.00
N PRO B 535 10.91 -49.73 6.03
CA PRO B 535 9.65 -50.30 5.53
C PRO B 535 8.59 -50.21 6.62
N VAL B 536 7.45 -49.59 6.31
CA VAL B 536 6.47 -49.26 7.32
C VAL B 536 5.22 -50.09 7.06
N PRO B 537 4.93 -51.11 7.87
CA PRO B 537 3.65 -51.80 7.78
C PRO B 537 2.55 -50.93 8.36
N ARG B 538 1.45 -50.79 7.64
CA ARG B 538 0.44 -49.82 8.03
C ARG B 538 -0.93 -50.27 7.58
N THR B 539 -1.94 -49.78 8.30
CA THR B 539 -3.34 -50.00 7.97
C THR B 539 -4.07 -48.67 7.97
N TYR B 540 -5.35 -48.71 7.60
CA TYR B 540 -6.18 -47.52 7.54
C TYR B 540 -7.57 -47.86 8.05
N ILE B 541 -8.05 -47.10 9.03
CA ILE B 541 -9.34 -47.32 9.66
C ILE B 541 -10.15 -46.04 9.58
N LEU B 542 -11.33 -46.11 8.99
CA LEU B 542 -12.24 -44.97 9.02
C LEU B 542 -12.86 -44.89 10.41
N TYR B 543 -13.01 -43.67 10.90
CA TYR B 543 -13.38 -43.47 12.31
C TYR B 543 -14.88 -43.30 12.54
N GLY B 544 -15.48 -42.28 11.95
CA GLY B 544 -16.84 -41.91 12.27
C GLY B 544 -17.89 -42.66 11.48
N ASP B 545 -19.13 -42.20 11.63
CA ASP B 545 -20.22 -42.71 10.82
C ASP B 545 -20.19 -42.06 9.44
N GLY B 546 -20.64 -42.81 8.44
CA GLY B 546 -20.62 -42.32 7.08
C GLY B 546 -21.64 -41.25 6.76
N LYS B 547 -22.57 -40.98 7.68
CA LYS B 547 -23.60 -39.98 7.44
C LYS B 547 -23.09 -38.56 7.66
N ARG B 548 -22.35 -38.34 8.74
CA ARG B 548 -21.92 -37.00 9.13
C ARG B 548 -20.42 -36.96 9.36
N ASN B 549 -19.89 -35.75 9.44
CA ASN B 549 -18.48 -35.58 9.76
C ASN B 549 -18.27 -35.68 11.27
N PRO B 550 -17.30 -36.48 11.71
CA PRO B 550 -17.10 -36.68 13.14
C PRO B 550 -16.32 -35.55 13.77
N SER B 551 -16.40 -35.47 15.09
CA SER B 551 -15.59 -34.53 15.85
C SER B 551 -14.14 -34.96 15.79
N TYR B 552 -13.29 -34.12 15.20
CA TYR B 552 -11.88 -34.45 15.10
C TYR B 552 -11.17 -34.43 16.45
N ASP B 553 -11.72 -33.70 17.42
CA ASP B 553 -11.15 -33.72 18.76
C ASP B 553 -11.33 -35.07 19.43
N ASN B 554 -12.47 -35.73 19.23
CA ASN B 554 -12.62 -37.12 19.60
C ASN B 554 -11.71 -38.03 18.80
N LEU B 555 -11.50 -37.70 17.52
CA LEU B 555 -10.54 -38.44 16.71
C LEU B 555 -9.12 -38.22 17.21
N VAL B 556 -8.81 -36.99 17.66
CA VAL B 556 -7.56 -36.74 18.35
C VAL B 556 -7.51 -37.50 19.67
N ASN B 557 -8.65 -37.56 20.38
CA ASN B 557 -8.72 -38.22 21.68
C ASN B 557 -8.49 -39.72 21.59
N GLU B 558 -8.76 -40.35 20.46
CA GLU B 558 -8.47 -41.78 20.35
C GLU B 558 -6.99 -42.05 20.24
N VAL B 559 -6.21 -41.09 19.73
CA VAL B 559 -4.77 -41.21 19.79
C VAL B 559 -4.29 -41.07 21.22
N VAL B 560 -4.95 -40.22 22.00
CA VAL B 560 -4.71 -40.18 23.44
C VAL B 560 -5.21 -41.46 24.09
N ALA B 561 -6.35 -41.98 23.62
CA ALA B 561 -6.90 -43.24 24.12
C ALA B 561 -6.23 -44.46 23.50
N ASP B 562 -5.21 -44.27 22.66
CA ASP B 562 -4.30 -45.28 22.12
C ASP B 562 -5.02 -46.30 21.24
N ASN B 563 -6.20 -45.97 20.71
CA ASN B 563 -6.79 -46.85 19.72
C ASN B 563 -6.14 -46.68 18.36
N PHE B 564 -5.45 -45.57 18.15
CA PHE B 564 -4.67 -45.35 16.94
C PHE B 564 -3.25 -44.96 17.30
N ASP B 565 -2.32 -45.26 16.40
CA ASP B 565 -0.94 -44.84 16.58
C ASP B 565 -0.71 -43.41 16.11
N VAL B 566 -1.41 -42.99 15.06
CA VAL B 566 -1.24 -41.67 14.48
C VAL B 566 -2.53 -41.27 13.79
N ALA B 567 -2.92 -40.01 13.91
CA ALA B 567 -4.06 -39.47 13.20
C ALA B 567 -3.58 -38.77 11.94
N VAL B 568 -4.16 -39.12 10.81
CA VAL B 568 -3.83 -38.53 9.52
C VAL B 568 -5.13 -38.02 8.90
N GLY B 569 -5.13 -36.75 8.50
CA GLY B 569 -6.31 -36.16 7.90
C GLY B 569 -6.22 -34.65 7.81
N ASP B 570 -7.34 -33.98 8.07
CA ASP B 570 -7.39 -32.53 8.06
C ASP B 570 -7.23 -31.94 9.45
N ILE B 571 -6.45 -32.59 10.31
CA ILE B 571 -6.32 -32.18 11.70
C ILE B 571 -5.55 -30.87 11.76
N THR B 572 -6.17 -29.85 12.37
CA THR B 572 -5.64 -28.50 12.37
C THR B 572 -5.08 -28.22 13.75
N ILE B 573 -3.91 -27.57 13.80
CA ILE B 573 -3.16 -27.44 15.04
C ILE B 573 -3.85 -26.42 15.95
N VAL B 574 -4.36 -26.90 17.07
CA VAL B 574 -4.98 -26.10 18.12
C VAL B 574 -4.14 -26.35 19.37
N THR B 575 -4.19 -25.39 20.31
CA THR B 575 -3.37 -25.42 21.51
C THR B 575 -3.62 -26.68 22.36
N ASN B 576 -4.87 -26.94 22.75
CA ASN B 576 -5.10 -28.15 23.55
C ASN B 576 -5.00 -29.42 22.71
N ARG B 577 -5.11 -29.29 21.39
CA ARG B 577 -4.73 -30.42 20.55
C ARG B 577 -3.24 -30.67 20.61
N THR B 578 -2.45 -29.61 20.79
CA THR B 578 -1.01 -29.77 20.89
C THR B 578 -0.61 -30.19 22.30
N ARG B 579 -1.48 -29.97 23.29
CA ARG B 579 -1.14 -30.30 24.68
C ARG B 579 -1.02 -31.80 24.90
N TYR B 580 -1.78 -32.60 24.16
CA TYR B 580 -1.92 -33.99 24.55
C TYR B 580 -1.21 -34.93 23.57
N VAL B 581 -1.25 -34.61 22.28
CA VAL B 581 -0.48 -35.36 21.30
C VAL B 581 0.62 -34.46 20.77
N ASP B 582 1.52 -35.02 19.97
CA ASP B 582 2.60 -34.25 19.38
C ASP B 582 2.39 -34.20 17.88
N PHE B 583 2.20 -33.00 17.35
CA PHE B 583 2.01 -32.81 15.92
C PHE B 583 3.31 -32.97 15.15
N THR B 584 3.18 -32.93 13.83
CA THR B 584 4.32 -32.76 12.95
C THR B 584 4.42 -31.28 12.59
N GLN B 585 5.31 -30.94 11.67
CA GLN B 585 5.29 -29.60 11.11
C GLN B 585 4.08 -29.44 10.21
N PRO B 586 3.59 -28.21 10.04
CA PRO B 586 2.46 -28.01 9.12
C PRO B 586 2.87 -28.25 7.68
N PHE B 587 2.19 -29.22 7.06
CA PHE B 587 2.42 -29.55 5.67
C PHE B 587 1.59 -28.71 4.73
N ILE B 588 0.58 -28.00 5.26
CA ILE B 588 -0.21 -27.07 4.46
C ILE B 588 -0.59 -25.92 5.37
N GLU B 589 -0.94 -24.79 4.77
CA GLU B 589 -1.25 -23.58 5.52
C GLU B 589 -2.74 -23.32 5.41
N SER B 590 -3.41 -23.27 6.55
CA SER B 590 -4.85 -23.06 6.59
C SER B 590 -5.17 -21.94 7.56
N GLY B 591 -6.23 -21.21 7.28
CA GLY B 591 -6.68 -20.16 8.16
C GLY B 591 -8.18 -20.15 8.26
N LEU B 592 -8.69 -19.61 9.37
CA LEU B 592 -10.13 -19.42 9.49
C LEU B 592 -10.55 -18.19 8.71
N VAL B 593 -11.49 -18.37 7.78
CA VAL B 593 -12.08 -17.27 7.05
C VAL B 593 -13.59 -17.30 7.27
N VAL B 594 -14.25 -16.24 6.82
CA VAL B 594 -15.71 -16.14 6.88
C VAL B 594 -16.23 -16.01 5.46
N VAL B 595 -17.07 -16.93 5.05
CA VAL B 595 -17.69 -16.85 3.73
C VAL B 595 -19.10 -16.33 3.90
N ALA B 596 -19.55 -15.53 2.93
CA ALA B 596 -20.85 -14.87 2.97
C ALA B 596 -21.21 -14.47 1.56
N PRO B 597 -22.51 -14.36 1.23
CA PRO B 597 -22.88 -13.92 -0.11
C PRO B 597 -22.52 -12.47 -0.36
N VAL B 598 -22.25 -12.16 -1.62
CA VAL B 598 -22.04 -10.78 -2.05
C VAL B 598 -23.39 -10.06 -2.04
N LYS B 599 -23.38 -8.76 -1.77
CA LYS B 599 -24.62 -8.05 -1.53
C LYS B 599 -24.50 -6.61 -2.05
N GLU B 600 -25.64 -5.91 -2.07
CA GLU B 600 -25.67 -4.52 -2.49
C GLU B 600 -25.03 -3.62 -1.45
N ALA B 601 -24.68 -2.40 -1.87
CA ALA B 601 -24.07 -1.44 -0.98
C ALA B 601 -24.95 -0.24 -0.69
N LYS B 602 -25.99 -0.01 -1.50
CA LYS B 602 -26.84 1.16 -1.37
C LYS B 602 -27.95 0.91 -0.35
N SER B 603 -28.13 1.88 0.54
CA SER B 603 -29.12 1.84 1.61
C SER B 603 -30.42 2.51 1.12
N SER B 604 -31.26 2.91 2.06
CA SER B 604 -32.65 3.30 1.92
C SER B 604 -32.77 4.74 1.40
N PRO B 605 -34.01 5.30 1.22
CA PRO B 605 -34.18 6.77 1.17
C PRO B 605 -33.42 7.61 2.19
N TRP B 606 -33.14 7.07 3.37
CA TRP B 606 -32.36 7.82 4.35
C TRP B 606 -30.87 7.92 3.99
N SER B 607 -30.38 7.09 3.06
CA SER B 607 -29.00 7.23 2.60
C SER B 607 -28.85 8.42 1.67
N PHE B 608 -29.92 8.78 0.96
CA PHE B 608 -29.99 10.03 0.22
C PHE B 608 -29.80 11.23 1.14
N LEU B 609 -30.34 11.15 2.36
CA LEU B 609 -30.30 12.23 3.32
C LEU B 609 -29.05 12.17 4.20
N LYS B 610 -28.14 11.23 3.94
CA LYS B 610 -27.08 10.94 4.89
C LYS B 610 -26.02 12.02 5.11
N PRO B 611 -25.59 12.84 4.12
CA PRO B 611 -24.81 14.04 4.46
C PRO B 611 -25.64 15.02 5.27
N PHE B 612 -24.95 15.93 5.97
CA PHE B 612 -25.56 16.86 6.94
C PHE B 612 -26.29 16.12 8.04
N THR B 613 -25.54 15.66 9.05
CA THR B 613 -26.09 15.13 10.30
C THR B 613 -27.34 15.87 10.79
N ILE B 614 -28.36 15.09 11.16
CA ILE B 614 -29.76 15.51 11.15
C ILE B 614 -30.09 16.61 12.14
N GLU B 615 -29.20 16.91 13.09
CA GLU B 615 -29.36 18.12 13.88
C GLU B 615 -29.27 19.37 13.03
N MET B 616 -28.40 19.36 12.02
CA MET B 616 -28.14 20.54 11.21
C MET B 616 -29.11 20.71 10.04
N TRP B 617 -30.05 19.79 9.84
CA TRP B 617 -31.13 20.08 8.92
C TRP B 617 -32.17 20.98 9.57
N ALA B 618 -32.46 20.73 10.85
CA ALA B 618 -33.38 21.57 11.60
C ALA B 618 -32.78 22.95 11.86
N VAL B 619 -31.46 23.02 12.02
CA VAL B 619 -30.80 24.32 12.11
C VAL B 619 -30.84 25.01 10.75
N THR B 620 -30.72 24.24 9.66
CA THR B 620 -30.84 24.80 8.33
C THR B 620 -32.25 25.31 8.06
N GLY B 621 -33.24 24.41 8.12
CA GLY B 621 -34.62 24.79 7.88
C GLY B 621 -35.20 25.72 8.91
N GLY B 622 -34.66 25.73 10.12
CA GLY B 622 -35.11 26.70 11.12
C GLY B 622 -34.66 28.11 10.78
N PHE B 623 -33.37 28.28 10.48
CA PHE B 623 -32.87 29.56 10.02
C PHE B 623 -33.20 29.86 8.57
N PHE B 624 -33.70 28.87 7.82
CA PHE B 624 -34.24 29.17 6.50
C PHE B 624 -35.51 30.01 6.59
N LEU B 625 -36.41 29.64 7.51
CA LEU B 625 -37.64 30.40 7.66
C LEU B 625 -37.46 31.60 8.58
N PHE B 626 -36.46 31.56 9.46
CA PHE B 626 -36.22 32.68 10.37
C PHE B 626 -35.74 33.91 9.62
N VAL B 627 -34.92 33.72 8.59
CA VAL B 627 -34.53 34.84 7.73
C VAL B 627 -35.69 35.21 6.80
N GLY B 628 -36.55 34.24 6.44
CA GLY B 628 -37.74 34.56 5.71
C GLY B 628 -38.78 35.31 6.52
N ALA B 629 -38.65 35.29 7.86
CA ALA B 629 -39.51 36.11 8.69
C ALA B 629 -39.16 37.60 8.59
N MET B 630 -37.94 37.92 8.16
CA MET B 630 -37.56 39.31 7.98
C MET B 630 -38.18 39.92 6.73
N VAL B 631 -38.68 39.08 5.83
CA VAL B 631 -39.48 39.57 4.70
C VAL B 631 -40.76 40.21 5.19
N TRP B 632 -41.42 39.59 6.16
CA TRP B 632 -42.73 40.05 6.62
C TRP B 632 -42.62 41.33 7.44
N ILE B 633 -41.45 41.59 8.03
CA ILE B 633 -41.24 42.86 8.71
C ILE B 633 -41.14 44.00 7.70
N LEU B 634 -40.45 43.76 6.58
CA LEU B 634 -40.19 44.79 5.58
C LEU B 634 -41.29 44.89 4.53
N GLU B 635 -42.51 44.48 4.86
CA GLU B 635 -43.64 44.64 3.95
C GLU B 635 -44.09 46.10 3.90
N GLN B 649 -54.25 35.47 5.66
CA GLN B 649 -53.70 34.67 4.58
C GLN B 649 -53.11 35.56 3.50
N LEU B 650 -53.65 36.78 3.38
CA LEU B 650 -53.20 37.70 2.34
C LEU B 650 -51.83 38.29 2.63
N ILE B 651 -51.42 38.34 3.90
CA ILE B 651 -50.11 38.90 4.23
C ILE B 651 -49.02 37.85 4.03
N THR B 652 -49.34 36.58 4.28
CA THR B 652 -48.35 35.51 4.14
C THR B 652 -48.05 35.20 2.68
N ILE B 653 -49.01 35.42 1.78
CA ILE B 653 -48.74 35.28 0.36
C ILE B 653 -47.82 36.40 -0.12
N PHE B 654 -47.97 37.59 0.46
CA PHE B 654 -47.03 38.68 0.18
C PHE B 654 -45.67 38.39 0.80
N TRP B 655 -45.64 37.64 1.91
CA TRP B 655 -44.37 37.18 2.47
C TRP B 655 -43.76 36.07 1.63
N PHE B 656 -44.58 35.29 0.93
CA PHE B 656 -44.06 34.33 -0.03
C PHE B 656 -43.79 34.98 -1.39
N SER B 657 -44.32 36.18 -1.63
CA SER B 657 -44.11 36.86 -2.90
C SER B 657 -42.67 37.37 -3.01
N PHE B 658 -42.20 38.08 -1.99
CA PHE B 658 -40.83 38.56 -1.98
C PHE B 658 -39.83 37.48 -1.56
N SER B 659 -40.31 36.31 -1.13
CA SER B 659 -39.41 35.23 -0.76
C SER B 659 -38.77 34.59 -1.99
N THR B 660 -39.45 34.63 -3.14
CA THR B 660 -38.97 33.97 -4.34
C THR B 660 -37.81 34.73 -4.98
N MET B 661 -38.05 35.98 -5.37
CA MET B 661 -37.02 36.76 -6.04
C MET B 661 -37.08 38.22 -5.59
N SER B 672 -33.90 48.28 -1.00
CA SER B 672 -34.28 48.57 0.38
C SER B 672 -33.35 47.88 1.36
N LEU B 673 -33.57 48.12 2.66
CA LEU B 673 -32.82 47.43 3.69
C LEU B 673 -33.19 45.95 3.75
N GLY B 674 -34.43 45.61 3.44
CA GLY B 674 -34.82 44.21 3.36
C GLY B 674 -34.27 43.50 2.16
N ARG B 675 -33.98 44.23 1.07
CA ARG B 675 -33.30 43.64 -0.06
C ARG B 675 -31.80 43.53 0.18
N PHE B 676 -31.30 44.16 1.25
CA PHE B 676 -29.95 43.89 1.72
C PHE B 676 -29.90 42.63 2.58
N VAL B 677 -31.04 42.26 3.18
CA VAL B 677 -31.13 40.98 3.86
C VAL B 677 -31.10 39.85 2.84
N LEU B 678 -31.64 40.10 1.64
CA LEU B 678 -31.54 39.16 0.53
C LEU B 678 -30.09 38.96 0.08
N ILE B 679 -29.25 39.97 0.26
CA ILE B 679 -27.85 39.87 -0.14
C ILE B 679 -27.10 38.88 0.74
N ILE B 680 -27.32 38.95 2.05
CA ILE B 680 -26.51 38.16 2.97
C ILE B 680 -26.97 36.71 3.01
N TRP B 681 -28.29 36.49 3.01
CA TRP B 681 -28.83 35.14 3.02
C TRP B 681 -28.49 34.35 1.75
N LEU B 682 -28.48 35.02 0.60
CA LEU B 682 -28.08 34.35 -0.63
C LEU B 682 -26.62 33.91 -0.59
N PHE B 683 -25.77 34.69 0.09
CA PHE B 683 -24.38 34.29 0.27
C PHE B 683 -24.27 33.06 1.17
N VAL B 684 -25.18 32.92 2.13
CA VAL B 684 -25.11 31.80 3.06
C VAL B 684 -25.49 30.50 2.37
N VAL B 685 -26.68 30.46 1.75
CA VAL B 685 -27.18 29.24 1.13
C VAL B 685 -26.36 28.82 -0.09
N LEU B 686 -25.61 29.74 -0.69
CA LEU B 686 -24.62 29.39 -1.70
C LEU B 686 -23.50 28.55 -1.11
N ILE B 687 -23.08 28.83 0.13
CA ILE B 687 -22.09 28.01 0.79
C ILE B 687 -22.66 26.66 1.19
N ILE B 688 -23.90 26.66 1.69
CA ILE B 688 -24.60 25.45 2.07
C ILE B 688 -24.81 24.54 0.86
N ASN B 689 -25.00 25.14 -0.32
CA ASN B 689 -25.02 24.37 -1.56
C ASN B 689 -23.69 23.66 -1.78
N SER B 690 -22.58 24.38 -1.58
CA SER B 690 -21.27 23.74 -1.70
C SER B 690 -20.97 22.85 -0.50
N SER B 691 -21.52 23.18 0.67
CA SER B 691 -21.27 22.36 1.85
C SER B 691 -21.98 21.03 1.77
N TYR B 692 -23.21 21.01 1.27
CA TYR B 692 -23.87 19.73 1.01
C TYR B 692 -23.21 19.00 -0.15
N THR B 693 -22.65 19.76 -1.10
CA THR B 693 -21.96 19.13 -2.21
C THR B 693 -20.67 18.46 -1.74
N ALA B 694 -19.83 19.21 -1.02
CA ALA B 694 -18.57 18.68 -0.51
C ALA B 694 -18.76 17.56 0.51
N SER B 695 -19.87 17.56 1.24
CA SER B 695 -20.14 16.44 2.13
C SER B 695 -20.60 15.21 1.36
N LEU B 696 -21.40 15.41 0.32
CA LEU B 696 -21.86 14.27 -0.47
C LEU B 696 -20.75 13.64 -1.29
N THR B 697 -19.88 14.47 -1.89
CA THR B 697 -18.72 13.96 -2.62
C THR B 697 -17.79 13.14 -1.74
N SER B 698 -17.51 13.59 -0.52
CA SER B 698 -16.60 12.89 0.36
C SER B 698 -17.19 11.62 0.94
N ILE B 699 -18.47 11.34 0.70
CA ILE B 699 -19.06 10.06 1.01
C ILE B 699 -19.00 9.12 -0.18
N LEU B 700 -19.40 9.60 -1.36
CA LEU B 700 -19.40 8.76 -2.55
C LEU B 700 -18.02 8.54 -3.14
N THR B 701 -16.98 9.16 -2.59
CA THR B 701 -15.61 8.90 -3.01
C THR B 701 -14.97 7.77 -2.21
N ILE B 702 -15.06 7.83 -0.88
CA ILE B 702 -14.43 6.82 -0.05
C ILE B 702 -15.18 5.50 -0.07
N ARG B 703 -16.49 5.52 -0.37
CA ARG B 703 -17.26 4.29 -0.44
C ARG B 703 -16.97 3.47 -1.69
N GLN B 704 -16.21 4.02 -2.63
CA GLN B 704 -15.63 3.22 -3.71
C GLN B 704 -14.23 2.76 -3.38
N LEU B 705 -13.66 3.20 -2.25
CA LEU B 705 -12.32 2.81 -1.84
C LEU B 705 -12.33 1.93 -0.60
N THR B 706 -13.43 1.91 0.15
CA THR B 706 -13.52 1.08 1.35
C THR B 706 -14.03 -0.30 0.91
N SER B 707 -13.09 -1.19 0.62
CA SER B 707 -13.38 -2.61 0.49
C SER B 707 -13.36 -3.31 1.83
N ARG B 708 -12.99 -2.60 2.89
CA ARG B 708 -12.86 -3.16 4.23
C ARG B 708 -14.12 -2.98 5.06
N ILE B 709 -15.26 -2.68 4.43
CA ILE B 709 -16.49 -2.44 5.16
C ILE B 709 -17.16 -3.80 5.38
N GLU B 710 -16.58 -4.57 6.32
CA GLU B 710 -16.90 -5.95 6.64
C GLU B 710 -16.21 -6.28 7.95
N GLY B 711 -16.24 -7.55 8.34
CA GLY B 711 -15.41 -7.99 9.43
C GLY B 711 -16.03 -9.18 10.14
N ILE B 712 -15.17 -9.90 10.85
CA ILE B 712 -15.66 -10.89 11.80
C ILE B 712 -16.45 -10.21 12.91
N ASP B 713 -16.01 -9.01 13.34
CA ASP B 713 -16.75 -8.25 14.33
C ASP B 713 -18.08 -7.74 13.80
N SER B 714 -18.17 -7.52 12.48
CA SER B 714 -19.43 -7.17 11.87
C SER B 714 -20.42 -8.33 11.89
N LEU B 715 -19.93 -9.56 12.07
CA LEU B 715 -20.79 -10.69 12.32
C LEU B 715 -21.04 -10.93 13.80
N VAL B 716 -20.05 -10.65 14.65
CA VAL B 716 -20.18 -10.87 16.09
C VAL B 716 -21.23 -9.95 16.70
N THR B 717 -21.16 -8.66 16.38
CA THR B 717 -22.11 -7.69 16.91
C THR B 717 -23.51 -7.83 16.32
N SER B 718 -23.65 -8.42 15.14
CA SER B 718 -24.91 -8.42 14.43
C SER B 718 -25.84 -9.55 14.84
N ASN B 719 -25.46 -10.34 15.85
CA ASN B 719 -26.14 -11.52 16.43
C ASN B 719 -26.92 -12.37 15.41
N GLU B 720 -26.25 -12.70 14.33
CA GLU B 720 -26.80 -13.42 13.21
C GLU B 720 -26.60 -14.92 13.38
N PRO B 721 -27.38 -15.74 12.68
CA PRO B 721 -27.09 -17.19 12.65
C PRO B 721 -25.79 -17.45 11.90
N ILE B 722 -24.90 -18.19 12.54
CA ILE B 722 -23.59 -18.53 11.99
C ILE B 722 -23.59 -20.01 11.67
N GLY B 723 -23.35 -20.35 10.40
CA GLY B 723 -23.22 -21.75 10.02
C GLY B 723 -21.82 -22.26 10.26
N VAL B 724 -21.72 -23.48 10.76
CA VAL B 724 -20.46 -24.17 10.92
C VAL B 724 -20.61 -25.57 10.32
N GLN B 725 -19.47 -26.14 9.95
CA GLN B 725 -19.45 -27.52 9.49
C GLN B 725 -19.47 -28.47 10.68
N ASP B 726 -19.82 -29.72 10.42
CA ASP B 726 -19.93 -30.72 11.48
C ASP B 726 -18.55 -31.20 11.88
N GLY B 727 -18.33 -31.31 13.18
CA GLY B 727 -17.10 -31.88 13.72
C GLY B 727 -15.86 -31.06 13.47
N THR B 728 -15.85 -29.83 13.98
CA THR B 728 -14.76 -28.90 13.74
C THR B 728 -14.36 -28.25 15.05
N PHE B 729 -13.21 -27.56 15.03
CA PHE B 729 -12.76 -26.81 16.18
C PHE B 729 -13.34 -25.40 16.21
N ALA B 730 -13.70 -24.86 15.05
CA ALA B 730 -14.19 -23.49 14.96
C ALA B 730 -15.55 -23.33 15.61
N ARG B 731 -16.28 -24.43 15.79
CA ARG B 731 -17.44 -24.42 16.66
C ARG B 731 -17.06 -24.02 18.08
N ASN B 732 -16.17 -24.78 18.70
CA ASN B 732 -15.76 -24.51 20.07
C ASN B 732 -14.78 -23.34 20.16
N TYR B 733 -14.17 -22.94 19.05
CA TYR B 733 -13.21 -21.84 19.08
C TYR B 733 -13.88 -20.51 19.33
N LEU B 734 -14.96 -20.22 18.60
CA LEU B 734 -15.63 -18.93 18.76
C LEU B 734 -16.38 -18.84 20.08
N ILE B 735 -16.76 -20.00 20.66
CA ILE B 735 -17.46 -20.00 21.93
C ILE B 735 -16.54 -19.62 23.07
N ASN B 736 -15.40 -20.29 23.19
CA ASN B 736 -14.50 -20.03 24.30
C ASN B 736 -13.74 -18.72 24.14
N GLU B 737 -13.38 -18.38 22.91
CA GLU B 737 -12.56 -17.19 22.68
C GLU B 737 -13.38 -15.95 22.36
N LEU B 738 -14.18 -16.02 21.30
CA LEU B 738 -14.93 -14.86 20.84
C LEU B 738 -16.25 -14.68 21.57
N ASN B 739 -16.58 -15.59 22.49
CA ASN B 739 -17.69 -15.48 23.46
C ASN B 739 -19.05 -15.40 22.77
N ILE B 740 -19.15 -15.99 21.58
CA ILE B 740 -20.38 -15.90 20.79
C ILE B 740 -21.38 -16.91 21.33
N LEU B 741 -22.66 -16.50 21.41
CA LEU B 741 -23.72 -17.33 21.93
C LEU B 741 -23.95 -18.57 21.04
N PRO B 742 -24.14 -19.74 21.65
CA PRO B 742 -24.26 -20.97 20.87
C PRO B 742 -25.54 -21.08 20.06
N SER B 743 -26.56 -20.30 20.39
CA SER B 743 -27.77 -20.28 19.59
C SER B 743 -27.54 -19.68 18.21
N ARG B 744 -26.55 -18.80 18.09
CA ARG B 744 -26.16 -18.29 16.78
C ARG B 744 -25.47 -19.37 15.95
N ILE B 745 -24.84 -20.33 16.60
CA ILE B 745 -24.02 -21.32 15.90
C ILE B 745 -24.94 -22.42 15.38
N VAL B 746 -24.87 -22.72 14.10
CA VAL B 746 -25.70 -23.73 13.44
C VAL B 746 -24.80 -24.73 12.76
N PRO B 747 -24.88 -26.02 13.08
CA PRO B 747 -24.07 -27.02 12.38
C PRO B 747 -24.61 -27.33 11.00
N LEU B 748 -23.75 -27.90 10.17
CA LEU B 748 -24.08 -28.27 8.80
C LEU B 748 -23.33 -29.54 8.48
N LYS B 749 -23.98 -30.48 7.80
CA LYS B 749 -23.40 -31.81 7.63
C LYS B 749 -22.68 -31.98 6.29
N ASP B 750 -23.21 -31.38 5.21
CA ASP B 750 -22.57 -31.60 3.91
C ASP B 750 -22.51 -30.36 3.04
N GLU B 751 -21.99 -30.54 1.82
CA GLU B 751 -21.60 -29.43 0.97
C GLU B 751 -22.81 -28.69 0.39
N GLU B 752 -23.83 -29.42 -0.05
CA GLU B 752 -25.00 -28.78 -0.62
C GLU B 752 -25.81 -27.99 0.40
N GLN B 753 -25.77 -28.39 1.67
CA GLN B 753 -26.39 -27.60 2.73
C GLN B 753 -25.61 -26.33 3.06
N TYR B 754 -24.36 -26.22 2.64
CA TYR B 754 -23.64 -24.97 2.78
C TYR B 754 -24.19 -23.91 1.84
N LEU B 755 -24.82 -24.33 0.75
CA LEU B 755 -25.38 -23.40 -0.21
C LEU B 755 -26.76 -22.94 0.22
N SER B 756 -27.66 -23.89 0.49
CA SER B 756 -29.07 -23.58 0.70
C SER B 756 -29.33 -22.84 2.00
N ALA B 757 -28.46 -22.96 2.99
CA ALA B 757 -28.57 -22.13 4.18
C ALA B 757 -28.10 -20.71 3.94
N LEU B 758 -27.30 -20.49 2.89
CA LEU B 758 -26.98 -19.15 2.43
C LEU B 758 -27.81 -18.69 1.25
N GLN B 759 -28.40 -19.62 0.49
CA GLN B 759 -29.42 -19.25 -0.48
C GLN B 759 -30.63 -18.63 0.19
N ARG B 760 -31.03 -19.19 1.34
CA ARG B 760 -32.13 -18.62 2.11
C ARG B 760 -31.71 -17.38 2.89
N GLY B 761 -30.41 -17.11 2.99
CA GLY B 761 -29.93 -15.97 3.73
C GLY B 761 -30.06 -16.21 5.22
N PRO B 762 -30.04 -15.13 6.01
CA PRO B 762 -30.28 -15.28 7.45
C PRO B 762 -31.70 -15.71 7.77
N ASN B 763 -32.67 -15.27 6.98
CA ASN B 763 -34.06 -15.66 7.18
C ASN B 763 -34.32 -17.01 6.54
N ALA B 764 -35.59 -17.44 6.61
CA ALA B 764 -36.08 -18.76 6.17
C ALA B 764 -35.31 -19.89 6.83
N GLY B 765 -34.88 -19.70 8.08
CA GLY B 765 -34.14 -20.71 8.80
C GLY B 765 -32.65 -20.78 8.50
N GLY B 766 -32.19 -20.14 7.42
CA GLY B 766 -30.79 -20.25 7.04
C GLY B 766 -29.86 -19.46 7.92
N VAL B 767 -28.59 -19.43 7.51
CA VAL B 767 -27.54 -18.74 8.25
C VAL B 767 -27.07 -17.54 7.44
N ALA B 768 -26.36 -16.63 8.13
CA ALA B 768 -25.91 -15.41 7.47
C ALA B 768 -24.52 -15.59 6.86
N ALA B 769 -23.60 -16.19 7.60
CA ALA B 769 -22.22 -16.29 7.14
C ALA B 769 -21.57 -17.50 7.79
N ILE B 770 -21.04 -18.39 6.96
CA ILE B 770 -20.42 -19.62 7.42
C ILE B 770 -18.95 -19.36 7.71
N VAL B 771 -18.50 -19.74 8.89
CA VAL B 771 -17.08 -19.63 9.24
C VAL B 771 -16.46 -21.00 9.06
N ASP B 772 -15.73 -21.18 7.96
CA ASP B 772 -14.97 -22.40 7.72
C ASP B 772 -13.53 -22.04 7.38
N GLU B 773 -12.71 -23.09 7.27
CA GLU B 773 -11.29 -22.92 7.05
C GLU B 773 -11.01 -22.47 5.62
N LEU B 774 -9.84 -21.88 5.44
CA LEU B 774 -9.42 -21.39 4.12
C LEU B 774 -9.44 -22.45 3.00
N PRO B 775 -8.79 -23.66 3.14
CA PRO B 775 -8.68 -24.51 1.94
C PRO B 775 -9.97 -25.22 1.59
N TYR B 776 -10.96 -25.17 2.46
CA TYR B 776 -12.29 -25.65 2.13
C TYR B 776 -13.05 -24.66 1.27
N ILE B 777 -12.90 -23.35 1.55
CA ILE B 777 -13.65 -22.32 0.85
C ILE B 777 -13.19 -22.20 -0.60
N GLU B 778 -11.89 -22.40 -0.83
CA GLU B 778 -11.36 -22.36 -2.18
C GLU B 778 -11.91 -23.50 -3.03
N VAL B 779 -12.22 -24.64 -2.40
CA VAL B 779 -12.91 -25.72 -3.10
C VAL B 779 -14.33 -25.31 -3.45
N LEU B 780 -15.06 -24.73 -2.49
CA LEU B 780 -16.48 -24.49 -2.67
C LEU B 780 -16.76 -23.31 -3.57
N LEU B 781 -15.95 -22.25 -3.47
CA LEU B 781 -16.10 -21.11 -4.37
C LEU B 781 -15.66 -21.46 -5.80
N THR B 782 -14.80 -22.45 -5.96
CA THR B 782 -14.55 -22.98 -7.29
C THR B 782 -15.78 -23.71 -7.82
N ASN B 783 -16.49 -24.39 -6.93
CA ASN B 783 -17.64 -25.21 -7.33
C ASN B 783 -18.82 -24.36 -7.76
N SER B 784 -18.99 -23.17 -7.17
CA SER B 784 -20.15 -22.34 -7.43
C SER B 784 -19.77 -21.15 -8.32
N ASN B 785 -20.75 -20.28 -8.53
CA ASN B 785 -20.49 -18.98 -9.11
C ASN B 785 -19.98 -18.04 -8.03
N CYS B 786 -19.38 -16.92 -8.45
CA CYS B 786 -18.88 -15.94 -7.50
C CYS B 786 -20.01 -15.01 -7.02
N LYS B 787 -20.96 -15.65 -6.34
CA LYS B 787 -22.00 -14.98 -5.57
C LYS B 787 -21.68 -14.96 -4.09
N PHE B 788 -20.62 -15.64 -3.66
CA PHE B 788 -20.27 -15.82 -2.26
C PHE B 788 -18.83 -15.37 -2.06
N ARG B 789 -18.60 -14.62 -0.99
CA ARG B 789 -17.34 -13.92 -0.82
C ARG B 789 -16.72 -14.19 0.54
N THR B 790 -15.38 -14.18 0.57
CA THR B 790 -14.62 -14.13 1.81
C THR B 790 -14.56 -12.67 2.24
N VAL B 791 -15.32 -12.32 3.29
CA VAL B 791 -15.52 -10.92 3.66
C VAL B 791 -14.28 -10.24 4.21
N GLY B 792 -13.27 -10.99 4.60
CA GLY B 792 -12.05 -10.42 5.15
C GLY B 792 -10.89 -11.34 4.87
N GLN B 793 -9.98 -11.42 5.84
CA GLN B 793 -8.81 -12.26 5.73
C GLN B 793 -8.83 -13.33 6.82
N GLU B 794 -7.72 -14.06 6.90
CA GLU B 794 -7.59 -15.14 7.86
C GLU B 794 -7.38 -14.58 9.25
N PHE B 795 -8.42 -14.65 10.08
CA PHE B 795 -8.34 -14.11 11.44
C PHE B 795 -7.73 -15.11 12.42
N THR B 796 -7.57 -16.37 12.02
CA THR B 796 -6.86 -17.35 12.84
C THR B 796 -6.17 -18.30 11.86
N ARG B 797 -4.86 -18.12 11.68
CA ARG B 797 -4.09 -18.86 10.68
C ARG B 797 -3.07 -19.73 11.41
N THR B 798 -3.28 -21.05 11.40
CA THR B 798 -2.34 -21.97 11.99
C THR B 798 -1.79 -23.00 11.00
N GLY B 799 -2.64 -23.70 10.25
CA GLY B 799 -2.20 -24.77 9.37
C GLY B 799 -2.50 -26.14 9.95
N TRP B 800 -2.47 -27.13 9.06
CA TRP B 800 -2.78 -28.50 9.40
C TRP B 800 -1.56 -29.20 9.97
N GLY B 801 -1.65 -30.52 10.07
CA GLY B 801 -0.55 -31.33 10.57
C GLY B 801 -1.00 -32.73 10.83
N PHE B 802 -0.01 -33.60 11.01
CA PHE B 802 -0.27 -34.99 11.38
C PHE B 802 0.01 -35.20 12.86
N ALA B 803 -0.85 -35.97 13.51
CA ALA B 803 -0.80 -36.09 14.96
C ALA B 803 -0.36 -37.52 15.33
N PHE B 804 0.92 -37.68 15.59
CA PHE B 804 1.42 -38.89 16.21
C PHE B 804 1.07 -38.90 17.69
N GLN B 805 1.24 -40.07 18.31
CA GLN B 805 1.11 -40.18 19.75
C GLN B 805 2.27 -39.43 20.41
N ARG B 806 2.00 -38.91 21.62
CA ARG B 806 2.93 -38.01 22.29
C ARG B 806 4.21 -38.73 22.68
N ASP B 807 5.35 -38.09 22.37
CA ASP B 807 6.70 -38.58 22.63
C ASP B 807 6.96 -39.90 21.92
N SER B 808 6.61 -39.92 20.64
CA SER B 808 6.96 -41.00 19.75
C SER B 808 8.04 -40.52 18.78
N PRO B 809 9.15 -41.26 18.63
CA PRO B 809 10.22 -40.81 17.73
C PRO B 809 9.86 -40.85 16.26
N LEU B 810 8.77 -41.54 15.90
CA LEU B 810 8.31 -41.57 14.52
C LEU B 810 7.77 -40.22 14.06
N ALA B 811 7.43 -39.33 14.99
CA ALA B 811 7.02 -37.99 14.61
C ALA B 811 8.19 -37.18 14.11
N VAL B 812 9.39 -37.47 14.62
CA VAL B 812 10.54 -36.59 14.41
C VAL B 812 11.05 -36.68 12.97
N ASP B 813 11.27 -37.90 12.48
CA ASP B 813 11.76 -38.06 11.12
C ASP B 813 10.67 -37.77 10.10
N MET B 814 9.42 -38.06 10.45
CA MET B 814 8.31 -37.68 9.57
C MET B 814 8.11 -36.17 9.54
N SER B 815 8.55 -35.46 10.58
CA SER B 815 8.57 -34.00 10.53
C SER B 815 9.59 -33.50 9.52
N THR B 816 10.82 -34.05 9.56
CA THR B 816 11.87 -33.58 8.68
C THR B 816 11.63 -34.04 7.24
N ALA B 817 10.94 -35.17 7.08
CA ALA B 817 10.59 -35.65 5.75
C ALA B 817 9.62 -34.71 5.05
N ILE B 818 8.74 -34.05 5.83
CA ILE B 818 7.88 -33.02 5.26
C ILE B 818 8.69 -31.83 4.81
N LEU B 819 9.70 -31.45 5.59
CA LEU B 819 10.56 -30.32 5.23
C LEU B 819 11.38 -30.63 3.99
N GLN B 820 11.88 -31.85 3.86
CA GLN B 820 12.66 -32.22 2.69
C GLN B 820 11.78 -32.32 1.45
N LEU B 821 10.54 -32.79 1.63
CA LEU B 821 9.67 -32.98 0.47
C LEU B 821 9.06 -31.67 0.01
N SER B 822 8.85 -30.74 0.95
CA SER B 822 8.28 -29.45 0.57
C SER B 822 9.29 -28.58 -0.17
N GLU B 823 10.53 -28.57 0.32
CA GLU B 823 11.56 -27.75 -0.32
C GLU B 823 11.99 -28.34 -1.65
N GLU B 824 11.78 -29.65 -1.83
CA GLU B 824 11.97 -30.24 -3.15
C GLU B 824 10.93 -29.73 -4.14
N GLY B 825 9.72 -29.44 -3.68
CA GLY B 825 8.65 -29.03 -4.56
C GLY B 825 7.71 -30.15 -4.97
N GLU B 826 7.48 -31.13 -4.09
CA GLU B 826 6.62 -32.25 -4.41
C GLU B 826 5.20 -32.09 -3.89
N LEU B 827 5.03 -31.46 -2.72
CA LEU B 827 3.69 -31.20 -2.17
C LEU B 827 2.84 -30.37 -3.12
N GLU B 828 3.45 -29.43 -3.83
CA GLU B 828 2.72 -28.67 -4.85
C GLU B 828 2.35 -29.54 -6.03
N LYS B 829 3.21 -30.50 -6.41
CA LYS B 829 2.86 -31.39 -7.50
C LYS B 829 1.76 -32.37 -7.09
N ILE B 830 1.79 -32.79 -5.82
CA ILE B 830 0.66 -33.51 -5.24
C ILE B 830 -0.57 -32.62 -5.19
N HIS B 831 -0.37 -31.32 -4.90
CA HIS B 831 -1.48 -30.38 -4.84
C HIS B 831 -2.14 -30.18 -6.19
N ARG B 832 -1.36 -30.03 -7.27
CA ARG B 832 -1.95 -29.93 -8.60
C ARG B 832 -2.62 -31.22 -9.05
N LYS B 833 -2.23 -32.36 -8.48
CA LYS B 833 -2.88 -33.62 -8.85
C LYS B 833 -4.32 -33.67 -8.37
N TRP B 834 -4.61 -33.01 -7.25
CA TRP B 834 -5.96 -33.02 -6.70
C TRP B 834 -6.61 -31.64 -6.73
N LEU B 835 -5.97 -30.65 -6.09
CA LEU B 835 -6.50 -29.29 -6.05
C LEU B 835 -5.68 -28.39 -6.98
N ASN B 836 -6.01 -28.43 -8.26
CA ASN B 836 -5.59 -27.40 -9.20
C ASN B 836 -6.74 -26.44 -9.49
N TYR B 837 -7.58 -26.21 -8.49
CA TYR B 837 -8.90 -25.60 -8.64
C TYR B 837 -8.81 -24.13 -8.22
N LYS B 838 -8.63 -23.26 -9.21
CA LYS B 838 -8.49 -21.82 -9.02
C LYS B 838 -9.57 -21.07 -9.82
N HIS B 839 -10.59 -21.79 -10.25
CA HIS B 839 -11.60 -21.24 -11.18
C HIS B 839 -12.49 -20.27 -10.41
N GLU B 840 -12.06 -19.00 -10.39
CA GLU B 840 -12.74 -17.95 -9.63
C GLU B 840 -12.97 -16.75 -10.52
N CYS B 841 -14.24 -16.44 -10.77
CA CYS B 841 -14.62 -15.15 -11.35
C CYS B 841 -14.54 -14.09 -10.26
N SER B 842 -14.29 -12.84 -10.67
CA SER B 842 -14.10 -11.68 -9.80
C SER B 842 -13.01 -11.89 -8.75
N LEU B 853 -19.79 0.41 -13.23
CA LEU B 853 -18.97 1.17 -12.29
C LEU B 853 -19.83 1.72 -11.16
N SER B 854 -20.00 3.04 -11.13
CA SER B 854 -20.80 3.71 -10.12
C SER B 854 -21.96 4.42 -10.79
N LEU B 855 -23.12 4.39 -10.13
CA LEU B 855 -24.36 4.87 -10.69
C LEU B 855 -25.18 5.46 -9.54
N LYS B 856 -26.49 5.64 -9.75
CA LYS B 856 -27.32 6.20 -8.70
C LYS B 856 -28.74 5.64 -8.79
N SER B 857 -29.25 5.19 -7.65
CA SER B 857 -30.63 4.74 -7.55
C SER B 857 -31.12 4.96 -6.12
N PHE B 858 -32.22 5.70 -5.99
CA PHE B 858 -32.82 5.97 -4.69
C PHE B 858 -34.27 6.34 -4.93
N TRP B 859 -35.01 6.54 -3.83
CA TRP B 859 -36.43 6.83 -3.90
C TRP B 859 -36.91 7.92 -2.96
N GLY B 860 -36.03 8.56 -2.19
CA GLY B 860 -36.50 9.40 -1.09
C GLY B 860 -37.04 10.75 -1.51
N LEU B 861 -36.35 11.42 -2.42
CA LEU B 861 -36.76 12.77 -2.79
C LEU B 861 -37.99 12.73 -3.69
N PHE B 862 -38.19 11.64 -4.41
CA PHE B 862 -39.37 11.52 -5.25
C PHE B 862 -40.61 11.14 -4.47
N LEU B 863 -40.46 10.74 -3.20
CA LEU B 863 -41.61 10.67 -2.31
C LEU B 863 -42.07 12.07 -1.93
N ILE B 864 -41.13 13.00 -1.76
CA ILE B 864 -41.48 14.40 -1.53
C ILE B 864 -42.10 14.99 -2.79
N CYS B 865 -41.74 14.47 -3.96
CA CYS B 865 -42.45 14.81 -5.19
C CYS B 865 -43.90 14.29 -5.15
N GLY B 866 -44.16 13.23 -4.40
CA GLY B 866 -45.50 12.70 -4.27
C GLY B 866 -46.32 13.37 -3.18
N ILE B 867 -45.67 13.79 -2.10
CA ILE B 867 -46.37 14.40 -0.97
C ILE B 867 -46.90 15.77 -1.32
N THR B 868 -46.06 16.63 -1.89
CA THR B 868 -46.42 18.02 -2.07
C THR B 868 -47.39 18.20 -3.23
N CYS B 869 -47.27 17.38 -4.27
CA CYS B 869 -48.06 17.58 -5.48
C CYS B 869 -49.52 17.16 -5.28
N PHE B 870 -49.74 15.99 -4.64
CA PHE B 870 -51.11 15.55 -4.41
C PHE B 870 -51.79 16.36 -3.31
N MET B 871 -51.02 17.04 -2.47
CA MET B 871 -51.59 17.99 -1.54
C MET B 871 -52.22 19.18 -2.26
N ALA B 872 -51.64 19.59 -3.38
CA ALA B 872 -52.16 20.72 -4.14
C ALA B 872 -53.42 20.38 -4.93
N LEU B 873 -53.65 19.10 -5.23
CA LEU B 873 -54.88 18.71 -5.90
C LEU B 873 -56.08 18.89 -4.99
N THR B 874 -55.89 18.67 -3.68
CA THR B 874 -56.97 18.84 -2.73
C THR B 874 -57.41 20.29 -2.63
N VAL B 875 -56.45 21.21 -2.62
CA VAL B 875 -56.75 22.64 -2.56
C VAL B 875 -57.42 23.10 -3.85
N PHE B 876 -56.99 22.53 -4.99
CA PHE B 876 -57.70 22.78 -6.24
C PHE B 876 -59.07 22.14 -6.24
N PHE B 877 -59.21 20.96 -5.62
CA PHE B 877 -60.53 20.38 -5.46
C PHE B 877 -61.36 21.16 -4.45
N TRP B 878 -60.72 21.73 -3.43
CA TRP B 878 -61.44 22.57 -2.47
C TRP B 878 -61.82 23.91 -3.08
N ARG B 879 -61.06 24.37 -4.08
CA ARG B 879 -61.44 25.59 -4.77
C ARG B 879 -62.50 25.32 -5.83
N VAL B 880 -62.34 24.24 -6.59
CA VAL B 880 -63.37 23.83 -7.55
C VAL B 880 -64.52 23.15 -6.82
N ARG C 483 51.38 -12.67 -29.66
CA ARG C 483 50.78 -12.81 -28.33
C ARG C 483 50.99 -14.24 -27.83
N GLY C 484 51.55 -14.33 -26.62
CA GLY C 484 52.10 -15.56 -26.08
C GLY C 484 51.17 -16.75 -25.95
N TRP C 485 49.88 -16.49 -25.76
CA TRP C 485 48.94 -17.60 -25.62
C TRP C 485 48.70 -18.28 -26.96
N VAL C 486 48.69 -19.61 -26.93
CA VAL C 486 48.24 -20.42 -28.05
C VAL C 486 47.21 -21.40 -27.52
N PHE C 487 45.98 -21.30 -28.01
CA PHE C 487 44.97 -22.29 -27.68
C PHE C 487 45.35 -23.64 -28.30
N PRO C 488 45.41 -24.71 -27.49
CA PRO C 488 46.05 -25.95 -27.95
C PRO C 488 45.24 -26.70 -28.99
N ASN C 489 45.93 -27.63 -29.65
CA ASN C 489 45.40 -28.35 -30.80
C ASN C 489 45.00 -29.78 -30.45
N ASN C 490 44.43 -29.98 -29.27
CA ASN C 490 44.29 -31.33 -28.75
C ASN C 490 42.85 -31.84 -28.81
N GLY C 491 42.64 -33.06 -28.31
CA GLY C 491 41.38 -33.76 -28.46
C GLY C 491 40.26 -33.28 -27.59
N LYS C 492 40.53 -32.45 -26.59
CA LYS C 492 39.43 -31.90 -25.81
C LYS C 492 38.85 -30.70 -26.55
N PRO C 493 37.55 -30.67 -26.80
CA PRO C 493 36.96 -29.54 -27.51
C PRO C 493 36.68 -28.37 -26.56
N LEU C 494 36.08 -27.34 -27.13
CA LEU C 494 35.66 -26.19 -26.33
C LEU C 494 34.22 -26.42 -25.89
N ARG C 495 34.02 -26.66 -24.59
CA ARG C 495 32.69 -26.98 -24.07
C ARG C 495 31.90 -25.69 -23.91
N ILE C 496 31.24 -25.29 -25.00
CA ILE C 496 30.29 -24.18 -24.94
C ILE C 496 29.03 -24.67 -24.23
N GLY C 497 28.72 -24.04 -23.11
CA GLY C 497 27.44 -24.28 -22.47
C GLY C 497 26.37 -23.46 -23.12
N VAL C 498 25.32 -24.11 -23.58
CA VAL C 498 24.21 -23.45 -24.26
C VAL C 498 22.96 -23.62 -23.39
N PRO C 499 22.29 -22.54 -22.99
CA PRO C 499 21.02 -22.68 -22.29
C PRO C 499 19.95 -23.16 -23.24
N ASN C 500 19.03 -23.96 -22.71
CA ASN C 500 17.97 -24.56 -23.50
C ASN C 500 16.73 -23.70 -23.31
N ARG C 501 16.59 -22.69 -24.17
CA ARG C 501 15.54 -21.69 -24.02
C ARG C 501 14.24 -22.20 -24.60
N VAL C 502 13.18 -22.12 -23.81
CA VAL C 502 11.83 -22.39 -24.28
C VAL C 502 11.20 -21.16 -24.91
N SER C 503 11.14 -20.06 -24.18
CA SER C 503 10.70 -18.79 -24.74
C SER C 503 11.92 -18.03 -25.24
N TYR C 504 11.67 -17.13 -26.20
CA TYR C 504 12.70 -16.30 -26.85
C TYR C 504 13.78 -17.16 -27.49
N THR C 505 13.35 -17.93 -28.49
CA THR C 505 14.23 -18.79 -29.25
C THR C 505 15.01 -18.05 -30.33
N ASP C 506 14.91 -16.72 -30.36
CA ASP C 506 15.60 -15.92 -31.36
C ASP C 506 17.01 -15.54 -30.89
N TYR C 507 17.25 -15.56 -29.59
CA TYR C 507 18.59 -15.27 -29.09
C TYR C 507 19.46 -16.52 -29.09
N VAL C 508 18.94 -17.61 -28.53
CA VAL C 508 19.65 -18.89 -28.45
C VAL C 508 18.60 -19.98 -28.28
N SER C 509 18.81 -21.11 -28.98
CA SER C 509 17.79 -22.15 -29.07
C SER C 509 18.41 -23.45 -29.54
N LYS C 510 17.73 -24.54 -29.22
CA LYS C 510 18.05 -25.85 -29.78
C LYS C 510 17.74 -25.85 -31.28
N ASP C 511 18.49 -26.64 -32.04
CA ASP C 511 18.27 -26.70 -33.47
C ASP C 511 18.58 -28.09 -33.98
N LYS C 512 18.03 -28.42 -35.14
CA LYS C 512 18.22 -29.72 -35.78
C LYS C 512 19.38 -29.73 -36.78
N ASN C 513 20.24 -28.73 -36.76
CA ASN C 513 21.26 -28.58 -37.78
C ASN C 513 22.59 -29.19 -37.34
N PRO C 514 23.55 -29.37 -38.26
CA PRO C 514 24.88 -29.89 -37.85
C PRO C 514 25.67 -28.98 -36.92
N PRO C 515 25.48 -27.64 -36.87
CA PRO C 515 26.00 -26.94 -35.69
C PRO C 515 25.20 -27.23 -34.43
N GLY C 516 23.88 -27.37 -34.56
CA GLY C 516 23.05 -27.86 -33.47
C GLY C 516 22.28 -26.80 -32.73
N VAL C 517 22.71 -25.54 -32.80
CA VAL C 517 22.09 -24.47 -32.03
C VAL C 517 21.70 -23.35 -32.97
N ARG C 518 20.73 -22.55 -32.54
CA ARG C 518 20.19 -21.51 -33.40
C ARG C 518 19.86 -20.30 -32.54
N GLY C 519 20.04 -19.12 -33.09
CA GLY C 519 19.64 -17.91 -32.43
C GLY C 519 20.51 -16.75 -32.87
N TYR C 520 20.60 -15.76 -31.99
CA TYR C 520 21.36 -14.55 -32.23
C TYR C 520 22.78 -14.62 -31.69
N CYS C 521 22.93 -14.81 -30.38
CA CYS C 521 24.22 -14.78 -29.72
C CYS C 521 25.11 -15.95 -30.12
N ILE C 522 24.52 -17.01 -30.67
CA ILE C 522 25.29 -18.06 -31.33
C ILE C 522 26.12 -17.48 -32.45
N ASP C 523 25.49 -16.83 -33.42
CA ASP C 523 26.18 -16.26 -34.56
C ASP C 523 27.06 -15.09 -34.18
N VAL C 524 26.72 -14.40 -33.09
CA VAL C 524 27.64 -13.43 -32.50
C VAL C 524 28.91 -14.13 -32.05
N PHE C 525 28.76 -15.25 -31.35
CA PHE C 525 29.92 -16.04 -30.97
C PHE C 525 30.58 -16.68 -32.18
N GLU C 526 29.80 -17.00 -33.23
CA GLU C 526 30.38 -17.52 -34.45
C GLU C 526 31.25 -16.49 -35.13
N ALA C 527 30.75 -15.25 -35.23
CA ALA C 527 31.49 -14.18 -35.89
C ALA C 527 32.72 -13.74 -35.11
N ALA C 528 32.79 -14.05 -33.82
CA ALA C 528 33.97 -13.73 -33.04
C ALA C 528 35.13 -14.67 -33.35
N ILE C 529 34.84 -15.81 -33.98
CA ILE C 529 35.88 -16.80 -34.24
C ILE C 529 36.81 -16.33 -35.35
N GLU C 530 36.25 -15.80 -36.44
CA GLU C 530 37.04 -15.40 -37.60
C GLU C 530 37.87 -14.15 -37.33
N LEU C 531 37.56 -13.39 -36.29
CA LEU C 531 38.43 -12.29 -35.91
C LEU C 531 39.68 -12.78 -35.20
N LEU C 532 39.61 -13.95 -34.59
CA LEU C 532 40.78 -14.55 -33.99
C LEU C 532 41.52 -15.40 -35.01
N PRO C 533 42.85 -15.42 -34.98
CA PRO C 533 43.61 -16.28 -35.88
C PRO C 533 43.62 -17.75 -35.50
N TYR C 534 42.90 -18.14 -34.45
CA TYR C 534 42.86 -19.53 -34.00
C TYR C 534 41.81 -20.28 -34.79
N PRO C 535 42.15 -21.34 -35.52
CA PRO C 535 41.12 -22.30 -35.92
C PRO C 535 40.65 -23.08 -34.69
N VAL C 536 39.40 -22.85 -34.28
CA VAL C 536 38.92 -23.33 -32.99
C VAL C 536 37.95 -24.49 -33.24
N PRO C 537 38.29 -25.71 -32.84
CA PRO C 537 37.28 -26.75 -32.70
C PRO C 537 36.52 -26.56 -31.40
N ARG C 538 35.29 -27.03 -31.39
CA ARG C 538 34.39 -26.76 -30.28
C ARG C 538 33.22 -27.73 -30.31
N THR C 539 32.37 -27.63 -29.29
CA THR C 539 31.14 -28.38 -29.21
C THR C 539 30.04 -27.48 -28.65
N TYR C 540 28.82 -27.99 -28.67
CA TYR C 540 27.66 -27.26 -28.15
C TYR C 540 26.85 -28.20 -27.27
N ILE C 541 26.72 -27.84 -26.00
CA ILE C 541 26.00 -28.65 -25.05
C ILE C 541 24.78 -27.87 -24.57
N LEU C 542 23.60 -28.41 -24.82
CA LEU C 542 22.40 -27.83 -24.25
C LEU C 542 22.35 -28.10 -22.76
N TYR C 543 21.85 -27.13 -22.02
CA TYR C 543 21.93 -27.19 -20.57
C TYR C 543 20.62 -27.55 -19.89
N GLY C 544 19.56 -26.79 -20.14
CA GLY C 544 18.28 -27.01 -19.49
C GLY C 544 17.48 -28.09 -20.20
N ASP C 545 16.28 -28.29 -19.68
CA ASP C 545 15.34 -29.21 -20.31
C ASP C 545 14.60 -28.51 -21.45
N GLY C 546 13.70 -29.26 -22.06
CA GLY C 546 12.80 -28.70 -23.05
C GLY C 546 11.48 -28.24 -22.50
N LYS C 547 11.38 -28.03 -21.19
CA LYS C 547 10.13 -27.65 -20.55
C LYS C 547 10.10 -26.22 -20.05
N ARG C 548 11.17 -25.72 -19.45
CA ARG C 548 11.22 -24.37 -18.91
C ARG C 548 12.62 -23.81 -19.11
N ASN C 549 12.76 -22.54 -18.80
CA ASN C 549 14.05 -21.88 -18.99
C ASN C 549 15.02 -22.32 -17.90
N PRO C 550 16.29 -22.57 -18.24
CA PRO C 550 17.25 -23.03 -17.26
C PRO C 550 17.72 -21.90 -16.34
N SER C 551 17.96 -22.26 -15.08
CA SER C 551 18.48 -21.32 -14.10
C SER C 551 19.92 -20.99 -14.45
N TYR C 552 20.17 -19.73 -14.81
CA TYR C 552 21.51 -19.35 -15.23
C TYR C 552 22.50 -19.34 -14.09
N ASP C 553 22.05 -19.15 -12.86
CA ASP C 553 22.96 -19.22 -11.72
C ASP C 553 23.44 -20.64 -11.51
N ASN C 554 22.61 -21.63 -11.83
CA ASN C 554 23.09 -22.99 -11.96
C ASN C 554 23.98 -23.17 -13.18
N LEU C 555 23.72 -22.44 -14.27
CA LEU C 555 24.55 -22.53 -15.46
C LEU C 555 25.91 -21.89 -15.23
N VAL C 556 25.94 -20.75 -14.54
CA VAL C 556 27.20 -20.12 -14.15
C VAL C 556 28.00 -21.01 -13.21
N ASN C 557 27.32 -21.69 -12.28
CA ASN C 557 27.97 -22.64 -11.39
C ASN C 557 28.59 -23.79 -12.16
N GLU C 558 27.98 -24.22 -13.26
CA GLU C 558 28.55 -25.26 -14.10
C GLU C 558 29.74 -24.78 -14.91
N VAL C 559 29.95 -23.47 -15.00
CA VAL C 559 31.19 -22.92 -15.51
C VAL C 559 32.23 -22.81 -14.40
N VAL C 560 31.77 -22.54 -13.18
CA VAL C 560 32.65 -22.57 -12.01
C VAL C 560 33.17 -23.98 -11.77
N ALA C 561 32.29 -24.96 -11.89
CA ALA C 561 32.62 -26.36 -11.63
C ALA C 561 33.42 -27.01 -12.75
N ASP C 562 33.76 -26.27 -13.81
CA ASP C 562 34.64 -26.68 -14.90
C ASP C 562 34.07 -27.86 -15.70
N ASN C 563 32.77 -28.07 -15.61
CA ASN C 563 32.11 -28.98 -16.55
C ASN C 563 32.06 -28.36 -17.93
N PHE C 564 32.03 -27.04 -18.01
CA PHE C 564 32.03 -26.30 -19.26
C PHE C 564 33.26 -25.42 -19.31
N ASP C 565 33.62 -25.03 -20.52
CA ASP C 565 34.71 -24.08 -20.70
C ASP C 565 34.20 -22.64 -20.79
N VAL C 566 32.99 -22.47 -21.32
CA VAL C 566 32.47 -21.15 -21.67
C VAL C 566 30.94 -21.24 -21.76
N ALA C 567 30.24 -20.26 -21.21
CA ALA C 567 28.80 -20.15 -21.36
C ALA C 567 28.51 -19.05 -22.37
N VAL C 568 27.80 -19.38 -23.44
CA VAL C 568 27.43 -18.43 -24.47
C VAL C 568 25.91 -18.33 -24.48
N GLY C 569 25.39 -17.12 -24.31
CA GLY C 569 23.96 -16.92 -24.33
C GLY C 569 23.53 -15.56 -23.84
N ASP C 570 22.45 -15.52 -23.06
CA ASP C 570 21.86 -14.28 -22.57
C ASP C 570 22.31 -13.98 -21.15
N ILE C 571 23.56 -14.30 -20.84
CA ILE C 571 24.06 -14.19 -19.48
C ILE C 571 24.26 -12.72 -19.14
N THR C 572 23.54 -12.25 -18.13
CA THR C 572 23.56 -10.87 -17.71
C THR C 572 24.66 -10.68 -16.69
N ILE C 573 25.42 -9.60 -16.81
CA ILE C 573 26.54 -9.35 -15.90
C ILE C 573 25.96 -8.84 -14.56
N VAL C 574 25.95 -9.71 -13.55
CA VAL C 574 25.44 -9.40 -12.23
C VAL C 574 26.64 -9.49 -11.28
N THR C 575 26.52 -8.81 -10.14
CA THR C 575 27.69 -8.54 -9.30
C THR C 575 28.26 -9.78 -8.64
N ASN C 576 27.45 -10.83 -8.41
CA ASN C 576 28.12 -12.07 -8.03
C ASN C 576 28.80 -12.70 -9.22
N ARG C 577 28.15 -12.63 -10.38
CA ARG C 577 28.63 -13.33 -11.57
C ARG C 577 29.95 -12.77 -12.03
N THR C 578 30.16 -11.46 -11.84
CA THR C 578 31.46 -10.86 -12.09
C THR C 578 32.52 -11.42 -11.14
N ARG C 579 32.12 -11.75 -9.91
CA ARG C 579 33.11 -12.19 -8.92
C ARG C 579 33.58 -13.61 -9.18
N TYR C 580 32.67 -14.51 -9.56
CA TYR C 580 33.01 -15.92 -9.60
C TYR C 580 33.54 -16.39 -10.95
N VAL C 581 33.13 -15.77 -12.06
CA VAL C 581 33.70 -16.08 -13.37
C VAL C 581 34.17 -14.78 -14.01
N ASP C 582 34.69 -14.88 -15.23
CA ASP C 582 35.13 -13.73 -15.98
C ASP C 582 34.25 -13.54 -17.21
N PHE C 583 33.91 -12.28 -17.48
CA PHE C 583 33.09 -11.93 -18.63
C PHE C 583 33.92 -11.24 -19.68
N THR C 584 33.28 -11.02 -20.82
CA THR C 584 33.84 -10.18 -21.87
C THR C 584 33.39 -8.75 -21.64
N GLN C 585 33.67 -7.89 -22.60
CA GLN C 585 32.94 -6.64 -22.67
C GLN C 585 31.54 -6.92 -23.16
N PRO C 586 30.56 -6.11 -22.75
CA PRO C 586 29.18 -6.32 -23.23
C PRO C 586 29.02 -6.04 -24.72
N PHE C 587 28.79 -7.10 -25.49
CA PHE C 587 28.43 -7.00 -26.90
C PHE C 587 27.10 -6.30 -27.11
N ILE C 588 26.19 -6.37 -26.15
CA ILE C 588 24.91 -5.69 -26.21
C ILE C 588 24.65 -5.13 -24.81
N GLU C 589 23.78 -4.13 -24.74
CA GLU C 589 23.35 -3.56 -23.48
C GLU C 589 21.92 -4.01 -23.21
N SER C 590 21.54 -3.97 -21.93
CA SER C 590 20.20 -4.37 -21.52
C SER C 590 19.88 -3.72 -20.20
N GLY C 591 18.59 -3.63 -19.90
CA GLY C 591 18.15 -3.07 -18.64
C GLY C 591 16.82 -3.67 -18.23
N LEU C 592 16.65 -3.83 -16.93
CA LEU C 592 15.38 -4.31 -16.39
C LEU C 592 14.31 -3.25 -16.56
N VAL C 593 13.19 -3.64 -17.18
CA VAL C 593 12.10 -2.72 -17.41
C VAL C 593 10.87 -3.23 -16.69
N VAL C 594 9.79 -2.45 -16.71
CA VAL C 594 8.50 -2.84 -16.19
C VAL C 594 7.52 -2.76 -17.36
N VAL C 595 7.06 -3.91 -17.84
CA VAL C 595 6.04 -3.95 -18.88
C VAL C 595 4.70 -4.14 -18.20
N ALA C 596 3.68 -3.46 -18.71
CA ALA C 596 2.44 -3.27 -17.98
C ALA C 596 1.34 -2.92 -18.99
N PRO C 597 0.08 -3.19 -18.66
CA PRO C 597 -1.01 -2.77 -19.55
C PRO C 597 -1.16 -1.26 -19.60
N VAL C 598 -1.52 -0.78 -20.79
CA VAL C 598 -1.66 0.65 -21.04
C VAL C 598 -2.98 1.14 -20.50
N LYS C 599 -3.15 2.45 -20.43
CA LYS C 599 -4.40 3.06 -19.98
C LYS C 599 -5.38 3.11 -21.14
N GLU C 600 -6.57 2.54 -20.93
CA GLU C 600 -7.66 2.63 -21.89
C GLU C 600 -8.73 3.52 -21.27
N ALA C 601 -8.76 4.78 -21.71
CA ALA C 601 -9.71 5.76 -21.19
C ALA C 601 -10.77 6.00 -22.23
N LYS C 602 -12.03 5.98 -21.80
CA LYS C 602 -13.16 6.00 -22.71
C LYS C 602 -13.58 7.44 -23.03
N SER C 603 -14.19 7.60 -24.21
CA SER C 603 -14.65 8.92 -24.66
C SER C 603 -15.88 8.69 -25.52
N SER C 604 -17.03 9.14 -25.06
CA SER C 604 -18.30 8.88 -25.71
C SER C 604 -19.34 9.84 -25.15
N PRO C 605 -20.48 10.01 -25.84
CA PRO C 605 -21.65 10.62 -25.19
C PRO C 605 -22.21 9.75 -24.07
N TRP C 606 -21.95 8.44 -24.09
CA TRP C 606 -22.24 7.59 -22.94
C TRP C 606 -21.42 8.01 -21.73
N SER C 607 -20.15 8.40 -21.96
CA SER C 607 -19.31 8.87 -20.88
C SER C 607 -19.82 10.18 -20.28
N PHE C 608 -20.49 10.98 -21.11
CA PHE C 608 -21.15 12.18 -20.59
C PHE C 608 -22.30 11.81 -19.66
N LEU C 609 -23.24 11.00 -20.14
CA LEU C 609 -24.41 10.60 -19.37
C LEU C 609 -24.13 9.46 -18.40
N LYS C 610 -22.86 9.12 -18.20
CA LYS C 610 -22.48 8.05 -17.28
C LYS C 610 -22.97 8.14 -15.83
N PRO C 611 -22.81 9.25 -15.08
CA PRO C 611 -22.86 9.14 -13.61
C PRO C 611 -24.21 8.81 -13.00
N PHE C 612 -25.30 8.87 -13.75
CA PHE C 612 -26.57 8.33 -13.28
C PHE C 612 -26.91 7.07 -14.07
N THR C 613 -27.79 6.26 -13.48
CA THR C 613 -28.27 5.06 -14.15
C THR C 613 -29.20 5.47 -15.30
N ILE C 614 -29.33 4.58 -16.29
CA ILE C 614 -30.23 4.81 -17.41
C ILE C 614 -31.67 4.93 -16.93
N GLU C 615 -32.03 4.22 -15.85
CA GLU C 615 -33.33 4.45 -15.23
C GLU C 615 -33.40 5.79 -14.51
N MET C 616 -32.26 6.38 -14.15
CA MET C 616 -32.28 7.64 -13.42
C MET C 616 -32.41 8.84 -14.34
N TRP C 617 -31.80 8.79 -15.53
CA TRP C 617 -31.89 9.92 -16.47
C TRP C 617 -33.29 10.11 -17.02
N ALA C 618 -34.13 9.06 -16.99
CA ALA C 618 -35.50 9.21 -17.45
C ALA C 618 -36.42 9.68 -16.33
N VAL C 619 -36.18 9.24 -15.10
CA VAL C 619 -37.04 9.63 -13.98
C VAL C 619 -36.78 11.07 -13.59
N THR C 620 -35.53 11.50 -13.64
CA THR C 620 -35.19 12.88 -13.27
C THR C 620 -35.76 13.88 -14.28
N GLY C 621 -35.61 13.59 -15.57
CA GLY C 621 -36.33 14.35 -16.58
C GLY C 621 -37.82 14.12 -16.54
N GLY C 622 -38.25 12.96 -16.03
CA GLY C 622 -39.67 12.68 -15.91
C GLY C 622 -40.33 13.52 -14.82
N PHE C 623 -39.63 13.76 -13.72
CA PHE C 623 -40.14 14.59 -12.64
C PHE C 623 -39.70 16.04 -12.76
N PHE C 624 -39.37 16.49 -13.96
CA PHE C 624 -39.45 17.89 -14.33
C PHE C 624 -40.80 18.23 -14.94
N LEU C 625 -41.25 17.46 -15.94
CA LEU C 625 -42.55 17.68 -16.55
C LEU C 625 -43.68 17.29 -15.59
N PHE C 626 -43.41 16.36 -14.67
CA PHE C 626 -44.39 16.02 -13.65
C PHE C 626 -44.66 17.20 -12.72
N VAL C 627 -43.62 17.99 -12.43
CA VAL C 627 -43.81 19.24 -11.71
C VAL C 627 -44.40 20.28 -12.64
N GLY C 628 -43.94 20.32 -13.89
CA GLY C 628 -44.40 21.31 -14.85
C GLY C 628 -45.85 21.12 -15.26
N ALA C 629 -46.34 19.87 -15.24
CA ALA C 629 -47.77 19.63 -15.47
C ALA C 629 -48.62 20.18 -14.35
N MET C 630 -48.06 20.33 -13.15
CA MET C 630 -48.81 20.96 -12.07
C MET C 630 -48.81 22.48 -12.21
N VAL C 631 -47.85 23.02 -12.96
CA VAL C 631 -47.81 24.45 -13.21
C VAL C 631 -48.91 24.84 -14.19
N TRP C 632 -49.30 23.92 -15.08
CA TRP C 632 -50.45 24.13 -15.95
C TRP C 632 -51.73 24.30 -15.14
N ILE C 633 -51.88 23.51 -14.08
CA ILE C 633 -53.05 23.59 -13.24
C ILE C 633 -53.02 24.87 -12.41
N LEU C 634 -51.82 25.39 -12.13
CA LEU C 634 -51.71 26.72 -11.54
C LEU C 634 -52.10 27.81 -12.54
N GLU C 635 -51.95 27.55 -13.83
CA GLU C 635 -52.32 28.52 -14.85
C GLU C 635 -53.76 28.30 -15.31
N GLN C 649 -48.35 21.77 -29.41
CA GLN C 649 -46.99 22.16 -29.07
C GLN C 649 -46.88 23.66 -28.89
N LEU C 650 -47.59 24.42 -29.74
CA LEU C 650 -47.61 25.87 -29.62
C LEU C 650 -48.32 26.35 -28.37
N ILE C 651 -49.26 25.55 -27.85
CA ILE C 651 -49.86 25.86 -26.56
C ILE C 651 -48.91 25.46 -25.43
N THR C 652 -48.13 24.39 -25.64
CA THR C 652 -47.27 23.87 -24.58
C THR C 652 -46.07 24.76 -24.32
N ILE C 653 -45.72 25.65 -25.27
CA ILE C 653 -44.52 26.48 -25.11
C ILE C 653 -44.75 27.63 -24.14
N PHE C 654 -46.00 27.89 -23.74
CA PHE C 654 -46.29 29.03 -22.87
C PHE C 654 -45.76 28.82 -21.46
N TRP C 655 -45.72 27.57 -20.99
CA TRP C 655 -45.30 27.31 -19.61
C TRP C 655 -43.79 27.48 -19.45
N PHE C 656 -43.03 27.35 -20.55
CA PHE C 656 -41.61 27.61 -20.50
C PHE C 656 -41.31 29.08 -20.23
N SER C 657 -42.21 29.98 -20.61
CA SER C 657 -42.06 31.39 -20.27
C SER C 657 -42.30 31.63 -18.78
N PHE C 658 -43.22 30.88 -18.18
CA PHE C 658 -43.57 31.08 -16.78
C PHE C 658 -42.66 30.31 -15.82
N SER C 659 -41.88 29.36 -16.32
CA SER C 659 -40.96 28.58 -15.50
C SER C 659 -39.56 29.17 -15.51
N THR C 660 -39.44 30.48 -15.77
CA THR C 660 -38.12 31.11 -15.86
C THR C 660 -37.54 31.37 -14.48
N MET C 661 -38.20 32.21 -13.70
CA MET C 661 -37.70 32.59 -12.39
C MET C 661 -38.83 32.70 -11.37
N SER C 672 -48.21 32.50 -4.34
CA SER C 672 -49.37 31.63 -4.28
C SER C 672 -48.95 30.20 -3.97
N LEU C 673 -49.81 29.25 -4.34
CA LEU C 673 -49.55 27.84 -4.08
C LEU C 673 -48.59 27.23 -5.08
N GLY C 674 -48.63 27.65 -6.34
CA GLY C 674 -47.68 27.16 -7.32
C GLY C 674 -46.28 27.67 -7.09
N ARG C 675 -46.14 28.81 -6.42
CA ARG C 675 -44.81 29.25 -5.99
C ARG C 675 -44.25 28.33 -4.91
N PHE C 676 -45.12 27.76 -4.07
CA PHE C 676 -44.68 26.76 -3.11
C PHE C 676 -44.28 25.47 -3.80
N VAL C 677 -44.91 25.16 -4.94
CA VAL C 677 -44.46 24.05 -5.77
C VAL C 677 -43.08 24.33 -6.34
N LEU C 678 -42.84 25.59 -6.73
CA LEU C 678 -41.55 25.99 -7.26
C LEU C 678 -40.42 25.90 -6.23
N ILE C 679 -40.72 26.17 -4.95
CA ILE C 679 -39.70 26.16 -3.91
C ILE C 679 -39.18 24.75 -3.69
N ILE C 680 -40.08 23.78 -3.64
CA ILE C 680 -39.66 22.40 -3.45
C ILE C 680 -38.97 21.88 -4.71
N TRP C 681 -39.47 22.28 -5.88
CA TRP C 681 -38.80 21.96 -7.13
C TRP C 681 -37.43 22.61 -7.24
N LEU C 682 -37.23 23.75 -6.56
CA LEU C 682 -35.89 24.32 -6.48
C LEU C 682 -34.95 23.42 -5.70
N PHE C 683 -35.42 22.89 -4.57
CA PHE C 683 -34.63 21.95 -3.77
C PHE C 683 -34.39 20.64 -4.49
N VAL C 684 -35.20 20.29 -5.49
CA VAL C 684 -34.91 19.16 -6.35
C VAL C 684 -33.61 19.38 -7.10
N VAL C 685 -33.54 20.49 -7.84
CA VAL C 685 -32.43 20.77 -8.74
C VAL C 685 -31.12 20.98 -7.99
N LEU C 686 -31.19 21.60 -6.80
CA LEU C 686 -30.02 21.84 -5.98
C LEU C 686 -29.31 20.57 -5.55
N ILE C 687 -30.05 19.51 -5.24
CA ILE C 687 -29.45 18.24 -4.88
C ILE C 687 -28.94 17.50 -6.11
N ILE C 688 -29.75 17.46 -7.17
CA ILE C 688 -29.34 16.86 -8.43
C ILE C 688 -28.16 17.60 -9.06
N ASN C 689 -28.01 18.90 -8.75
CA ASN C 689 -26.75 19.58 -9.01
C ASN C 689 -25.60 18.89 -8.26
N SER C 690 -25.74 18.73 -6.95
CA SER C 690 -24.68 18.10 -6.16
C SER C 690 -24.62 16.59 -6.38
N SER C 691 -25.73 15.95 -6.74
CA SER C 691 -25.72 14.52 -7.01
C SER C 691 -24.99 14.19 -8.30
N TYR C 692 -25.19 14.98 -9.35
CA TYR C 692 -24.39 14.80 -10.54
C TYR C 692 -22.95 15.20 -10.29
N THR C 693 -22.73 16.18 -9.41
CA THR C 693 -21.39 16.64 -9.11
C THR C 693 -20.58 15.56 -8.41
N ALA C 694 -21.18 14.89 -7.42
CA ALA C 694 -20.50 13.82 -6.71
C ALA C 694 -20.26 12.61 -7.59
N SER C 695 -21.31 12.15 -8.29
CA SER C 695 -21.22 10.94 -9.08
C SER C 695 -20.33 11.09 -10.29
N LEU C 696 -20.09 12.31 -10.77
CA LEU C 696 -19.08 12.49 -11.80
C LEU C 696 -17.70 12.65 -11.19
N THR C 697 -17.61 13.21 -9.98
CA THR C 697 -16.33 13.29 -9.28
C THR C 697 -15.83 11.91 -8.90
N SER C 698 -16.72 11.09 -8.33
CA SER C 698 -16.37 9.74 -7.88
C SER C 698 -15.96 8.83 -9.02
N ILE C 699 -16.40 9.07 -10.24
CA ILE C 699 -15.87 8.35 -11.38
C ILE C 699 -14.53 8.92 -11.83
N LEU C 700 -14.41 10.24 -11.85
CA LEU C 700 -13.14 10.86 -12.21
C LEU C 700 -12.08 10.76 -11.13
N THR C 701 -12.44 10.27 -9.94
CA THR C 701 -11.44 10.08 -8.90
C THR C 701 -10.90 8.65 -8.91
N ILE C 702 -11.80 7.67 -8.95
CA ILE C 702 -11.41 6.25 -8.94
C ILE C 702 -10.67 5.88 -10.22
N ARG C 703 -11.00 6.53 -11.34
CA ARG C 703 -10.23 6.39 -12.56
C ARG C 703 -8.79 6.82 -12.37
N GLN C 704 -8.56 7.86 -11.56
CA GLN C 704 -7.20 8.29 -11.29
C GLN C 704 -6.55 7.43 -10.21
N LEU C 705 -7.31 7.05 -9.19
CA LEU C 705 -6.77 6.31 -8.05
C LEU C 705 -6.89 4.81 -8.18
N THR C 706 -6.89 4.29 -9.41
CA THR C 706 -6.88 2.85 -9.59
C THR C 706 -5.49 2.27 -9.34
N SER C 707 -5.36 0.96 -9.54
CA SER C 707 -4.09 0.29 -9.38
C SER C 707 -3.19 0.67 -10.55
N ARG C 708 -2.30 1.63 -10.31
CA ARG C 708 -1.43 2.19 -11.33
C ARG C 708 0.02 2.04 -10.90
N ILE C 709 0.91 2.04 -11.89
CA ILE C 709 2.35 1.96 -11.67
C ILE C 709 3.04 2.87 -12.69
N GLU C 710 3.95 3.72 -12.19
CA GLU C 710 4.70 4.63 -13.03
C GLU C 710 6.20 4.48 -12.79
N GLY C 711 6.62 3.28 -12.43
CA GLY C 711 8.02 3.04 -12.14
C GLY C 711 8.14 1.83 -11.25
N ILE C 712 9.40 1.50 -10.93
CA ILE C 712 9.65 0.37 -10.05
C ILE C 712 9.22 0.69 -8.61
N ASP C 713 9.31 1.97 -8.20
CA ASP C 713 8.94 2.35 -6.85
C ASP C 713 7.44 2.24 -6.62
N SER C 714 6.63 2.52 -7.64
CA SER C 714 5.21 2.24 -7.53
C SER C 714 4.94 0.74 -7.49
N LEU C 715 5.76 -0.05 -8.16
CA LEU C 715 5.55 -1.48 -8.22
C LEU C 715 6.07 -2.19 -6.98
N VAL C 716 6.97 -1.57 -6.23
CA VAL C 716 7.40 -2.17 -4.96
C VAL C 716 6.35 -1.97 -3.89
N THR C 717 5.93 -0.73 -3.69
CA THR C 717 5.07 -0.37 -2.57
C THR C 717 3.61 -0.74 -2.77
N SER C 718 3.24 -1.29 -3.93
CA SER C 718 1.84 -1.60 -4.19
C SER C 718 1.42 -2.97 -3.69
N ASN C 719 2.33 -3.72 -3.06
CA ASN C 719 2.26 -5.09 -2.54
C ASN C 719 1.42 -6.05 -3.39
N GLU C 720 1.59 -5.98 -4.71
CA GLU C 720 0.90 -6.76 -5.72
C GLU C 720 1.77 -7.92 -6.20
N PRO C 721 1.18 -8.97 -6.77
CA PRO C 721 2.00 -9.99 -7.43
C PRO C 721 2.69 -9.46 -8.68
N ILE C 722 3.97 -9.78 -8.81
CA ILE C 722 4.80 -9.37 -9.93
C ILE C 722 5.26 -10.63 -10.65
N GLY C 723 5.13 -10.64 -11.98
CA GLY C 723 5.58 -11.78 -12.75
C GLY C 723 7.03 -11.63 -13.19
N VAL C 724 7.75 -12.75 -13.20
CA VAL C 724 9.08 -12.84 -13.76
C VAL C 724 9.15 -14.09 -14.62
N GLN C 725 10.26 -14.24 -15.33
CA GLN C 725 10.48 -15.49 -16.03
C GLN C 725 11.19 -16.48 -15.11
N ASP C 726 11.36 -17.69 -15.60
CA ASP C 726 11.91 -18.79 -14.81
C ASP C 726 13.42 -18.85 -14.96
N GLY C 727 14.09 -19.00 -13.82
CA GLY C 727 15.54 -19.14 -13.79
C GLY C 727 16.30 -17.88 -14.18
N THR C 728 15.98 -16.77 -13.54
CA THR C 728 16.63 -15.51 -13.84
C THR C 728 17.19 -14.94 -12.55
N PHE C 729 18.04 -13.93 -12.70
CA PHE C 729 18.56 -13.20 -11.54
C PHE C 729 17.51 -12.32 -10.91
N ALA C 730 16.50 -11.89 -11.70
CA ALA C 730 15.56 -10.87 -11.26
C ALA C 730 14.68 -11.34 -10.11
N ARG C 731 14.48 -12.65 -9.99
CA ARG C 731 13.82 -13.17 -8.80
C ARG C 731 14.66 -12.94 -7.56
N ASN C 732 15.93 -13.30 -7.61
CA ASN C 732 16.84 -13.12 -6.49
C ASN C 732 17.40 -11.70 -6.44
N TYR C 733 17.10 -10.87 -7.44
CA TYR C 733 17.45 -9.46 -7.39
C TYR C 733 16.39 -8.63 -6.69
N LEU C 734 15.12 -8.89 -6.95
CA LEU C 734 14.04 -8.11 -6.34
C LEU C 734 13.87 -8.47 -4.87
N ILE C 735 14.23 -9.71 -4.50
CA ILE C 735 14.25 -10.06 -3.09
C ILE C 735 15.38 -9.34 -2.37
N ASN C 736 16.61 -9.52 -2.86
CA ASN C 736 17.78 -9.12 -2.10
C ASN C 736 18.03 -7.62 -2.17
N GLU C 737 17.41 -6.92 -3.11
CA GLU C 737 17.64 -5.48 -3.22
C GLU C 737 16.40 -4.65 -3.01
N LEU C 738 15.30 -5.01 -3.66
CA LEU C 738 14.13 -4.14 -3.68
C LEU C 738 13.22 -4.34 -2.47
N ASN C 739 13.54 -5.31 -1.60
CA ASN C 739 12.77 -5.66 -0.41
C ASN C 739 11.32 -6.02 -0.78
N ILE C 740 11.21 -7.09 -1.55
CA ILE C 740 9.94 -7.61 -2.02
C ILE C 740 9.74 -9.00 -1.44
N LEU C 741 8.53 -9.28 -0.95
CA LEU C 741 8.22 -10.59 -0.43
C LEU C 741 8.25 -11.64 -1.55
N PRO C 742 8.73 -12.85 -1.26
CA PRO C 742 8.79 -13.88 -2.30
C PRO C 742 7.44 -14.38 -2.78
N SER C 743 6.37 -14.16 -2.00
CA SER C 743 5.05 -14.60 -2.44
C SER C 743 4.45 -13.69 -3.49
N ARG C 744 4.98 -12.47 -3.64
CA ARG C 744 4.56 -11.63 -4.76
C ARG C 744 5.16 -12.13 -6.07
N ILE C 745 6.40 -12.54 -6.04
CA ILE C 745 7.16 -12.82 -7.25
C ILE C 745 6.74 -14.18 -7.80
N VAL C 746 6.20 -14.19 -9.00
CA VAL C 746 5.65 -15.38 -9.63
C VAL C 746 6.48 -15.67 -10.88
N PRO C 747 7.20 -16.78 -10.94
CA PRO C 747 7.86 -17.17 -12.19
C PRO C 747 6.85 -17.71 -13.20
N LEU C 748 7.22 -17.60 -14.47
CA LEU C 748 6.31 -17.95 -15.56
C LEU C 748 7.16 -18.58 -16.66
N LYS C 749 6.62 -19.58 -17.36
CA LYS C 749 7.48 -20.39 -18.22
C LYS C 749 7.68 -19.81 -19.62
N ASP C 750 6.61 -19.49 -20.35
CA ASP C 750 6.74 -19.19 -21.77
C ASP C 750 5.87 -17.99 -22.18
N GLU C 751 6.16 -17.47 -23.37
CA GLU C 751 5.58 -16.23 -23.88
C GLU C 751 4.09 -16.31 -24.13
N GLU C 752 3.55 -17.50 -24.35
CA GLU C 752 2.11 -17.63 -24.41
C GLU C 752 1.46 -17.52 -23.04
N GLN C 753 2.21 -17.86 -21.99
CA GLN C 753 1.72 -17.65 -20.63
C GLN C 753 1.93 -16.21 -20.16
N TYR C 754 2.98 -15.54 -20.68
CA TYR C 754 3.31 -14.19 -20.27
C TYR C 754 2.23 -13.18 -20.62
N LEU C 755 1.47 -13.43 -21.69
CA LEU C 755 0.35 -12.58 -22.07
C LEU C 755 -0.89 -12.82 -21.22
N SER C 756 -1.30 -14.07 -21.06
CA SER C 756 -2.53 -14.39 -20.35
C SER C 756 -2.42 -14.17 -18.85
N ALA C 757 -1.22 -13.98 -18.32
CA ALA C 757 -1.07 -13.51 -16.95
C ALA C 757 -1.28 -12.01 -16.84
N LEU C 758 -1.17 -11.28 -17.94
CA LEU C 758 -1.50 -9.87 -17.99
C LEU C 758 -2.82 -9.59 -18.69
N GLN C 759 -3.33 -10.54 -19.47
CA GLN C 759 -4.71 -10.42 -19.96
C GLN C 759 -5.70 -10.54 -18.82
N ARG C 760 -5.39 -11.37 -17.82
CA ARG C 760 -6.20 -11.46 -16.61
C ARG C 760 -5.93 -10.31 -15.65
N GLY C 761 -4.82 -9.60 -15.82
CA GLY C 761 -4.45 -8.54 -14.92
C GLY C 761 -3.97 -9.11 -13.59
N PRO C 762 -4.02 -8.28 -12.54
CA PRO C 762 -3.61 -8.78 -11.21
C PRO C 762 -4.54 -9.81 -10.63
N ASN C 763 -5.79 -9.88 -11.09
CA ASN C 763 -6.73 -10.87 -10.59
C ASN C 763 -6.86 -12.04 -11.56
N ALA C 764 -7.82 -12.92 -11.26
CA ALA C 764 -7.96 -14.26 -11.86
C ALA C 764 -6.66 -15.05 -11.74
N GLY C 765 -5.97 -14.91 -10.61
CA GLY C 765 -4.71 -15.56 -10.37
C GLY C 765 -3.50 -14.88 -10.99
N GLY C 766 -3.69 -13.86 -11.81
CA GLY C 766 -2.59 -13.25 -12.54
C GLY C 766 -1.73 -12.35 -11.66
N VAL C 767 -0.80 -11.67 -12.33
CA VAL C 767 0.12 -10.75 -11.67
C VAL C 767 -0.16 -9.34 -12.18
N ALA C 768 0.38 -8.36 -11.45
CA ALA C 768 0.18 -6.97 -11.83
C ALA C 768 0.99 -6.60 -13.06
N ALA C 769 2.29 -6.92 -13.06
CA ALA C 769 3.18 -6.55 -14.14
C ALA C 769 4.34 -7.54 -14.19
N ILE C 770 4.99 -7.58 -15.35
CA ILE C 770 6.16 -8.43 -15.56
C ILE C 770 7.39 -7.54 -15.58
N VAL C 771 8.40 -7.89 -14.80
CA VAL C 771 9.71 -7.25 -14.85
C VAL C 771 10.62 -8.15 -15.64
N ASP C 772 11.01 -7.71 -16.83
CA ASP C 772 11.99 -8.40 -17.64
C ASP C 772 13.03 -7.43 -18.14
N GLU C 773 13.98 -7.95 -18.90
CA GLU C 773 15.03 -7.15 -19.50
C GLU C 773 14.50 -6.43 -20.73
N LEU C 774 15.17 -5.34 -21.10
CA LEU C 774 14.78 -4.57 -22.28
C LEU C 774 14.74 -5.35 -23.61
N PRO C 775 15.73 -6.14 -24.02
CA PRO C 775 15.62 -6.76 -25.36
C PRO C 775 14.62 -7.90 -25.44
N TYR C 776 14.18 -8.45 -24.31
CA TYR C 776 13.08 -9.41 -24.36
C TYR C 776 11.76 -8.72 -24.65
N ILE C 777 11.59 -7.51 -24.13
CA ILE C 777 10.30 -6.86 -24.22
C ILE C 777 10.08 -6.24 -25.59
N GLU C 778 11.15 -5.80 -26.26
CA GLU C 778 11.02 -5.31 -27.62
C GLU C 778 10.69 -6.41 -28.61
N VAL C 779 11.07 -7.66 -28.31
CA VAL C 779 10.55 -8.79 -29.06
C VAL C 779 9.08 -9.01 -28.73
N LEU C 780 8.74 -8.85 -27.45
CA LEU C 780 7.38 -9.09 -26.98
C LEU C 780 6.39 -8.07 -27.53
N LEU C 781 6.82 -6.82 -27.73
CA LEU C 781 5.94 -5.83 -28.33
C LEU C 781 5.63 -6.14 -29.79
N THR C 782 6.63 -6.60 -30.55
CA THR C 782 6.37 -7.06 -31.90
C THR C 782 5.52 -8.33 -31.88
N ASN C 783 5.72 -9.17 -30.87
CA ASN C 783 4.93 -10.37 -30.70
C ASN C 783 3.50 -10.08 -30.28
N SER C 784 3.25 -8.93 -29.67
CA SER C 784 1.92 -8.61 -29.15
C SER C 784 1.29 -7.52 -30.03
N ASN C 785 0.08 -7.12 -29.66
CA ASN C 785 -0.55 -5.95 -30.27
C ASN C 785 -0.16 -4.72 -29.47
N CYS C 786 -0.84 -3.60 -29.72
CA CYS C 786 -0.44 -2.32 -29.15
C CYS C 786 -1.08 -2.10 -27.79
N LYS C 787 -0.80 -3.00 -26.84
CA LYS C 787 -1.51 -3.04 -25.57
C LYS C 787 -0.59 -2.83 -24.37
N PHE C 788 0.72 -2.76 -24.57
CA PHE C 788 1.67 -2.75 -23.48
C PHE C 788 2.80 -1.80 -23.80
N ARG C 789 3.51 -1.38 -22.76
CA ARG C 789 4.60 -0.42 -22.91
C ARG C 789 5.45 -0.47 -21.65
N THR C 790 6.76 -0.29 -21.82
CA THR C 790 7.65 -0.11 -20.68
C THR C 790 7.31 1.22 -20.02
N VAL C 791 6.69 1.15 -18.84
CA VAL C 791 6.10 2.35 -18.23
C VAL C 791 7.13 3.28 -17.62
N GLY C 792 8.33 2.80 -17.33
CA GLY C 792 9.39 3.63 -16.79
C GLY C 792 10.66 3.49 -17.59
N GLN C 793 11.74 3.99 -16.99
CA GLN C 793 13.06 3.79 -17.57
C GLN C 793 13.68 2.53 -16.99
N GLU C 794 14.83 2.14 -17.54
CA GLU C 794 15.54 0.98 -17.02
C GLU C 794 16.14 1.31 -15.67
N PHE C 795 15.83 0.50 -14.66
CA PHE C 795 16.26 0.76 -13.30
C PHE C 795 17.45 -0.08 -12.89
N THR C 796 17.81 -1.08 -13.71
CA THR C 796 19.05 -1.83 -13.49
C THR C 796 19.60 -2.12 -14.87
N ARG C 797 20.59 -1.34 -15.29
CA ARG C 797 21.06 -1.31 -16.67
C ARG C 797 22.50 -1.78 -16.71
N THR C 798 22.73 -3.05 -17.01
CA THR C 798 24.08 -3.60 -17.05
C THR C 798 24.49 -4.16 -18.41
N GLY C 799 23.68 -5.01 -19.03
CA GLY C 799 24.04 -5.62 -20.30
C GLY C 799 24.36 -7.09 -20.17
N TRP C 800 24.75 -7.67 -21.30
CA TRP C 800 25.06 -9.08 -21.41
C TRP C 800 26.56 -9.31 -21.53
N GLY C 801 26.94 -10.55 -21.81
CA GLY C 801 28.33 -10.92 -22.00
C GLY C 801 28.52 -12.42 -22.01
N PHE C 802 29.70 -12.87 -22.43
CA PHE C 802 29.99 -14.29 -22.44
C PHE C 802 30.75 -14.67 -21.17
N ALA C 803 30.28 -15.72 -20.51
CA ALA C 803 30.87 -16.17 -19.25
C ALA C 803 32.04 -17.09 -19.58
N PHE C 804 33.22 -16.73 -19.09
CA PHE C 804 34.40 -17.53 -19.35
C PHE C 804 34.87 -18.23 -18.09
N GLN C 805 35.88 -19.08 -18.26
CA GLN C 805 36.61 -19.62 -17.13
C GLN C 805 37.37 -18.49 -16.47
N ARG C 806 37.49 -18.56 -15.14
CA ARG C 806 38.10 -17.48 -14.38
C ARG C 806 39.61 -17.47 -14.65
N ASP C 807 40.12 -16.28 -14.96
CA ASP C 807 41.47 -16.06 -15.52
C ASP C 807 41.68 -16.93 -16.76
N SER C 808 40.88 -16.67 -17.77
CA SER C 808 41.17 -17.35 -19.01
C SER C 808 41.90 -16.43 -19.97
N PRO C 809 42.92 -16.94 -20.68
CA PRO C 809 43.62 -16.14 -21.68
C PRO C 809 42.79 -15.80 -22.91
N LEU C 810 41.71 -16.53 -23.14
CA LEU C 810 40.82 -16.28 -24.26
C LEU C 810 39.90 -15.08 -24.01
N ALA C 811 39.93 -14.52 -22.79
CA ALA C 811 39.09 -13.39 -22.46
C ALA C 811 39.51 -12.15 -23.23
N VAL C 812 40.75 -11.70 -23.01
CA VAL C 812 41.23 -10.44 -23.59
C VAL C 812 41.36 -10.56 -25.10
N ASP C 813 41.56 -11.79 -25.59
CA ASP C 813 41.43 -12.07 -27.01
C ASP C 813 40.02 -11.75 -27.51
N MET C 814 39.01 -12.33 -26.86
CA MET C 814 37.65 -12.12 -27.33
C MET C 814 37.07 -10.81 -26.83
N SER C 815 37.62 -10.24 -25.75
CA SER C 815 37.20 -8.90 -25.34
C SER C 815 37.61 -7.87 -26.37
N THR C 816 38.78 -8.06 -26.98
CA THR C 816 39.20 -7.19 -28.07
C THR C 816 38.37 -7.44 -29.32
N ALA C 817 38.01 -8.70 -29.55
CA ALA C 817 37.30 -9.07 -30.77
C ALA C 817 35.88 -8.51 -30.80
N ILE C 818 35.26 -8.42 -29.63
CA ILE C 818 33.94 -7.80 -29.55
C ILE C 818 34.03 -6.31 -29.82
N LEU C 819 34.98 -5.64 -29.16
CA LEU C 819 35.16 -4.20 -29.35
C LEU C 819 35.61 -3.87 -30.76
N GLN C 820 36.36 -4.78 -31.39
CA GLN C 820 36.70 -4.61 -32.80
C GLN C 820 35.46 -4.75 -33.67
N LEU C 821 34.65 -5.77 -33.41
CA LEU C 821 33.47 -6.02 -34.24
C LEU C 821 32.38 -4.99 -33.96
N SER C 822 32.36 -4.44 -32.74
CA SER C 822 31.44 -3.36 -32.43
C SER C 822 31.75 -2.11 -33.24
N GLU C 823 33.04 -1.87 -33.51
CA GLU C 823 33.41 -0.71 -34.30
C GLU C 823 33.14 -0.93 -35.79
N GLU C 824 33.08 -2.19 -36.21
CA GLU C 824 32.91 -2.48 -37.63
C GLU C 824 31.46 -2.45 -38.08
N GLY C 825 30.50 -2.36 -37.16
CA GLY C 825 29.10 -2.30 -37.52
C GLY C 825 28.46 -3.60 -37.95
N GLU C 826 29.24 -4.67 -38.12
CA GLU C 826 28.71 -5.99 -38.43
C GLU C 826 27.91 -6.57 -37.27
N LEU C 827 28.24 -6.16 -36.03
CA LEU C 827 27.43 -6.50 -34.86
C LEU C 827 25.99 -6.03 -35.03
N GLU C 828 25.80 -4.84 -35.58
CA GLU C 828 24.46 -4.37 -35.88
C GLU C 828 23.89 -5.06 -37.11
N LYS C 829 24.75 -5.52 -38.03
CA LYS C 829 24.24 -6.23 -39.20
C LYS C 829 23.70 -7.61 -38.84
N ILE C 830 24.38 -8.31 -37.93
CA ILE C 830 23.82 -9.54 -37.37
C ILE C 830 22.59 -9.21 -36.54
N HIS C 831 22.59 -8.05 -35.88
CA HIS C 831 21.41 -7.56 -35.18
C HIS C 831 20.28 -7.21 -36.15
N ARG C 832 20.57 -7.06 -37.44
CA ARG C 832 19.52 -6.93 -38.42
C ARG C 832 19.02 -8.28 -38.94
N LYS C 833 19.83 -9.33 -38.83
CA LYS C 833 19.43 -10.61 -39.42
C LYS C 833 18.36 -11.30 -38.58
N TRP C 834 18.52 -11.28 -37.25
CA TRP C 834 17.55 -11.90 -36.36
C TRP C 834 16.70 -10.88 -35.62
N LEU C 835 17.33 -9.87 -35.03
CA LEU C 835 16.62 -8.89 -34.21
C LEU C 835 16.21 -7.67 -35.04
N ASN C 836 15.54 -7.94 -36.16
CA ASN C 836 14.96 -6.87 -36.96
C ASN C 836 13.57 -6.49 -36.49
N TYR C 837 13.01 -7.21 -35.52
CA TYR C 837 11.65 -6.99 -35.05
C TYR C 837 11.62 -5.77 -34.15
N LYS C 838 11.15 -4.65 -34.71
CA LYS C 838 11.00 -3.41 -33.94
C LYS C 838 9.80 -2.66 -34.49
N HIS C 839 8.88 -2.29 -33.60
CA HIS C 839 7.76 -1.41 -33.92
C HIS C 839 7.49 -0.55 -32.70
N GLU C 840 7.19 0.73 -32.91
CA GLU C 840 6.87 1.59 -31.77
C GLU C 840 5.41 1.44 -31.36
N CYS C 841 4.49 1.84 -32.25
CA CYS C 841 3.06 2.00 -31.97
C CYS C 841 2.84 2.85 -30.72
N SER C 842 3.12 4.15 -30.88
CA SER C 842 3.13 5.10 -29.78
C SER C 842 1.70 5.30 -29.26
N MET C 843 1.25 4.34 -28.46
CA MET C 843 -0.06 4.43 -27.83
C MET C 843 -0.08 5.53 -26.79
N GLN C 844 0.74 5.39 -25.75
CA GLN C 844 0.99 6.44 -24.78
C GLN C 844 2.49 6.68 -24.72
N ILE C 845 2.88 7.95 -24.61
CA ILE C 845 4.30 8.33 -24.58
C ILE C 845 4.52 9.22 -23.36
N SER C 846 4.78 8.58 -22.21
CA SER C 846 4.94 9.23 -20.89
C SER C 846 3.86 10.26 -20.61
N ASN C 847 2.60 9.84 -20.81
CA ASN C 847 1.49 10.77 -20.77
C ASN C 847 1.22 11.26 -19.35
N SER C 848 1.11 12.58 -19.21
CA SER C 848 0.79 13.18 -17.93
C SER C 848 -0.68 12.92 -17.59
N GLU C 849 -0.93 12.36 -16.41
CA GLU C 849 -2.30 12.12 -15.96
C GLU C 849 -2.79 13.36 -15.24
N ASP C 850 -3.73 14.05 -15.88
CA ASP C 850 -4.18 15.38 -15.48
C ASP C 850 -5.66 15.49 -15.86
N SER C 851 -6.14 16.73 -15.98
CA SER C 851 -7.54 17.09 -16.23
C SER C 851 -8.20 16.30 -17.34
N GLN C 852 -7.70 16.52 -18.56
CA GLN C 852 -7.86 15.68 -19.76
C GLN C 852 -9.30 15.19 -19.96
N LEU C 853 -10.21 16.14 -20.16
CA LEU C 853 -11.62 15.80 -20.22
C LEU C 853 -11.94 15.39 -21.65
N SER C 854 -12.70 14.31 -21.78
CA SER C 854 -12.92 13.60 -23.04
C SER C 854 -13.51 14.48 -24.12
N LEU C 855 -12.84 14.53 -25.26
CA LEU C 855 -13.23 15.43 -26.34
C LEU C 855 -14.50 14.93 -27.01
N LYS C 856 -14.75 13.62 -26.96
CA LYS C 856 -15.96 13.02 -27.50
C LYS C 856 -17.11 13.05 -26.50
N SER C 857 -16.83 13.29 -25.22
CA SER C 857 -17.90 13.52 -24.26
C SER C 857 -18.64 14.81 -24.54
N PHE C 858 -17.92 15.82 -25.04
CA PHE C 858 -18.55 17.04 -25.50
C PHE C 858 -18.89 17.02 -26.98
N TRP C 859 -18.55 15.95 -27.69
CA TRP C 859 -19.13 15.71 -29.00
C TRP C 859 -20.59 15.27 -28.88
N GLY C 860 -21.00 14.81 -27.70
CA GLY C 860 -22.39 14.47 -27.48
C GLY C 860 -23.24 15.59 -26.91
N LEU C 861 -22.61 16.57 -26.26
CA LEU C 861 -23.36 17.73 -25.80
C LEU C 861 -23.68 18.69 -26.94
N PHE C 862 -22.64 19.28 -27.53
CA PHE C 862 -22.81 20.42 -28.41
C PHE C 862 -23.41 20.04 -29.76
N LEU C 863 -23.37 18.76 -30.12
CA LEU C 863 -24.01 18.33 -31.35
C LEU C 863 -25.52 18.12 -31.16
N ILE C 864 -25.93 17.67 -29.97
CA ILE C 864 -27.35 17.71 -29.64
C ILE C 864 -27.82 19.15 -29.50
N CYS C 865 -26.94 20.03 -28.98
CA CYS C 865 -27.21 21.45 -29.03
C CYS C 865 -27.24 21.96 -30.47
N GLY C 866 -26.46 21.34 -31.36
CA GLY C 866 -26.53 21.71 -32.76
C GLY C 866 -27.82 21.25 -33.42
N ILE C 867 -28.34 20.09 -33.00
CA ILE C 867 -29.64 19.63 -33.45
C ILE C 867 -30.73 20.59 -33.00
N THR C 868 -30.64 21.05 -31.75
CA THR C 868 -31.66 21.92 -31.19
C THR C 868 -31.66 23.29 -31.86
N CYS C 869 -30.46 23.84 -32.11
CA CYS C 869 -30.37 25.12 -32.80
C CYS C 869 -30.80 25.02 -34.25
N PHE C 870 -30.56 23.88 -34.91
CA PHE C 870 -31.04 23.72 -36.27
C PHE C 870 -32.54 23.46 -36.31
N MET C 871 -33.08 22.73 -35.33
CA MET C 871 -34.53 22.56 -35.26
C MET C 871 -35.21 23.86 -34.88
N ALA C 872 -34.51 24.76 -34.20
CA ALA C 872 -34.98 26.12 -34.05
C ALA C 872 -34.95 26.89 -35.35
N LEU C 873 -34.00 26.59 -36.24
CA LEU C 873 -33.88 27.36 -37.48
C LEU C 873 -34.83 26.84 -38.56
N THR C 874 -35.17 25.55 -38.51
CA THR C 874 -36.13 25.01 -39.48
C THR C 874 -37.54 25.52 -39.21
N VAL C 875 -37.92 25.63 -37.94
CA VAL C 875 -39.21 26.23 -37.61
C VAL C 875 -39.17 27.74 -37.85
N PHE C 876 -37.97 28.34 -37.78
CA PHE C 876 -37.80 29.73 -38.17
C PHE C 876 -38.04 29.92 -39.66
N PHE C 877 -37.53 29.01 -40.48
CA PHE C 877 -37.82 29.09 -41.91
C PHE C 877 -39.24 28.63 -42.22
N TRP C 878 -39.83 27.79 -41.36
CA TRP C 878 -41.20 27.33 -41.53
C TRP C 878 -42.20 28.47 -41.43
N ARG C 879 -41.91 29.47 -40.60
CA ARG C 879 -42.73 30.68 -40.60
C ARG C 879 -42.51 31.50 -41.87
N VAL C 880 -41.28 31.50 -42.40
CA VAL C 880 -40.95 32.27 -43.59
C VAL C 880 -41.44 31.55 -44.84
N ARG D 483 42.87 -24.36 7.16
CA ARG D 483 43.09 -23.34 6.14
C ARG D 483 44.55 -23.30 5.74
N GLY D 484 44.79 -23.35 4.42
CA GLY D 484 46.15 -23.43 3.92
C GLY D 484 46.93 -22.13 4.08
N TRP D 485 46.29 -21.01 3.79
CA TRP D 485 47.00 -19.74 3.80
C TRP D 485 47.20 -19.23 5.23
N VAL D 486 48.40 -18.75 5.50
CA VAL D 486 48.70 -17.95 6.68
C VAL D 486 49.39 -16.70 6.19
N PHE D 487 48.93 -15.54 6.65
CA PHE D 487 49.57 -14.29 6.25
C PHE D 487 50.97 -14.21 6.86
N PRO D 488 52.01 -14.07 6.05
CA PRO D 488 53.37 -14.10 6.59
C PRO D 488 53.72 -12.81 7.31
N ASN D 489 54.73 -12.90 8.16
CA ASN D 489 55.10 -11.81 9.07
C ASN D 489 56.48 -11.26 8.76
N ASN D 490 56.76 -11.05 7.47
CA ASN D 490 58.07 -10.62 7.03
C ASN D 490 58.25 -9.12 7.26
N GLY D 491 59.29 -8.55 6.67
CA GLY D 491 59.61 -7.15 6.86
C GLY D 491 58.66 -6.18 6.19
N LYS D 492 57.80 -6.65 5.29
CA LYS D 492 56.84 -5.77 4.65
C LYS D 492 55.52 -5.78 5.42
N PRO D 493 54.90 -4.62 5.65
CA PRO D 493 53.58 -4.58 6.28
C PRO D 493 52.48 -4.73 5.23
N LEU D 494 51.25 -4.52 5.68
CA LEU D 494 50.08 -4.55 4.81
C LEU D 494 49.79 -3.13 4.35
N ARG D 495 49.88 -2.89 3.04
CA ARG D 495 49.72 -1.55 2.48
C ARG D 495 48.23 -1.25 2.27
N ILE D 496 47.61 -0.70 3.32
CA ILE D 496 46.22 -0.27 3.22
C ILE D 496 46.17 1.08 2.51
N GLY D 497 45.45 1.12 1.40
CA GLY D 497 45.17 2.39 0.76
C GLY D 497 44.06 3.12 1.47
N VAL D 498 44.33 4.34 1.91
CA VAL D 498 43.35 5.17 2.61
C VAL D 498 43.12 6.41 1.77
N PRO D 499 41.87 6.77 1.46
CA PRO D 499 41.62 7.99 0.70
C PRO D 499 41.88 9.22 1.55
N ASN D 500 42.53 10.21 0.95
CA ASN D 500 42.75 11.48 1.63
C ASN D 500 41.44 12.25 1.64
N ARG D 501 40.63 12.01 2.65
CA ARG D 501 39.24 12.43 2.65
C ARG D 501 39.10 13.85 3.17
N VAL D 502 38.37 14.68 2.42
CA VAL D 502 38.20 16.10 2.72
C VAL D 502 36.86 16.37 3.40
N SER D 503 35.76 16.05 2.72
CA SER D 503 34.43 16.23 3.29
C SER D 503 33.94 14.90 3.83
N TYR D 504 32.95 14.95 4.73
CA TYR D 504 32.40 13.81 5.45
C TYR D 504 33.51 13.05 6.17
N THR D 505 34.06 13.71 7.19
CA THR D 505 35.19 13.17 7.92
C THR D 505 34.76 12.26 9.05
N ASP D 506 33.53 11.75 8.98
CA ASP D 506 33.03 10.79 9.95
C ASP D 506 33.25 9.35 9.49
N TYR D 507 33.32 9.11 8.19
CA TYR D 507 33.59 7.77 7.67
C TYR D 507 35.08 7.44 7.69
N VAL D 508 35.89 8.39 7.24
CA VAL D 508 37.35 8.26 7.23
C VAL D 508 37.92 9.67 7.18
N SER D 509 39.05 9.88 7.85
CA SER D 509 39.67 11.20 7.90
C SER D 509 41.15 11.06 8.21
N LYS D 510 41.91 12.05 7.79
CA LYS D 510 43.30 12.19 8.19
C LYS D 510 43.34 12.56 9.66
N ASP D 511 44.28 11.97 10.39
CA ASP D 511 44.28 12.07 11.84
C ASP D 511 45.71 12.28 12.31
N LYS D 512 45.87 12.96 13.43
CA LYS D 512 47.17 13.16 14.06
C LYS D 512 47.45 12.13 15.14
N ASN D 513 46.60 11.13 15.29
CA ASN D 513 46.82 10.06 16.24
C ASN D 513 47.95 9.15 15.74
N PRO D 514 48.53 8.33 16.62
CA PRO D 514 49.52 7.33 16.17
C PRO D 514 48.99 6.28 15.20
N PRO D 515 47.69 5.94 15.15
CA PRO D 515 47.23 5.25 13.93
C PRO D 515 47.25 6.13 12.70
N GLY D 516 47.02 7.43 12.86
CA GLY D 516 46.98 8.35 11.74
C GLY D 516 45.65 8.35 11.00
N VAL D 517 44.69 7.55 11.45
CA VAL D 517 43.41 7.37 10.77
C VAL D 517 42.29 7.57 11.78
N ARG D 518 41.16 8.04 11.26
CA ARG D 518 40.00 8.30 12.10
C ARG D 518 38.75 8.24 11.24
N GLY D 519 37.81 7.43 11.67
CA GLY D 519 36.53 7.37 11.02
C GLY D 519 35.90 5.99 11.17
N TYR D 520 34.76 5.83 10.49
CA TYR D 520 33.92 4.65 10.57
C TYR D 520 34.55 3.42 9.93
N CYS D 521 34.85 3.50 8.63
CA CYS D 521 35.37 2.35 7.89
C CYS D 521 36.74 1.91 8.39
N ILE D 522 37.49 2.80 9.02
CA ILE D 522 38.68 2.40 9.76
C ILE D 522 38.30 1.45 10.88
N ASP D 523 37.37 1.86 11.74
CA ASP D 523 36.97 1.07 12.88
C ASP D 523 36.19 -0.18 12.49
N VAL D 524 35.52 -0.15 11.34
CA VAL D 524 34.98 -1.37 10.77
C VAL D 524 36.11 -2.32 10.37
N PHE D 525 37.18 -1.79 9.79
CA PHE D 525 38.31 -2.62 9.39
C PHE D 525 39.05 -3.18 10.60
N GLU D 526 39.13 -2.40 11.68
CA GLU D 526 39.95 -2.80 12.82
C GLU D 526 39.35 -3.99 13.57
N ALA D 527 38.03 -4.07 13.64
CA ALA D 527 37.42 -5.16 14.39
C ALA D 527 37.49 -6.48 13.63
N ALA D 528 37.39 -6.44 12.31
CA ALA D 528 37.52 -7.66 11.52
C ALA D 528 38.97 -8.16 11.46
N ILE D 529 39.95 -7.27 11.72
CA ILE D 529 41.29 -7.75 12.00
C ILE D 529 41.31 -8.60 13.26
N GLU D 530 40.57 -8.19 14.29
CA GLU D 530 40.56 -8.89 15.56
C GLU D 530 39.75 -10.18 15.52
N LEU D 531 39.02 -10.43 14.45
CA LEU D 531 38.35 -11.71 14.24
C LEU D 531 39.23 -12.71 13.52
N LEU D 532 40.37 -12.29 13.04
CA LEU D 532 41.25 -13.20 12.35
C LEU D 532 42.06 -14.01 13.36
N PRO D 533 42.50 -15.21 12.97
CA PRO D 533 43.49 -15.93 13.76
C PRO D 533 44.91 -15.39 13.63
N TYR D 534 45.10 -14.27 12.98
CA TYR D 534 46.41 -13.80 12.58
C TYR D 534 46.77 -12.54 13.34
N PRO D 535 48.03 -12.37 13.69
CA PRO D 535 48.55 -11.03 13.95
C PRO D 535 48.90 -10.35 12.63
N VAL D 536 48.32 -9.18 12.38
CA VAL D 536 48.41 -8.55 11.06
C VAL D 536 49.24 -7.28 11.20
N PRO D 537 50.49 -7.27 10.72
CA PRO D 537 51.24 -6.01 10.65
C PRO D 537 50.69 -5.15 9.52
N ARG D 538 50.45 -3.88 9.81
CA ARG D 538 49.75 -3.04 8.85
C ARG D 538 50.16 -1.59 8.99
N THR D 539 50.03 -0.86 7.89
CA THR D 539 50.27 0.57 7.84
C THR D 539 49.08 1.27 7.21
N TYR D 540 49.13 2.60 7.18
CA TYR D 540 48.06 3.41 6.61
C TYR D 540 48.67 4.58 5.85
N ILE D 541 48.31 4.72 4.59
CA ILE D 541 48.84 5.76 3.72
C ILE D 541 47.67 6.54 3.14
N LEU D 542 47.67 7.85 3.34
CA LEU D 542 46.70 8.72 2.68
C LEU D 542 47.10 8.87 1.22
N TYR D 543 46.10 8.86 0.34
CA TYR D 543 46.38 8.77 -1.09
C TYR D 543 46.45 10.13 -1.80
N GLY D 544 45.36 10.89 -1.77
CA GLY D 544 45.23 12.07 -2.58
C GLY D 544 45.80 13.32 -1.92
N ASP D 545 45.54 14.45 -2.58
CA ASP D 545 45.87 15.74 -2.01
C ASP D 545 44.83 16.13 -0.97
N GLY D 546 45.28 16.87 0.05
CA GLY D 546 44.39 17.27 1.12
C GLY D 546 43.39 18.34 0.77
N LYS D 547 43.50 18.93 -0.42
CA LYS D 547 42.59 19.99 -0.83
C LYS D 547 41.26 19.44 -1.33
N ARG D 548 41.30 18.39 -2.16
CA ARG D 548 40.11 17.87 -2.80
C ARG D 548 40.01 16.37 -2.60
N ASN D 549 38.83 15.84 -2.90
CA ASN D 549 38.63 14.40 -2.83
C ASN D 549 39.17 13.73 -4.09
N PRO D 550 39.96 12.67 -3.94
CA PRO D 550 40.58 12.04 -5.11
C PRO D 550 39.61 11.10 -5.81
N SER D 551 39.96 10.77 -7.05
CA SER D 551 39.21 9.77 -7.81
C SER D 551 39.47 8.40 -7.19
N TYR D 552 38.40 7.77 -6.68
CA TYR D 552 38.55 6.47 -6.06
C TYR D 552 38.88 5.38 -7.08
N ASP D 553 38.54 5.59 -8.34
CA ASP D 553 38.92 4.65 -9.38
C ASP D 553 40.42 4.60 -9.61
N ASN D 554 41.09 5.75 -9.55
CA ASN D 554 42.53 5.78 -9.49
C ASN D 554 43.06 5.18 -8.20
N LEU D 555 42.34 5.37 -7.09
CA LEU D 555 42.70 4.70 -5.85
C LEU D 555 42.50 3.20 -5.95
N VAL D 556 41.44 2.77 -6.65
CA VAL D 556 41.30 1.36 -6.99
C VAL D 556 42.42 0.91 -7.92
N ASN D 557 42.80 1.78 -8.87
CA ASN D 557 43.83 1.45 -9.85
C ASN D 557 45.20 1.25 -9.23
N GLU D 558 45.48 1.87 -8.08
CA GLU D 558 46.76 1.63 -7.44
C GLU D 558 46.85 0.25 -6.82
N VAL D 559 45.71 -0.33 -6.45
CA VAL D 559 45.69 -1.73 -6.03
C VAL D 559 45.97 -2.62 -7.22
N VAL D 560 45.45 -2.24 -8.39
CA VAL D 560 45.83 -2.90 -9.63
C VAL D 560 47.30 -2.64 -9.95
N ALA D 561 47.76 -1.41 -9.70
CA ALA D 561 49.15 -1.04 -9.90
C ALA D 561 50.06 -1.48 -8.75
N ASP D 562 49.52 -2.20 -7.77
CA ASP D 562 50.22 -2.88 -6.70
C ASP D 562 50.99 -1.93 -5.79
N ASN D 563 50.62 -0.65 -5.75
CA ASN D 563 51.22 0.23 -4.76
C ASN D 563 50.57 0.03 -3.40
N PHE D 564 49.39 -0.58 -3.36
CA PHE D 564 48.74 -0.93 -2.11
C PHE D 564 48.35 -2.40 -2.14
N ASP D 565 48.27 -3.01 -0.96
CA ASP D 565 47.79 -4.37 -0.85
C ASP D 565 46.27 -4.45 -0.82
N VAL D 566 45.61 -3.46 -0.22
CA VAL D 566 44.17 -3.45 -0.07
C VAL D 566 43.70 -2.01 0.04
N ALA D 567 42.58 -1.68 -0.58
CA ALA D 567 41.97 -0.36 -0.45
C ALA D 567 40.87 -0.46 0.60
N VAL D 568 40.91 0.46 1.57
CA VAL D 568 39.92 0.55 2.63
C VAL D 568 39.38 1.96 2.64
N GLY D 569 38.05 2.09 2.59
CA GLY D 569 37.43 3.39 2.60
C GLY D 569 35.97 3.33 2.21
N ASP D 570 35.52 4.32 1.44
CA ASP D 570 34.14 4.36 0.97
C ASP D 570 34.00 3.78 -0.42
N ILE D 571 34.81 2.77 -0.75
CA ILE D 571 34.82 2.23 -2.10
C ILE D 571 33.52 1.47 -2.35
N THR D 572 32.81 1.86 -3.40
CA THR D 572 31.48 1.36 -3.69
C THR D 572 31.58 0.40 -4.86
N ILE D 573 30.87 -0.72 -4.77
CA ILE D 573 31.04 -1.83 -5.71
C ILE D 573 30.43 -1.45 -7.05
N VAL D 574 31.28 -1.31 -8.06
CA VAL D 574 30.89 -1.05 -9.44
C VAL D 574 31.43 -2.23 -10.25
N THR D 575 30.81 -2.47 -11.41
CA THR D 575 31.15 -3.62 -12.25
C THR D 575 32.61 -3.65 -12.68
N ASN D 576 33.12 -2.58 -13.32
CA ASN D 576 34.52 -2.61 -13.72
C ASN D 576 35.44 -2.44 -12.52
N ARG D 577 34.93 -1.94 -11.41
CA ARG D 577 35.71 -2.01 -10.17
C ARG D 577 35.82 -3.46 -9.71
N THR D 578 34.80 -4.26 -9.99
CA THR D 578 34.84 -5.67 -9.61
C THR D 578 35.63 -6.50 -10.62
N ARG D 579 35.81 -5.96 -11.84
CA ARG D 579 36.51 -6.71 -12.88
C ARG D 579 37.99 -6.89 -12.57
N TYR D 580 38.59 -5.95 -11.86
CA TYR D 580 40.05 -5.93 -11.80
C TYR D 580 40.57 -6.28 -10.41
N VAL D 581 39.87 -5.85 -9.37
CA VAL D 581 40.21 -6.29 -8.02
C VAL D 581 39.08 -7.18 -7.51
N ASP D 582 39.29 -7.79 -6.35
CA ASP D 582 38.27 -8.63 -5.74
C ASP D 582 37.78 -7.96 -4.47
N PHE D 583 36.50 -7.63 -4.43
CA PHE D 583 35.90 -7.01 -3.26
C PHE D 583 35.70 -8.00 -2.14
N THR D 584 35.26 -7.47 -1.00
CA THR D 584 34.72 -8.28 0.08
C THR D 584 33.21 -8.28 -0.05
N GLN D 585 32.51 -8.84 0.93
CA GLN D 585 31.08 -8.65 1.00
C GLN D 585 30.77 -7.21 1.41
N PRO D 586 29.60 -6.70 1.03
CA PRO D 586 29.23 -5.34 1.45
C PRO D 586 28.97 -5.28 2.95
N PHE D 587 29.77 -4.45 3.62
CA PHE D 587 29.63 -4.24 5.05
C PHE D 587 28.63 -3.16 5.37
N ILE D 588 28.22 -2.36 4.38
CA ILE D 588 27.18 -1.36 4.57
C ILE D 588 26.40 -1.29 3.25
N GLU D 589 25.18 -0.78 3.33
CA GLU D 589 24.29 -0.71 2.18
C GLU D 589 24.15 0.74 1.76
N SER D 590 24.53 1.03 0.52
CA SER D 590 24.49 2.39 0.00
C SER D 590 23.75 2.38 -1.33
N GLY D 591 23.08 3.48 -1.62
CA GLY D 591 22.38 3.63 -2.88
C GLY D 591 22.57 5.03 -3.41
N LEU D 592 22.43 5.17 -4.73
CA LEU D 592 22.44 6.50 -5.32
C LEU D 592 21.07 7.15 -5.14
N VAL D 593 21.05 8.32 -4.52
CA VAL D 593 19.84 9.11 -4.39
C VAL D 593 20.08 10.47 -5.02
N VAL D 594 19.01 11.24 -5.15
CA VAL D 594 19.07 12.60 -5.67
C VAL D 594 18.55 13.53 -4.58
N VAL D 595 19.38 14.47 -4.16
CA VAL D 595 18.97 15.46 -3.18
C VAL D 595 18.67 16.76 -3.91
N ALA D 596 17.65 17.48 -3.44
CA ALA D 596 17.17 18.69 -4.06
C ALA D 596 16.39 19.49 -3.02
N PRO D 597 16.32 20.81 -3.14
CA PRO D 597 15.53 21.58 -2.18
C PRO D 597 14.03 21.31 -2.32
N VAL D 598 13.33 21.45 -1.19
CA VAL D 598 11.87 21.36 -1.20
C VAL D 598 11.33 22.65 -1.83
N LYS D 599 10.18 22.55 -2.49
CA LYS D 599 9.69 23.67 -3.30
C LYS D 599 8.16 23.70 -3.26
N GLU D 600 7.61 24.78 -3.80
CA GLU D 600 6.16 24.96 -3.87
C GLU D 600 5.56 24.01 -4.92
N ALA D 601 4.26 23.81 -4.82
CA ALA D 601 3.55 22.95 -5.75
C ALA D 601 2.59 23.70 -6.65
N LYS D 602 2.22 24.94 -6.31
CA LYS D 602 1.24 25.70 -7.06
C LYS D 602 1.90 26.43 -8.22
N SER D 603 1.27 26.34 -9.38
CA SER D 603 1.73 26.95 -10.62
C SER D 603 1.07 28.32 -10.78
N SER D 604 1.07 28.84 -12.00
CA SER D 604 0.78 30.21 -12.40
C SER D 604 -0.73 30.48 -12.43
N PRO D 605 -1.20 31.71 -12.81
CA PRO D 605 -2.58 31.88 -13.29
C PRO D 605 -3.14 30.84 -14.25
N TRP D 606 -2.30 30.22 -15.07
CA TRP D 606 -2.78 29.17 -15.95
C TRP D 606 -3.13 27.87 -15.24
N SER D 607 -2.67 27.68 -13.99
CA SER D 607 -3.08 26.53 -13.21
C SER D 607 -4.51 26.66 -12.70
N PHE D 608 -4.96 27.89 -12.49
CA PHE D 608 -6.36 28.18 -12.26
C PHE D 608 -7.23 27.72 -13.42
N LEU D 609 -6.74 27.86 -14.64
CA LEU D 609 -7.47 27.52 -15.84
C LEU D 609 -7.27 26.06 -16.25
N LYS D 610 -6.55 25.28 -15.45
CA LYS D 610 -6.07 23.97 -15.91
C LYS D 610 -7.15 22.89 -16.13
N PRO D 611 -8.26 22.80 -15.37
CA PRO D 611 -9.36 21.94 -15.85
C PRO D 611 -9.97 22.48 -17.13
N PHE D 612 -10.68 21.60 -17.86
CA PHE D 612 -11.21 21.88 -19.20
C PHE D 612 -10.10 22.24 -20.17
N THR D 613 -9.43 21.21 -20.71
CA THR D 613 -8.49 21.35 -21.83
C THR D 613 -8.92 22.39 -22.87
N ILE D 614 -7.96 23.24 -23.25
CA ILE D 614 -8.23 24.58 -23.80
C ILE D 614 -8.94 24.59 -25.14
N GLU D 615 -9.02 23.45 -25.82
CA GLU D 615 -9.90 23.35 -26.97
C GLU D 615 -11.36 23.52 -26.58
N MET D 616 -11.75 23.01 -25.41
CA MET D 616 -13.14 23.01 -24.99
C MET D 616 -13.56 24.30 -24.27
N TRP D 617 -12.66 25.24 -24.07
CA TRP D 617 -13.12 26.58 -23.65
C TRP D 617 -13.67 27.34 -24.83
N ALA D 618 -13.00 27.23 -25.99
CA ALA D 618 -13.48 27.87 -27.21
C ALA D 618 -14.76 27.22 -27.71
N VAL D 619 -14.92 25.92 -27.48
CA VAL D 619 -16.18 25.26 -27.78
C VAL D 619 -17.25 25.72 -26.79
N THR D 620 -16.86 25.93 -25.54
CA THR D 620 -17.80 26.46 -24.55
C THR D 620 -18.22 27.88 -24.88
N GLY D 621 -17.26 28.80 -24.94
CA GLY D 621 -17.55 30.19 -25.25
C GLY D 621 -18.06 30.43 -26.65
N GLY D 622 -17.75 29.54 -27.59
CA GLY D 622 -18.32 29.65 -28.92
C GLY D 622 -19.80 29.33 -28.94
N PHE D 623 -20.18 28.20 -28.34
CA PHE D 623 -21.59 27.85 -28.20
C PHE D 623 -22.28 28.62 -27.09
N PHE D 624 -21.53 29.33 -26.24
CA PHE D 624 -22.16 30.26 -25.30
C PHE D 624 -22.79 31.42 -26.03
N LEU D 625 -22.09 32.00 -27.00
CA LEU D 625 -22.63 33.12 -27.73
C LEU D 625 -23.51 32.67 -28.89
N PHE D 626 -23.31 31.44 -29.38
CA PHE D 626 -24.11 30.93 -30.49
C PHE D 626 -25.55 30.70 -30.07
N VAL D 627 -25.76 30.23 -28.84
CA VAL D 627 -27.11 30.13 -28.31
C VAL D 627 -27.64 31.52 -27.93
N GLY D 628 -26.75 32.44 -27.55
CA GLY D 628 -27.17 33.82 -27.34
C GLY D 628 -27.52 34.54 -28.63
N ALA D 629 -27.12 34.00 -29.77
CA ALA D 629 -27.54 34.56 -31.05
C ALA D 629 -29.01 34.27 -31.32
N MET D 630 -29.57 33.23 -30.69
CA MET D 630 -30.98 32.93 -30.86
C MET D 630 -31.88 33.89 -30.12
N VAL D 631 -31.33 34.66 -29.18
CA VAL D 631 -32.04 35.76 -28.55
C VAL D 631 -32.39 36.83 -29.57
N TRP D 632 -31.43 37.16 -30.45
CA TRP D 632 -31.60 38.26 -31.39
C TRP D 632 -32.58 37.90 -32.51
N ILE D 633 -32.75 36.61 -32.78
CA ILE D 633 -33.78 36.19 -33.73
C ILE D 633 -35.17 36.42 -33.15
N LEU D 634 -35.35 36.09 -31.88
CA LEU D 634 -36.65 36.16 -31.23
C LEU D 634 -36.96 37.53 -30.64
N GLU D 635 -36.35 38.58 -31.16
CA GLU D 635 -36.67 39.94 -30.73
C GLU D 635 -38.03 40.37 -31.28
N GLN D 649 -26.44 49.52 -32.43
CA GLN D 649 -26.06 49.33 -31.03
C GLN D 649 -27.30 49.11 -30.17
N LEU D 650 -28.43 49.66 -30.62
CA LEU D 650 -29.67 49.56 -29.85
C LEU D 650 -30.27 48.16 -29.89
N ILE D 651 -29.97 47.37 -30.94
CA ILE D 651 -30.53 46.03 -31.03
C ILE D 651 -29.71 45.05 -30.20
N THR D 652 -28.39 45.28 -30.10
CA THR D 652 -27.52 44.38 -29.34
C THR D 652 -27.70 44.54 -27.84
N ILE D 653 -28.08 45.74 -27.38
CA ILE D 653 -28.42 45.92 -25.98
C ILE D 653 -29.71 45.19 -25.64
N PHE D 654 -30.65 45.16 -26.58
CA PHE D 654 -31.85 44.34 -26.41
C PHE D 654 -31.53 42.86 -26.48
N TRP D 655 -30.47 42.49 -27.22
CA TRP D 655 -30.00 41.11 -27.21
C TRP D 655 -29.26 40.79 -25.91
N PHE D 656 -28.66 41.79 -25.28
CA PHE D 656 -28.10 41.59 -23.94
C PHE D 656 -29.15 41.75 -22.86
N SER D 657 -30.30 42.33 -23.19
CA SER D 657 -31.35 42.51 -22.19
C SER D 657 -32.02 41.18 -21.84
N PHE D 658 -32.41 40.42 -22.85
CA PHE D 658 -33.01 39.11 -22.61
C PHE D 658 -31.95 38.03 -22.34
N SER D 659 -30.67 38.37 -22.50
CA SER D 659 -29.62 37.39 -22.22
C SER D 659 -29.45 37.17 -20.72
N THR D 660 -29.77 38.16 -19.91
CA THR D 660 -29.56 38.08 -18.47
C THR D 660 -30.58 37.18 -17.79
N MET D 661 -31.86 37.52 -17.91
CA MET D 661 -32.92 36.75 -17.26
C MET D 661 -34.15 36.66 -18.15
N SER D 672 -42.59 32.19 -24.59
CA SER D 672 -42.41 32.13 -26.03
C SER D 672 -41.54 30.94 -26.43
N LEU D 673 -41.34 30.76 -27.73
CA LEU D 673 -40.45 29.71 -28.21
C LEU D 673 -38.99 30.05 -27.90
N GLY D 674 -38.65 31.34 -27.87
CA GLY D 674 -37.31 31.74 -27.48
C GLY D 674 -37.06 31.58 -25.99
N ARG D 675 -38.11 31.64 -25.18
CA ARG D 675 -37.96 31.34 -23.76
C ARG D 675 -37.93 29.84 -23.51
N PHE D 676 -38.25 29.03 -24.52
CA PHE D 676 -37.98 27.60 -24.47
C PHE D 676 -36.53 27.30 -24.83
N VAL D 677 -35.88 28.20 -25.57
CA VAL D 677 -34.44 28.08 -25.80
C VAL D 677 -33.69 28.37 -24.51
N LEU D 678 -34.25 29.25 -23.67
CA LEU D 678 -33.70 29.49 -22.34
C LEU D 678 -33.79 28.26 -21.44
N ILE D 679 -34.79 27.40 -21.68
CA ILE D 679 -34.94 26.18 -20.88
C ILE D 679 -33.80 25.21 -21.14
N ILE D 680 -33.45 25.02 -22.41
CA ILE D 680 -32.50 23.96 -22.75
C ILE D 680 -31.08 24.40 -22.46
N TRP D 681 -30.74 25.66 -22.76
CA TRP D 681 -29.40 26.16 -22.49
C TRP D 681 -29.07 26.23 -21.01
N LEU D 682 -30.06 26.57 -20.17
CA LEU D 682 -29.85 26.57 -18.73
C LEU D 682 -29.56 25.17 -18.21
N PHE D 683 -30.17 24.15 -18.81
CA PHE D 683 -29.88 22.78 -18.45
C PHE D 683 -28.45 22.40 -18.82
N VAL D 684 -27.93 22.97 -19.92
CA VAL D 684 -26.59 22.62 -20.38
C VAL D 684 -25.53 23.20 -19.45
N VAL D 685 -25.56 24.52 -19.22
CA VAL D 685 -24.56 25.19 -18.41
C VAL D 685 -24.61 24.78 -16.95
N LEU D 686 -25.74 24.25 -16.49
CA LEU D 686 -25.81 23.63 -15.18
C LEU D 686 -24.93 22.38 -15.10
N ILE D 687 -24.86 21.61 -16.18
CA ILE D 687 -23.98 20.45 -16.22
C ILE D 687 -22.53 20.88 -16.32
N ILE D 688 -22.27 21.90 -17.14
CA ILE D 688 -20.93 22.46 -17.29
C ILE D 688 -20.41 23.04 -15.97
N ASN D 689 -21.33 23.58 -15.16
CA ASN D 689 -20.98 23.97 -13.80
C ASN D 689 -20.50 22.78 -12.99
N SER D 690 -21.22 21.66 -13.08
CA SER D 690 -20.78 20.46 -12.37
C SER D 690 -19.61 19.80 -13.08
N SER D 691 -19.51 19.96 -14.39
CA SER D 691 -18.40 19.36 -15.13
C SER D 691 -17.08 20.06 -14.83
N TYR D 692 -17.10 21.40 -14.73
CA TYR D 692 -15.90 22.09 -14.29
C TYR D 692 -15.64 21.84 -12.81
N THR D 693 -16.70 21.59 -12.03
CA THR D 693 -16.51 21.27 -10.63
C THR D 693 -15.86 19.91 -10.46
N ALA D 694 -16.43 18.89 -11.11
CA ALA D 694 -15.89 17.53 -11.02
C ALA D 694 -14.51 17.39 -11.65
N SER D 695 -14.16 18.23 -12.62
CA SER D 695 -12.81 18.21 -13.15
C SER D 695 -11.83 18.89 -12.20
N LEU D 696 -12.26 19.98 -11.55
CA LEU D 696 -11.38 20.66 -10.61
C LEU D 696 -11.15 19.85 -9.35
N THR D 697 -12.20 19.21 -8.82
CA THR D 697 -12.06 18.34 -7.66
C THR D 697 -11.10 17.18 -7.90
N SER D 698 -11.18 16.54 -9.08
CA SER D 698 -10.32 15.40 -9.37
C SER D 698 -8.88 15.78 -9.67
N ILE D 699 -8.58 17.08 -9.74
CA ILE D 699 -7.21 17.55 -9.77
C ILE D 699 -6.70 17.85 -8.38
N LEU D 700 -7.47 18.60 -7.59
CA LEU D 700 -7.04 18.98 -6.26
C LEU D 700 -7.15 17.84 -5.24
N THR D 701 -7.66 16.68 -5.64
CA THR D 701 -7.68 15.51 -4.77
C THR D 701 -6.43 14.65 -4.93
N ILE D 702 -6.07 14.33 -6.18
CA ILE D 702 -4.92 13.47 -6.42
C ILE D 702 -3.61 14.20 -6.20
N ARG D 703 -3.58 15.53 -6.32
CA ARG D 703 -2.36 16.29 -6.08
C ARG D 703 -2.00 16.41 -4.61
N GLN D 704 -2.88 15.98 -3.72
CA GLN D 704 -2.51 15.76 -2.32
C GLN D 704 -2.12 14.31 -2.05
N LEU D 705 -2.24 13.44 -3.06
CA LEU D 705 -1.88 12.03 -2.91
C LEU D 705 -0.66 11.66 -3.75
N THR D 706 -0.30 12.46 -4.73
CA THR D 706 0.87 12.19 -5.57
C THR D 706 2.07 12.81 -4.88
N SER D 707 2.74 12.01 -4.06
CA SER D 707 4.07 12.34 -3.56
C SER D 707 5.15 11.90 -4.54
N ARG D 708 4.75 11.22 -5.62
CA ARG D 708 5.69 10.69 -6.60
C ARG D 708 5.90 11.63 -7.79
N ILE D 709 5.53 12.90 -7.65
CA ILE D 709 5.65 13.85 -8.75
C ILE D 709 7.07 14.42 -8.70
N GLU D 710 8.02 13.59 -9.13
CA GLU D 710 9.46 13.79 -9.06
C GLU D 710 10.11 12.74 -9.94
N GLY D 711 11.43 12.64 -9.89
CA GLY D 711 12.11 11.51 -10.50
C GLY D 711 13.50 11.89 -10.92
N ILE D 712 14.32 10.85 -11.09
CA ILE D 712 15.59 11.03 -11.76
C ILE D 712 15.37 11.44 -13.22
N ASP D 713 14.33 10.89 -13.86
CA ASP D 713 13.98 11.27 -15.22
C ASP D 713 13.46 12.71 -15.29
N SER D 714 12.86 13.20 -14.20
CA SER D 714 12.46 14.60 -14.12
C SER D 714 13.67 15.53 -14.05
N LEU D 715 14.83 15.00 -13.69
CA LEU D 715 16.07 15.75 -13.80
C LEU D 715 16.77 15.53 -15.13
N VAL D 716 16.67 14.32 -15.70
CA VAL D 716 17.33 14.01 -16.96
C VAL D 716 16.75 14.81 -18.10
N THR D 717 15.43 14.85 -18.21
CA THR D 717 14.76 15.58 -19.27
C THR D 717 14.85 17.09 -19.11
N SER D 718 15.06 17.58 -17.91
CA SER D 718 14.96 19.02 -17.64
C SER D 718 16.25 19.78 -17.91
N ASN D 719 17.27 19.09 -18.46
CA ASN D 719 18.64 19.58 -18.81
C ASN D 719 19.19 20.64 -17.84
N GLU D 720 19.12 20.32 -16.56
CA GLU D 720 19.51 21.20 -15.48
C GLU D 720 20.96 20.95 -15.09
N PRO D 721 21.61 21.92 -14.43
CA PRO D 721 22.93 21.66 -13.86
C PRO D 721 22.83 20.65 -12.71
N ILE D 722 23.63 19.60 -12.79
CA ILE D 722 23.67 18.53 -11.80
C ILE D 722 24.97 18.63 -11.05
N GLY D 723 24.88 18.79 -9.73
CA GLY D 723 26.07 18.80 -8.90
C GLY D 723 26.49 17.38 -8.53
N VAL D 724 27.79 17.15 -8.57
CA VAL D 724 28.37 15.89 -8.12
C VAL D 724 29.53 16.22 -7.17
N GLN D 725 29.85 15.26 -6.32
CA GLN D 725 31.01 15.38 -5.46
C GLN D 725 32.28 15.03 -6.23
N ASP D 726 33.41 15.46 -5.69
CA ASP D 726 34.69 15.25 -6.36
C ASP D 726 35.14 13.80 -6.16
N GLY D 727 35.62 13.19 -7.23
CA GLY D 727 36.21 11.85 -7.17
C GLY D 727 35.23 10.75 -6.85
N THR D 728 34.23 10.57 -7.71
CA THR D 728 33.16 9.61 -7.47
C THR D 728 32.90 8.82 -8.74
N PHE D 729 32.15 7.73 -8.60
CA PHE D 729 31.73 6.95 -9.75
C PHE D 729 30.47 7.49 -10.40
N ALA D 730 29.63 8.19 -9.63
CA ALA D 730 28.35 8.68 -10.13
C ALA D 730 28.54 9.78 -11.18
N ARG D 731 29.71 10.42 -11.19
CA ARG D 731 30.08 11.26 -12.33
C ARG D 731 30.09 10.46 -13.61
N ASN D 732 30.91 9.41 -13.67
CA ASN D 732 31.04 8.60 -14.87
C ASN D 732 29.86 7.65 -15.04
N TYR D 733 29.09 7.40 -13.99
CA TYR D 733 27.97 6.48 -14.09
C TYR D 733 26.83 7.03 -14.94
N LEU D 734 26.45 8.28 -14.70
CA LEU D 734 25.35 8.87 -15.45
C LEU D 734 25.75 9.18 -16.88
N ILE D 735 27.03 9.36 -17.14
CA ILE D 735 27.50 9.65 -18.49
C ILE D 735 27.39 8.41 -19.37
N ASN D 736 27.96 7.28 -18.92
CA ASN D 736 27.98 6.08 -19.75
C ASN D 736 26.61 5.41 -19.80
N GLU D 737 25.86 5.44 -18.70
CA GLU D 737 24.59 4.73 -18.63
C GLU D 737 23.41 5.62 -18.98
N LEU D 738 23.22 6.70 -18.24
CA LEU D 738 22.05 7.55 -18.42
C LEU D 738 22.23 8.58 -19.52
N ASN D 739 23.42 8.61 -20.15
CA ASN D 739 23.70 9.37 -21.38
C ASN D 739 23.56 10.88 -21.19
N ILE D 740 23.75 11.35 -19.96
CA ILE D 740 23.55 12.75 -19.63
C ILE D 740 24.77 13.54 -20.09
N LEU D 741 24.52 14.73 -20.67
CA LEU D 741 25.59 15.58 -21.17
C LEU D 741 26.50 16.07 -20.05
N PRO D 742 27.82 16.08 -20.28
CA PRO D 742 28.77 16.43 -19.22
C PRO D 742 28.73 17.90 -18.83
N SER D 743 28.19 18.76 -19.67
CA SER D 743 28.06 20.17 -19.31
C SER D 743 27.05 20.37 -18.20
N ARG D 744 26.07 19.46 -18.07
CA ARG D 744 25.15 19.49 -16.95
C ARG D 744 25.85 19.11 -15.65
N ILE D 745 26.90 18.31 -15.74
CA ILE D 745 27.54 17.74 -14.56
C ILE D 745 28.52 18.78 -14.02
N VAL D 746 28.40 19.10 -12.73
CA VAL D 746 29.23 20.10 -12.07
C VAL D 746 29.88 19.45 -10.86
N PRO D 747 31.21 19.44 -10.76
CA PRO D 747 31.87 18.88 -9.58
C PRO D 747 31.79 19.83 -8.39
N LEU D 748 31.99 19.26 -7.21
CA LEU D 748 31.96 20.01 -5.96
C LEU D 748 32.99 19.39 -5.03
N LYS D 749 33.73 20.23 -4.30
CA LYS D 749 34.89 19.72 -3.55
C LYS D 749 34.57 19.46 -2.08
N ASP D 750 33.73 20.28 -1.46
CA ASP D 750 33.47 20.08 -0.04
C ASP D 750 32.02 20.28 0.37
N GLU D 751 31.77 20.17 1.68
CA GLU D 751 30.41 20.06 2.20
C GLU D 751 29.65 21.38 2.13
N GLU D 752 30.32 22.50 2.45
CA GLU D 752 29.64 23.78 2.43
C GLU D 752 29.30 24.24 1.02
N GLN D 753 30.05 23.81 0.01
CA GLN D 753 29.68 24.07 -1.38
C GLN D 753 28.51 23.22 -1.85
N TYR D 754 28.16 22.16 -1.14
CA TYR D 754 26.94 21.43 -1.46
C TYR D 754 25.71 22.24 -1.11
N LEU D 755 25.83 23.18 -0.18
CA LEU D 755 24.71 24.00 0.22
C LEU D 755 24.54 25.19 -0.72
N SER D 756 25.61 25.97 -0.92
CA SER D 756 25.52 27.23 -1.62
C SER D 756 25.24 27.07 -3.11
N ALA D 757 25.58 25.93 -3.71
CA ALA D 757 25.17 25.69 -5.08
C ALA D 757 23.70 25.31 -5.18
N LEU D 758 23.09 24.88 -4.07
CA LEU D 758 21.65 24.70 -4.00
C LEU D 758 20.94 25.87 -3.32
N GLN D 759 21.64 26.66 -2.50
CA GLN D 759 21.09 27.92 -2.05
C GLN D 759 20.83 28.87 -3.21
N ARG D 760 21.75 28.89 -4.18
CA ARG D 760 21.55 29.69 -5.38
C ARG D 760 20.58 29.05 -6.36
N GLY D 761 20.23 27.79 -6.15
CA GLY D 761 19.33 27.09 -7.04
C GLY D 761 20.02 26.77 -8.35
N PRO D 762 19.23 26.51 -9.40
CA PRO D 762 19.85 26.29 -10.73
C PRO D 762 20.49 27.53 -11.28
N ASN D 763 19.93 28.71 -11.00
CA ASN D 763 20.49 29.97 -11.47
C ASN D 763 21.60 30.42 -10.53
N ALA D 764 22.14 31.61 -10.83
CA ALA D 764 23.31 32.21 -10.15
C ALA D 764 24.51 31.27 -10.15
N GLY D 765 24.67 30.48 -11.21
CA GLY D 765 25.78 29.55 -11.32
C GLY D 765 25.60 28.23 -10.59
N GLY D 766 24.63 28.12 -9.70
CA GLY D 766 24.47 26.92 -8.90
C GLY D 766 23.91 25.74 -9.68
N VAL D 767 23.63 24.67 -8.95
CA VAL D 767 23.09 23.44 -9.52
C VAL D 767 21.67 23.24 -9.05
N ALA D 768 20.95 22.36 -9.74
CA ALA D 768 19.55 22.12 -9.42
C ALA D 768 19.40 21.00 -8.40
N ALA D 769 20.11 19.89 -8.60
CA ALA D 769 19.93 18.72 -7.76
C ALA D 769 21.21 17.90 -7.77
N ILE D 770 21.75 17.65 -6.58
CA ILE D 770 23.00 16.93 -6.41
C ILE D 770 22.69 15.44 -6.32
N VAL D 771 23.36 14.64 -7.14
CA VAL D 771 23.23 13.19 -7.07
C VAL D 771 24.41 12.65 -6.28
N ASP D 772 24.17 12.30 -5.03
CA ASP D 772 25.18 11.67 -4.18
C ASP D 772 24.61 10.40 -3.58
N GLU D 773 25.48 9.65 -2.91
CA GLU D 773 25.12 8.36 -2.35
C GLU D 773 24.23 8.54 -1.12
N LEU D 774 23.49 7.47 -0.79
CA LEU D 774 22.59 7.49 0.36
C LEU D 774 23.25 7.85 1.69
N PRO D 775 24.37 7.19 2.15
CA PRO D 775 24.81 7.46 3.53
C PRO D 775 25.49 8.80 3.70
N TYR D 776 25.81 9.47 2.61
CA TYR D 776 26.28 10.84 2.67
C TYR D 776 25.16 11.83 2.91
N ILE D 777 24.00 11.59 2.28
CA ILE D 777 22.88 12.53 2.35
C ILE D 777 22.28 12.53 3.75
N GLU D 778 22.26 11.37 4.40
CA GLU D 778 21.76 11.28 5.77
C GLU D 778 22.64 12.06 6.74
N VAL D 779 23.94 12.17 6.45
CA VAL D 779 24.81 13.05 7.22
C VAL D 779 24.45 14.50 6.98
N LEU D 780 24.27 14.89 5.72
CA LEU D 780 24.14 16.30 5.39
C LEU D 780 22.75 16.85 5.75
N LEU D 781 21.70 16.04 5.54
CA LEU D 781 20.36 16.46 5.95
C LEU D 781 20.21 16.49 7.47
N THR D 782 21.03 15.72 8.20
CA THR D 782 21.09 15.89 9.64
C THR D 782 21.74 17.23 9.98
N ASN D 783 22.74 17.63 9.20
CA ASN D 783 23.50 18.84 9.48
C ASN D 783 22.67 20.10 9.24
N SER D 784 21.75 20.07 8.29
CA SER D 784 20.99 21.25 7.91
C SER D 784 19.56 21.17 8.44
N ASN D 785 18.76 22.17 8.07
CA ASN D 785 17.32 22.09 8.26
C ASN D 785 16.72 21.27 7.13
N CYS D 786 15.48 20.83 7.33
CA CYS D 786 14.78 20.06 6.30
C CYS D 786 14.17 20.98 5.23
N LYS D 787 15.07 21.68 4.54
CA LYS D 787 14.77 22.43 3.33
C LYS D 787 15.17 21.66 2.08
N PHE D 788 15.84 20.53 2.23
CA PHE D 788 16.41 19.77 1.13
C PHE D 788 15.91 18.34 1.22
N ARG D 789 15.50 17.78 0.09
CA ARG D 789 14.76 16.52 0.09
C ARG D 789 15.37 15.52 -0.87
N THR D 790 15.25 14.24 -0.51
CA THR D 790 15.50 13.13 -1.42
C THR D 790 14.25 12.93 -2.27
N VAL D 791 14.32 13.33 -3.54
CA VAL D 791 13.12 13.40 -4.38
C VAL D 791 12.52 12.05 -4.74
N GLY D 792 13.25 10.98 -4.55
CA GLY D 792 12.77 9.65 -4.87
C GLY D 792 13.44 8.63 -3.99
N GLN D 793 13.73 7.47 -4.56
CA GLN D 793 14.37 6.38 -3.85
C GLN D 793 15.71 6.08 -4.49
N GLU D 794 16.33 5.00 -4.01
CA GLU D 794 17.65 4.58 -4.48
C GLU D 794 17.51 3.96 -5.86
N PHE D 795 17.93 4.68 -6.89
CA PHE D 795 17.83 4.18 -8.26
C PHE D 795 19.02 3.30 -8.64
N THR D 796 20.07 3.28 -7.83
CA THR D 796 21.17 2.35 -8.05
C THR D 796 21.71 1.99 -6.67
N ARG D 797 21.36 0.81 -6.18
CA ARG D 797 21.68 0.38 -4.82
C ARG D 797 22.62 -0.80 -4.88
N THR D 798 23.89 -0.59 -4.52
CA THR D 798 24.87 -1.68 -4.47
C THR D 798 25.48 -1.89 -3.09
N GLY D 799 26.00 -0.85 -2.45
CA GLY D 799 26.69 -0.99 -1.18
C GLY D 799 28.20 -0.88 -1.35
N TRP D 800 28.85 -0.64 -0.21
CA TRP D 800 30.30 -0.44 -0.17
C TRP D 800 31.02 -1.78 -0.10
N GLY D 801 32.30 -1.72 0.20
CA GLY D 801 33.10 -2.92 0.33
C GLY D 801 34.57 -2.57 0.42
N PHE D 802 35.35 -3.56 0.81
CA PHE D 802 36.80 -3.42 0.87
C PHE D 802 37.42 -4.14 -0.32
N ALA D 803 38.44 -3.54 -0.91
CA ALA D 803 39.00 -4.03 -2.16
C ALA D 803 40.41 -4.55 -1.91
N PHE D 804 40.51 -5.85 -1.73
CA PHE D 804 41.81 -6.52 -1.74
C PHE D 804 42.30 -6.64 -3.18
N GLN D 805 43.58 -7.00 -3.31
CA GLN D 805 44.14 -7.31 -4.61
C GLN D 805 43.52 -8.61 -5.11
N ARG D 806 43.42 -8.73 -6.43
CA ARG D 806 42.69 -9.82 -7.06
C ARG D 806 43.37 -11.16 -6.80
N ASP D 807 42.56 -12.15 -6.40
CA ASP D 807 42.97 -13.52 -6.08
C ASP D 807 43.98 -13.55 -4.94
N SER D 808 43.63 -12.82 -3.88
CA SER D 808 44.35 -12.88 -2.63
C SER D 808 43.48 -13.61 -1.61
N PRO D 809 44.04 -14.61 -0.90
CA PRO D 809 43.24 -15.35 0.08
C PRO D 809 42.87 -14.55 1.31
N LEU D 810 43.51 -13.40 1.54
CA LEU D 810 43.16 -12.55 2.66
C LEU D 810 41.80 -11.89 2.48
N ALA D 811 41.27 -11.86 1.25
CA ALA D 811 39.92 -11.35 1.05
C ALA D 811 38.88 -12.32 1.59
N VAL D 812 39.20 -13.61 1.57
CA VAL D 812 38.19 -14.64 1.81
C VAL D 812 37.80 -14.68 3.28
N ASP D 813 38.77 -14.74 4.18
CA ASP D 813 38.46 -14.78 5.60
C ASP D 813 37.98 -13.43 6.10
N MET D 814 38.48 -12.34 5.52
CA MET D 814 37.95 -11.02 5.86
C MET D 814 36.54 -10.84 5.35
N SER D 815 36.15 -11.58 4.31
CA SER D 815 34.75 -11.58 3.90
C SER D 815 33.86 -12.24 4.95
N THR D 816 34.28 -13.40 5.44
CA THR D 816 33.46 -14.15 6.39
C THR D 816 33.47 -13.47 7.77
N ALA D 817 34.57 -12.76 8.08
CA ALA D 817 34.64 -12.02 9.33
C ALA D 817 33.63 -10.88 9.36
N ILE D 818 33.33 -10.29 8.20
CA ILE D 818 32.28 -9.29 8.13
C ILE D 818 30.91 -9.93 8.39
N LEU D 819 30.71 -11.13 7.85
CA LEU D 819 29.45 -11.84 8.08
C LEU D 819 29.27 -12.23 9.53
N GLN D 820 30.35 -12.67 10.18
CA GLN D 820 30.25 -13.05 11.59
C GLN D 820 30.07 -11.83 12.47
N LEU D 821 30.67 -10.71 12.10
CA LEU D 821 30.59 -9.52 12.95
C LEU D 821 29.26 -8.81 12.76
N SER D 822 28.69 -8.88 11.56
CA SER D 822 27.40 -8.23 11.32
C SER D 822 26.27 -8.97 12.00
N GLU D 823 26.28 -10.31 11.92
CA GLU D 823 25.22 -11.10 12.54
C GLU D 823 25.34 -11.09 14.06
N GLU D 824 26.53 -10.83 14.58
CA GLU D 824 26.66 -10.60 16.01
C GLU D 824 25.98 -9.31 16.43
N GLY D 825 25.96 -8.30 15.57
CA GLY D 825 25.41 -7.01 15.91
C GLY D 825 26.44 -5.99 16.36
N GLU D 826 27.65 -6.03 15.81
CA GLU D 826 28.71 -5.11 16.22
C GLU D 826 28.85 -3.92 15.28
N LEU D 827 28.61 -4.12 13.98
CA LEU D 827 28.67 -3.03 13.00
C LEU D 827 27.68 -1.93 13.34
N GLU D 828 26.51 -2.29 13.87
CA GLU D 828 25.57 -1.28 14.31
C GLU D 828 26.06 -0.56 15.56
N LYS D 829 26.76 -1.25 16.46
CA LYS D 829 27.31 -0.59 17.63
C LYS D 829 28.46 0.33 17.24
N ILE D 830 29.25 -0.09 16.25
CA ILE D 830 30.22 0.82 15.63
C ILE D 830 29.50 1.96 14.92
N HIS D 831 28.35 1.69 14.31
CA HIS D 831 27.58 2.72 13.63
C HIS D 831 27.05 3.77 14.59
N ARG D 832 26.50 3.36 15.74
CA ARG D 832 26.05 4.34 16.73
C ARG D 832 27.20 5.11 17.36
N LYS D 833 28.42 4.56 17.32
CA LYS D 833 29.56 5.29 17.88
C LYS D 833 29.89 6.52 17.03
N TRP D 834 29.65 6.45 15.73
CA TRP D 834 29.95 7.56 14.84
C TRP D 834 28.70 8.17 14.23
N LEU D 835 27.89 7.37 13.52
CA LEU D 835 26.67 7.87 12.90
C LEU D 835 25.46 7.37 13.68
N ASN D 836 25.13 8.08 14.77
CA ASN D 836 23.82 7.97 15.39
C ASN D 836 22.94 9.14 15.02
N TYR D 837 23.12 9.63 13.79
CA TYR D 837 22.61 10.93 13.35
C TYR D 837 21.35 10.72 12.53
N LYS D 838 20.19 10.86 13.19
CA LYS D 838 18.89 10.66 12.58
C LYS D 838 18.04 11.92 12.75
N HIS D 839 18.67 13.05 13.08
CA HIS D 839 17.98 14.28 13.43
C HIS D 839 17.37 14.88 12.18
N GLU D 840 16.14 14.47 11.88
CA GLU D 840 15.45 14.87 10.66
C GLU D 840 14.05 15.37 11.00
N CYS D 841 13.80 16.66 10.77
CA CYS D 841 12.45 17.18 10.75
C CYS D 841 11.76 16.78 9.45
N SER D 842 10.43 16.66 9.51
CA SER D 842 9.58 16.21 8.40
C SER D 842 9.99 14.85 7.83
N LEU D 853 -2.37 22.66 5.94
CA LEU D 853 -2.87 21.58 5.08
C LEU D 853 -2.97 22.04 3.64
N SER D 854 -4.19 22.20 3.14
CA SER D 854 -4.44 22.65 1.78
C SER D 854 -5.21 23.97 1.82
N LEU D 855 -4.86 24.85 0.89
CA LEU D 855 -5.36 26.21 0.87
C LEU D 855 -5.50 26.63 -0.59
N LYS D 856 -5.60 27.93 -0.84
CA LYS D 856 -5.73 28.41 -2.21
C LYS D 856 -5.09 29.78 -2.36
N SER D 857 -4.25 29.92 -3.39
CA SER D 857 -3.66 31.20 -3.75
C SER D 857 -3.40 31.22 -5.24
N PHE D 858 -3.95 32.23 -5.93
CA PHE D 858 -3.76 32.40 -7.35
C PHE D 858 -4.03 33.86 -7.69
N TRP D 859 -3.81 34.21 -8.96
CA TRP D 859 -3.97 35.60 -9.40
C TRP D 859 -4.68 35.76 -10.74
N GLY D 860 -5.13 34.67 -11.38
CA GLY D 860 -5.54 34.78 -12.78
C GLY D 860 -6.88 35.43 -12.98
N LEU D 861 -7.87 35.04 -12.18
CA LEU D 861 -9.22 35.55 -12.39
C LEU D 861 -9.35 36.99 -11.94
N PHE D 862 -8.51 37.41 -10.99
CA PHE D 862 -8.53 38.80 -10.54
C PHE D 862 -7.82 39.73 -11.50
N LEU D 863 -7.08 39.20 -12.46
CA LEU D 863 -6.63 40.01 -13.59
C LEU D 863 -7.79 40.33 -14.52
N ILE D 864 -8.71 39.39 -14.68
CA ILE D 864 -9.92 39.64 -15.44
C ILE D 864 -10.81 40.62 -14.69
N CYS D 865 -10.72 40.64 -13.35
CA CYS D 865 -11.34 41.70 -12.57
C CYS D 865 -10.70 43.06 -12.85
N GLY D 866 -9.44 43.08 -13.27
CA GLY D 866 -8.78 44.32 -13.61
C GLY D 866 -8.98 44.76 -15.04
N ILE D 867 -9.12 43.80 -15.97
CA ILE D 867 -9.27 44.12 -17.38
C ILE D 867 -10.63 44.75 -17.66
N THR D 868 -11.70 44.10 -17.18
CA THR D 868 -13.04 44.51 -17.57
C THR D 868 -13.48 45.79 -16.86
N CYS D 869 -13.02 45.99 -15.63
CA CYS D 869 -13.51 47.12 -14.85
C CYS D 869 -12.90 48.44 -15.31
N PHE D 870 -11.59 48.46 -15.58
CA PHE D 870 -10.96 49.70 -16.04
C PHE D 870 -11.32 50.00 -17.49
N MET D 871 -11.79 49.00 -18.23
CA MET D 871 -12.35 49.25 -19.55
C MET D 871 -13.63 50.08 -19.47
N ALA D 872 -14.42 49.87 -18.42
CA ALA D 872 -15.67 50.59 -18.25
C ALA D 872 -15.47 52.04 -17.80
N LEU D 873 -14.33 52.35 -17.18
CA LEU D 873 -14.05 53.73 -16.82
C LEU D 873 -13.82 54.59 -18.05
N THR D 874 -13.23 54.00 -19.11
CA THR D 874 -12.99 54.75 -20.34
C THR D 874 -14.30 55.12 -21.01
N VAL D 875 -15.27 54.20 -21.03
CA VAL D 875 -16.56 54.48 -21.65
C VAL D 875 -17.33 55.50 -20.82
N PHE D 876 -17.18 55.45 -19.49
CA PHE D 876 -17.73 56.50 -18.65
C PHE D 876 -16.99 57.82 -18.84
N PHE D 877 -15.68 57.75 -19.07
CA PHE D 877 -14.94 58.96 -19.41
C PHE D 877 -15.30 59.44 -20.81
N TRP D 878 -15.58 58.52 -21.73
CA TRP D 878 -16.01 58.91 -23.06
C TRP D 878 -17.43 59.45 -23.05
N ARG D 879 -18.25 59.04 -22.09
CA ARG D 879 -19.59 59.61 -21.96
C ARG D 879 -19.54 60.95 -21.23
N VAL D 880 -18.77 61.04 -20.16
CA VAL D 880 -18.58 62.29 -19.46
C VAL D 880 -17.60 63.17 -20.23
C1 NAG E . 9.65 -22.76 17.31
C2 NAG E . 10.58 -21.87 16.56
C3 NAG E . 11.96 -22.52 16.46
C4 NAG E . 12.40 -23.23 17.75
C5 NAG E . 11.30 -23.56 18.79
C6 NAG E . 11.75 -23.34 20.21
C7 NAG E . 10.11 -20.31 14.74
C8 NAG E . 9.53 -20.15 13.36
N2 NAG E . 10.06 -21.55 15.24
O3 NAG E . 12.92 -21.53 16.12
O4 NAG E . 12.92 -24.51 17.34
O5 NAG E . 10.07 -22.82 18.63
O6 NAG E . 12.13 -22.00 20.43
O7 NAG E . 10.62 -19.37 15.34
C1 NAG E . 14.26 -24.93 17.76
C2 NAG E . 15.34 -24.00 17.15
C3 NAG E . 16.73 -24.46 17.60
C4 NAG E . 16.80 -24.60 19.12
C5 NAG E . 15.68 -25.50 19.62
C6 NAG E . 15.64 -25.64 21.12
C7 NAG E . 15.52 -22.91 14.96
C8 NAG E . 15.37 -23.07 13.48
N2 NAG E . 15.24 -23.99 15.70
O3 NAG E . 17.71 -23.52 17.15
O4 NAG E . 18.05 -25.16 19.49
O5 NAG E . 14.41 -24.96 19.21
O6 NAG E . 16.30 -26.83 21.54
O7 NAG E . 15.87 -21.85 15.47
C1 NAG F . -8.91 -29.36 24.94
C2 NAG F . -10.33 -29.34 25.52
C3 NAG F . -10.44 -30.32 26.70
C4 NAG F . -9.97 -31.72 26.30
C5 NAG F . -8.57 -31.63 25.68
C6 NAG F . -8.10 -32.94 25.10
C7 NAG F . -11.91 -27.49 25.78
C8 NAG F . -12.11 -26.08 26.28
N2 NAG F . -10.68 -28.00 25.95
O3 NAG F . -11.80 -30.39 27.12
O4 NAG F . -9.91 -32.52 27.48
O5 NAG F . -8.56 -30.69 24.60
O6 NAG F . -9.16 -33.65 24.49
O7 NAG F . -12.82 -28.13 25.25
C1 NAG F . -10.74 -33.71 27.42
C2 NAG F . -10.25 -34.66 28.53
C3 NAG F . -11.41 -35.09 29.44
C4 NAG F . -12.60 -35.58 28.63
C5 NAG F . -12.92 -34.64 27.46
C6 NAG F . -14.37 -34.21 27.44
C7 NAG F . -8.35 -36.22 28.32
C8 NAG F . -7.63 -35.40 29.35
N2 NAG F . -9.58 -35.82 27.97
O3 NAG F . -11.81 -33.99 30.25
O4 NAG F . -12.34 -36.89 28.12
O5 NAG F . -12.13 -33.44 27.59
O6 NAG F . -15.24 -35.29 27.76
O7 NAG F . -7.83 -37.21 27.81
C1 NAG G . 25.90 -15.20 -5.47
C2 NAG G . 24.66 -15.81 -4.92
C3 NAG G . 24.92 -17.24 -4.42
C4 NAG G . 26.13 -17.94 -5.03
C5 NAG G . 26.85 -17.23 -6.20
C6 NAG G . 26.85 -18.04 -7.47
C7 NAG G . 22.87 -14.44 -3.98
C8 NAG G . 22.43 -13.60 -2.81
N2 NAG G . 24.08 -14.98 -3.88
O3 NAG G . 23.75 -18.04 -4.63
O4 NAG G . 27.10 -18.18 -4.01
O5 NAG G . 26.33 -15.94 -6.55
O6 NAG G . 25.65 -17.82 -8.19
O7 NAG G . 22.15 -14.62 -4.96
C1 NAG G . 27.54 -19.57 -3.88
C2 NAG G . 26.40 -20.45 -3.32
C3 NAG G . 26.87 -21.90 -3.20
C4 NAG G . 27.44 -22.41 -4.52
C5 NAG G . 28.53 -21.46 -5.01
C6 NAG G . 29.11 -21.85 -6.35
C7 NAG G . 24.69 -19.66 -1.76
C8 NAG G . 24.40 -19.15 -0.39
N2 NAG G . 25.96 -19.96 -2.03
O3 NAG G . 25.79 -22.72 -2.77
O4 NAG G . 27.97 -23.71 -4.37
O5 NAG G . 28.01 -20.13 -5.14
O6 NAG G . 30.46 -22.23 -6.26
O7 NAG G . 23.80 -19.79 -2.61
C1 NAG H . 36.43 0.60 -15.73
C2 NAG H . 36.61 1.74 -16.72
C3 NAG H . 37.82 1.50 -17.60
C4 NAG H . 39.07 1.22 -16.78
C5 NAG H . 38.78 0.08 -15.80
C6 NAG H . 39.90 -0.18 -14.81
C7 NAG H . 34.96 3.06 -17.98
C8 NAG H . 33.71 3.02 -18.80
N2 NAG H . 35.40 1.88 -17.53
O3 NAG H . 38.05 2.66 -18.41
O4 NAG H . 40.13 0.85 -17.66
O5 NAG H . 37.64 0.41 -14.99
O6 NAG H . 40.53 1.02 -14.40
O7 NAG H . 35.56 4.11 -17.73
C1 NAG H . 41.30 1.71 -17.54
C2 NAG H . 42.48 0.94 -18.17
C3 NAG H . 43.24 1.82 -19.16
C4 NAG H . 43.53 3.21 -18.59
C5 NAG H . 42.28 3.82 -17.97
C6 NAG H . 41.93 5.17 -18.56
C7 NAG H . 43.56 -0.86 -16.86
C8 NAG H . 42.79 -1.84 -17.70
N2 NAG H . 43.37 0.44 -17.13
O3 NAG H . 42.49 1.92 -20.36
O4 NAG H . 44.55 3.12 -17.61
O5 NAG H . 41.14 2.97 -18.20
O6 NAG H . 43.09 5.99 -18.69
O7 NAG H . 44.33 -1.23 -15.98
N GLU I . 3.61 -12.12 25.87
CA GLU I . 4.97 -12.09 25.37
C GLU I . 5.54 -13.50 25.33
O GLU I . 5.20 -14.33 26.15
CB GLU I . 5.84 -11.16 26.23
CG GLU I . 7.26 -10.98 25.71
CD GLU I . 8.07 -10.01 26.55
OE1 GLU I . 7.55 -9.54 27.58
OE2 GLU I . 9.22 -9.70 26.17
OXT GLU I . 6.35 -13.84 24.47
N GLU J . -9.70 -28.26 10.24
CA GLU J . -10.89 -28.73 10.92
C GLU J . -10.51 -29.51 12.17
O GLU J . -11.25 -29.57 13.16
CB GLU J . -11.74 -29.59 9.97
CG GLU J . -13.08 -30.04 10.53
CD GLU J . -13.91 -30.80 9.52
OE1 GLU J . -15.04 -31.21 9.87
OE2 GLU J . -13.44 -30.99 8.38
OXT GLU J . -9.42 -30.08 12.25
N GLU K . 19.13 -11.98 -18.35
CA GLU K . 18.79 -13.13 -17.51
C GLU K . 20.05 -13.68 -16.86
O GLU K . 21.13 -13.60 -17.44
CB GLU K . 18.10 -14.21 -18.33
CG GLU K . 17.61 -15.40 -17.53
CD GLU K . 16.86 -16.42 -18.36
OE1 GLU K . 16.78 -16.24 -19.60
OE2 GLU K . 16.33 -17.40 -17.79
OXT GLU K . 20.03 -14.18 -15.74
N GLU L . 30.99 5.88 -3.04
CA GLU L . 31.76 6.80 -3.85
C GLU L . 32.85 6.06 -4.62
O GLU L . 33.28 6.46 -5.70
CB GLU L . 32.37 7.91 -2.97
CG GLU L . 33.09 9.01 -3.72
CD GLU L . 33.59 10.11 -2.81
OE1 GLU L . 34.20 11.08 -3.32
OE2 GLU L . 33.38 10.01 -1.58
OXT GLU L . 33.30 5.00 -4.18
#